data_2E82
#
_entry.id   2E82
#
_cell.length_a   150.015
_cell.length_b   181.886
_cell.length_c   50.916
_cell.angle_alpha   90.00
_cell.angle_beta   90.00
_cell.angle_gamma   90.00
#
_symmetry.space_group_name_H-M   'P 21 21 2'
#
loop_
_entity.id
_entity.type
_entity.pdbx_description
1 polymer 'D-amino-acid oxidase'
2 non-polymer 'FLAVIN-ADENINE DINUCLEOTIDE'
3 non-polymer '(2E)-3-(3,4-DIHYDROXYPHENYL)-2-IMINOPROPANOIC ACID'
4 water water
#
_entity_poly.entity_id   1
_entity_poly.type   'polypeptide(L)'
_entity_poly.pdbx_seq_one_letter_code
;MRVVVIGAGVIGLSTALCIHERYHSVLQPLDIKVYADRFTPLTTTDVAAGLWQPYLSDPNNPQEADWSQQTFDYLLSHVH
SPNAENLGLFLISGYNLFHEAIPDPSWKDTVLGFRKLTPRELDMFPDYGYGWFHTSLILEGKNYLQWLTERLTERGVKFF
QRKVESFEEVAREGADVIVNCTGVWAGALQRDPLLQPGRGQIMKVDAPWMKHFILTHDPERGIYNSPYIIPGTQTVTLGG
IFQLGNWSELNNIQDHNTIWEGCCRLEPTLKNARIIGERTGFRPVRPQIRLEREQLRTGPSNTEVIHNYGHGGYGLTIHW
GCALEAAKLFGRILEEKKLSRMPPSHL
;
_entity_poly.pdbx_strand_id   A,B,C,D
#
loop_
_chem_comp.id
_chem_comp.type
_chem_comp.name
_chem_comp.formula
FAD non-polymer 'FLAVIN-ADENINE DINUCLEOTIDE' 'C27 H33 N9 O15 P2'
IM3 non-polymer '(2E)-3-(3,4-DIHYDROXYPHENYL)-2-IMINOPROPANOIC ACID' 'C9 H9 N O4'
#
# COMPACT_ATOMS: atom_id res chain seq x y z
N MET A 1 1.89 46.81 -12.42
CA MET A 1 2.81 45.74 -12.93
C MET A 1 2.07 44.42 -13.06
N ARG A 2 1.80 44.02 -14.30
CA ARG A 2 1.14 42.75 -14.57
C ARG A 2 2.16 41.79 -15.16
N VAL A 3 2.47 40.75 -14.39
CA VAL A 3 3.38 39.67 -14.83
C VAL A 3 2.61 38.45 -15.25
N VAL A 4 3.03 37.85 -16.37
CA VAL A 4 2.47 36.57 -16.86
C VAL A 4 3.57 35.49 -16.97
N VAL A 5 3.36 34.38 -16.27
CA VAL A 5 4.29 33.29 -16.36
C VAL A 5 3.63 32.23 -17.22
N ILE A 6 4.32 31.78 -18.28
CA ILE A 6 3.77 30.70 -19.12
C ILE A 6 4.49 29.42 -18.80
N GLY A 7 3.76 28.45 -18.29
CA GLY A 7 4.39 27.20 -17.85
C GLY A 7 4.05 26.83 -16.41
N ALA A 8 3.52 25.61 -16.25
CA ALA A 8 3.12 25.13 -14.93
C ALA A 8 3.96 23.96 -14.46
N GLY A 9 5.13 23.79 -15.06
CA GLY A 9 6.14 22.90 -14.51
C GLY A 9 6.89 23.52 -13.35
N VAL A 10 7.96 22.88 -12.95
CA VAL A 10 8.75 23.37 -11.82
C VAL A 10 9.31 24.75 -12.10
N ILE A 11 9.92 24.89 -13.28
CA ILE A 11 10.50 26.15 -13.68
C ILE A 11 9.45 27.26 -13.62
N GLY A 12 8.30 27.05 -14.25
CA GLY A 12 7.23 28.03 -14.22
C GLY A 12 6.75 28.42 -12.84
N LEU A 13 6.41 27.43 -12.03
CA LEU A 13 5.79 27.70 -10.73
C LEU A 13 6.84 28.14 -9.75
N SER A 14 8.04 27.58 -9.82
CA SER A 14 9.10 28.03 -8.92
C SER A 14 9.53 29.48 -9.19
N THR A 15 9.65 29.84 -10.46
CA THR A 15 10.02 31.19 -10.85
C THR A 15 8.89 32.13 -10.43
N ALA A 16 7.65 31.76 -10.75
CA ALA A 16 6.51 32.48 -10.20
C ALA A 16 6.65 32.77 -8.69
N LEU A 17 7.16 31.79 -7.92
CA LEU A 17 7.24 31.94 -6.47
C LEU A 17 8.27 32.96 -5.98
N CYS A 18 9.46 32.92 -6.57
CA CYS A 18 10.56 33.78 -6.16
C CYS A 18 10.31 35.22 -6.47
N ILE A 19 9.65 35.45 -7.61
CA ILE A 19 9.34 36.81 -8.04
C ILE A 19 8.29 37.38 -7.09
N HIS A 20 7.31 36.56 -6.71
CA HIS A 20 6.35 37.02 -5.73
C HIS A 20 7.02 37.39 -4.44
N GLU A 21 7.52 36.38 -3.73
CA GLU A 21 8.07 36.61 -2.41
C GLU A 21 9.12 37.74 -2.36
N ARG A 22 9.98 37.82 -3.37
CA ARG A 22 11.04 38.85 -3.41
C ARG A 22 10.54 40.29 -3.73
N TYR A 23 9.32 40.42 -4.23
CA TYR A 23 8.89 41.70 -4.77
C TYR A 23 7.46 42.13 -4.46
N HIS A 24 6.66 41.23 -3.85
CA HIS A 24 5.25 41.51 -3.56
C HIS A 24 5.03 42.71 -2.63
N SER A 25 6.05 43.01 -1.84
CA SER A 25 6.04 44.10 -0.86
C SER A 25 6.61 45.43 -1.39
N VAL A 26 7.48 45.36 -2.38
CA VAL A 26 8.08 46.59 -2.95
C VAL A 26 7.25 47.12 -4.10
N LEU A 27 6.36 46.29 -4.63
CA LEU A 27 5.47 46.71 -5.69
C LEU A 27 4.06 46.54 -5.22
N GLN A 28 3.49 47.62 -4.68
CA GLN A 28 2.08 47.62 -4.25
C GLN A 28 1.13 47.04 -5.31
N PRO A 29 1.35 47.36 -6.61
CA PRO A 29 0.45 46.75 -7.58
C PRO A 29 1.12 45.61 -8.37
N LEU A 30 1.34 44.45 -7.73
CA LEU A 30 2.01 43.31 -8.39
C LEU A 30 1.08 42.14 -8.67
N ASP A 31 0.49 42.10 -9.86
CA ASP A 31 -0.42 41.03 -10.25
C ASP A 31 0.27 39.94 -11.08
N ILE A 32 0.34 38.72 -10.54
CA ILE A 32 1.05 37.61 -11.21
C ILE A 32 0.09 36.51 -11.66
N LYS A 33 0.07 36.26 -12.96
CA LYS A 33 -0.77 35.20 -13.51
C LYS A 33 0.04 34.04 -14.10
N VAL A 34 -0.43 32.82 -13.86
CA VAL A 34 0.17 31.66 -14.52
C VAL A 34 -0.72 31.15 -15.62
N TYR A 35 -0.19 31.19 -16.84
CA TYR A 35 -0.86 30.63 -18.02
C TYR A 35 -0.14 29.38 -18.39
N ALA A 36 -0.89 28.28 -18.47
CA ALA A 36 -0.31 26.99 -18.79
C ALA A 36 -1.27 26.19 -19.66
N ASP A 37 -0.71 25.40 -20.58
CA ASP A 37 -1.54 24.53 -21.42
C ASP A 37 -1.81 23.23 -20.66
N ARG A 38 -0.87 22.84 -19.83
CA ARG A 38 -0.99 21.62 -19.04
C ARG A 38 -0.64 21.86 -17.57
N PHE A 39 -1.24 21.11 -16.65
CA PHE A 39 -1.01 21.32 -15.22
C PHE A 39 -0.62 20.06 -14.44
N THR A 40 -0.52 20.23 -13.12
CA THR A 40 0.07 19.29 -12.14
C THR A 40 0.26 17.84 -12.47
N PRO A 41 -0.78 17.17 -13.03
CA PRO A 41 -0.60 15.78 -13.48
C PRO A 41 0.13 15.56 -14.81
N LEU A 42 -0.03 16.46 -15.77
CA LEU A 42 0.40 16.17 -17.15
C LEU A 42 1.63 16.93 -17.70
N THR A 43 2.53 17.35 -16.84
CA THR A 43 3.74 18.04 -17.32
C THR A 43 4.94 17.13 -17.29
N THR A 44 6.00 17.51 -18.01
CA THR A 44 7.24 16.74 -17.97
C THR A 44 7.79 16.56 -16.55
N THR A 45 7.62 17.62 -15.73
CA THR A 45 8.04 17.68 -14.34
C THR A 45 7.40 16.55 -13.54
N ASP A 46 6.43 15.85 -14.10
CA ASP A 46 5.74 14.76 -13.39
C ASP A 46 6.27 13.39 -13.71
N VAL A 47 6.88 13.27 -14.88
CA VAL A 47 7.51 12.06 -15.35
C VAL A 47 8.82 11.90 -14.60
N ALA A 48 9.39 13.00 -14.16
CA ALA A 48 10.74 12.98 -13.55
C ALA A 48 10.73 12.34 -12.18
N ALA A 49 11.78 11.55 -11.88
CA ALA A 49 11.94 11.00 -10.53
C ALA A 49 12.32 12.13 -9.58
N GLY A 50 13.10 13.06 -10.10
CA GLY A 50 13.48 14.21 -9.33
C GLY A 50 14.71 13.95 -8.49
N LEU A 51 15.61 13.12 -9.01
CA LEU A 51 16.90 12.88 -8.38
C LEU A 51 17.84 14.04 -8.65
N TRP A 52 18.33 14.67 -7.59
CA TRP A 52 19.34 15.71 -7.71
C TRP A 52 20.67 15.14 -8.19
N GLN A 53 21.02 15.47 -9.44
CA GLN A 53 22.34 15.20 -10.02
C GLN A 53 22.49 15.94 -11.35
N PRO A 54 23.28 17.05 -11.36
CA PRO A 54 23.60 17.73 -12.61
C PRO A 54 24.56 16.88 -13.43
N TYR A 55 24.96 17.37 -14.59
CA TYR A 55 25.95 16.67 -15.42
C TYR A 55 27.27 16.44 -14.67
N LEU A 56 27.98 15.39 -15.05
CA LEU A 56 29.32 15.11 -14.49
C LEU A 56 30.30 16.26 -14.80
N SER A 57 30.62 16.37 -16.09
CA SER A 57 31.55 17.38 -16.57
C SER A 57 30.82 18.70 -16.77
N ASP A 58 31.48 19.77 -16.35
CA ASP A 58 30.99 21.15 -16.48
C ASP A 58 30.50 21.50 -17.88
N PRO A 59 29.17 21.66 -18.05
CA PRO A 59 28.62 21.98 -19.38
C PRO A 59 28.79 23.46 -19.74
N ASN A 60 28.50 23.78 -21.00
CA ASN A 60 28.59 25.13 -21.58
C ASN A 60 28.95 26.20 -20.56
N ASN A 61 28.01 26.46 -19.67
CA ASN A 61 28.07 27.54 -18.69
C ASN A 61 28.36 26.96 -17.28
N PRO A 62 29.43 27.48 -16.61
CA PRO A 62 29.78 27.10 -15.23
C PRO A 62 28.89 27.78 -14.19
N GLN A 63 28.11 28.78 -14.63
CA GLN A 63 27.13 29.44 -13.78
C GLN A 63 26.06 28.41 -13.38
N GLU A 64 25.88 27.40 -14.22
CA GLU A 64 24.94 26.34 -13.93
C GLU A 64 25.30 25.58 -12.64
N ALA A 65 26.59 25.30 -12.47
CA ALA A 65 27.08 24.62 -11.26
C ALA A 65 26.62 25.29 -9.98
N ASP A 66 26.63 26.62 -9.99
CA ASP A 66 26.12 27.42 -8.86
C ASP A 66 24.64 27.20 -8.58
N TRP A 67 23.85 27.20 -9.65
CA TRP A 67 22.40 27.10 -9.54
C TRP A 67 22.00 25.76 -8.95
N SER A 68 22.76 24.71 -9.28
CA SER A 68 22.58 23.39 -8.64
C SER A 68 22.90 23.46 -7.16
N GLN A 69 24.13 23.87 -6.85
CA GLN A 69 24.60 24.13 -5.49
C GLN A 69 23.55 24.91 -4.71
N GLN A 70 23.08 26.01 -5.29
CA GLN A 70 22.03 26.80 -4.67
C GLN A 70 20.80 25.97 -4.42
N THR A 71 20.35 25.24 -5.44
CA THR A 71 19.15 24.40 -5.31
C THR A 71 19.39 23.35 -4.22
N PHE A 72 20.52 22.66 -4.30
CA PHE A 72 20.87 21.71 -3.24
C PHE A 72 20.81 22.29 -1.83
N ASP A 73 21.61 23.32 -1.53
CA ASP A 73 21.64 23.85 -0.16
C ASP A 73 20.24 24.21 0.33
N TYR A 74 19.48 24.86 -0.55
CA TYR A 74 18.09 25.20 -0.27
C TYR A 74 17.31 23.97 0.19
N LEU A 75 17.28 22.96 -0.67
CA LEU A 75 16.48 21.79 -0.40
C LEU A 75 16.98 21.17 0.88
N LEU A 76 18.30 21.06 0.95
CA LEU A 76 18.96 20.47 2.10
C LEU A 76 18.55 21.19 3.39
N SER A 77 18.54 22.52 3.37
CA SER A 77 18.17 23.27 4.59
C SER A 77 16.71 23.02 5.02
N HIS A 78 16.00 22.16 4.29
CA HIS A 78 14.57 21.95 4.48
C HIS A 78 14.23 20.48 4.49
N VAL A 79 15.22 19.61 4.28
CA VAL A 79 15.02 18.18 4.35
C VAL A 79 14.33 17.76 5.67
N HIS A 80 14.66 18.45 6.76
CA HIS A 80 14.01 18.14 8.04
C HIS A 80 12.86 19.05 8.40
N SER A 81 12.55 20.03 7.57
CA SER A 81 11.42 20.91 7.85
C SER A 81 10.14 20.07 7.95
N PRO A 82 9.14 20.54 8.71
CA PRO A 82 7.93 19.70 8.92
C PRO A 82 7.06 19.52 7.66
N ASN A 83 7.27 20.37 6.65
CA ASN A 83 6.53 20.30 5.39
C ASN A 83 7.25 19.46 4.33
N ALA A 84 8.34 18.80 4.73
CA ALA A 84 9.17 18.08 3.79
C ALA A 84 8.37 17.10 2.96
N GLU A 85 7.37 16.48 3.60
CA GLU A 85 6.58 15.40 2.99
C GLU A 85 5.69 15.96 1.88
N ASN A 86 5.05 17.10 2.13
CA ASN A 86 4.29 17.80 1.10
C ASN A 86 5.19 18.20 -0.07
N LEU A 87 6.43 18.54 0.24
CA LEU A 87 7.37 18.94 -0.78
C LEU A 87 7.78 17.74 -1.59
N GLY A 88 7.67 16.57 -0.97
CA GLY A 88 8.10 15.32 -1.57
C GLY A 88 9.59 15.26 -1.61
N LEU A 89 10.22 15.85 -0.59
CA LEU A 89 11.68 15.98 -0.44
C LEU A 89 12.19 14.95 0.55
N PHE A 90 13.33 14.37 0.27
CA PHE A 90 13.90 13.39 1.18
C PHE A 90 15.27 13.00 0.69
N LEU A 91 16.05 12.41 1.59
CA LEU A 91 17.41 11.99 1.32
C LEU A 91 17.44 10.59 0.73
N ILE A 92 18.46 10.33 -0.08
CA ILE A 92 18.67 9.02 -0.68
C ILE A 92 20.13 8.95 -1.09
N SER A 93 20.76 7.83 -0.78
CA SER A 93 22.14 7.57 -1.17
C SER A 93 22.13 6.58 -2.30
N GLY A 94 23.25 6.33 -2.94
CA GLY A 94 23.23 5.38 -4.04
C GLY A 94 24.48 5.34 -4.86
N TYR A 95 24.38 4.63 -5.97
CA TYR A 95 25.54 4.27 -6.75
C TYR A 95 25.57 4.92 -8.15
N ASN A 96 26.76 5.38 -8.55
CA ASN A 96 27.08 5.70 -9.94
C ASN A 96 28.09 4.69 -10.50
N LEU A 97 27.69 3.91 -11.50
CA LEU A 97 28.53 2.80 -12.00
C LEU A 97 29.16 3.05 -13.36
N PHE A 98 30.46 2.77 -13.47
CA PHE A 98 31.25 3.05 -14.69
C PHE A 98 32.00 1.80 -15.18
N HIS A 99 32.64 1.92 -16.35
CA HIS A 99 33.41 0.82 -16.91
C HIS A 99 34.90 1.09 -16.80
N GLU A 100 35.24 2.36 -16.59
CA GLU A 100 36.62 2.83 -16.48
C GLU A 100 36.67 4.02 -15.52
N ALA A 101 37.77 4.15 -14.78
CA ALA A 101 38.02 5.31 -13.92
C ALA A 101 37.77 6.57 -14.71
N ILE A 102 37.16 7.55 -14.05
CA ILE A 102 36.74 8.81 -14.66
C ILE A 102 36.87 9.89 -13.58
N PRO A 103 37.23 11.11 -13.96
CA PRO A 103 37.41 12.14 -12.92
C PRO A 103 36.17 12.43 -12.05
N ASP A 104 36.42 12.70 -10.78
CA ASP A 104 35.40 13.14 -9.83
C ASP A 104 34.58 14.26 -10.45
N PRO A 105 33.29 14.36 -10.07
CA PRO A 105 32.47 15.37 -10.68
C PRO A 105 32.71 16.74 -10.06
N SER A 106 32.33 17.78 -10.77
CA SER A 106 32.38 19.15 -10.24
C SER A 106 31.57 19.31 -8.97
N TRP A 107 30.50 18.53 -8.83
CA TRP A 107 29.61 18.64 -7.66
C TRP A 107 29.97 17.77 -6.45
N LYS A 108 31.06 17.00 -6.54
CA LYS A 108 31.51 16.10 -5.47
C LYS A 108 31.36 16.69 -4.05
N ASP A 109 31.63 17.98 -3.90
CA ASP A 109 31.58 18.61 -2.59
C ASP A 109 30.24 19.30 -2.31
N THR A 110 29.31 19.18 -3.25
CA THR A 110 27.95 19.64 -3.03
C THR A 110 27.15 18.53 -2.34
N VAL A 111 27.24 17.31 -2.83
CA VAL A 111 26.50 16.22 -2.21
C VAL A 111 27.10 15.86 -0.83
N LEU A 112 26.36 15.04 -0.08
CA LEU A 112 26.80 14.56 1.21
C LEU A 112 27.64 13.29 1.04
N GLY A 113 28.77 13.24 1.76
CA GLY A 113 29.58 12.03 1.89
C GLY A 113 30.12 11.41 0.62
N PHE A 114 30.55 12.23 -0.33
CA PHE A 114 31.10 11.71 -1.57
C PHE A 114 32.35 10.82 -1.34
N ARG A 115 32.48 9.77 -2.16
CA ARG A 115 33.59 8.79 -2.07
C ARG A 115 33.55 7.81 -3.23
N LYS A 116 34.65 7.12 -3.49
CA LYS A 116 34.65 6.11 -4.55
C LYS A 116 34.01 4.86 -3.96
N LEU A 117 33.60 3.94 -4.85
CA LEU A 117 33.13 2.62 -4.44
C LEU A 117 34.28 1.72 -4.01
N THR A 118 34.03 0.81 -3.07
CA THR A 118 35.04 -0.12 -2.56
C THR A 118 34.80 -1.47 -3.19
N PRO A 119 35.87 -2.27 -3.38
CA PRO A 119 35.78 -3.55 -4.07
C PRO A 119 34.47 -4.29 -3.90
N ARG A 120 34.07 -4.53 -2.64
CA ARG A 120 32.92 -5.38 -2.30
C ARG A 120 31.61 -4.90 -2.88
N GLU A 121 31.45 -3.57 -2.93
CA GLU A 121 30.29 -2.94 -3.56
C GLU A 121 30.23 -3.28 -5.05
N LEU A 122 31.35 -3.07 -5.76
CA LEU A 122 31.44 -3.38 -7.19
C LEU A 122 31.12 -4.85 -7.52
N ASP A 123 31.14 -5.72 -6.52
CA ASP A 123 30.88 -7.14 -6.73
C ASP A 123 29.42 -7.43 -6.95
N MET A 124 28.57 -6.58 -6.39
CA MET A 124 27.12 -6.66 -6.54
C MET A 124 26.68 -6.29 -7.94
N PHE A 125 27.60 -5.67 -8.69
CA PHE A 125 27.36 -5.25 -10.06
C PHE A 125 28.45 -5.73 -11.06
N PRO A 126 28.39 -7.01 -11.48
CA PRO A 126 29.38 -7.63 -12.37
C PRO A 126 29.79 -6.78 -13.59
N ASP A 127 28.81 -6.23 -14.30
CA ASP A 127 29.04 -5.50 -15.56
C ASP A 127 29.80 -4.19 -15.40
N TYR A 128 30.10 -3.77 -14.18
CA TYR A 128 30.65 -2.44 -13.99
C TYR A 128 31.93 -2.61 -13.18
N GLY A 129 32.80 -1.61 -13.18
CA GLY A 129 34.15 -1.82 -12.66
C GLY A 129 34.74 -0.69 -11.87
N TYR A 130 34.10 0.48 -11.93
CA TYR A 130 34.53 1.61 -11.16
C TYR A 130 33.24 2.40 -10.81
N GLY A 131 33.28 3.27 -9.79
CA GLY A 131 32.11 4.07 -9.45
C GLY A 131 32.11 4.92 -8.18
N TRP A 132 31.05 5.68 -8.00
CA TRP A 132 30.93 6.56 -6.83
C TRP A 132 29.83 6.11 -5.87
N PHE A 133 29.73 6.81 -4.75
CA PHE A 133 28.66 6.64 -3.79
C PHE A 133 28.51 7.98 -3.11
N HIS A 134 27.28 8.36 -2.81
CA HIS A 134 27.04 9.60 -2.07
C HIS A 134 25.57 9.72 -1.70
N THR A 135 25.30 10.55 -0.72
CA THR A 135 23.94 10.87 -0.36
C THR A 135 23.48 12.10 -1.16
N SER A 136 22.26 12.03 -1.68
CA SER A 136 21.70 13.14 -2.43
C SER A 136 20.32 13.42 -1.89
N LEU A 137 19.54 14.16 -2.68
CA LEU A 137 18.15 14.46 -2.37
C LEU A 137 17.26 14.11 -3.58
N ILE A 138 15.99 13.84 -3.30
CA ILE A 138 14.97 13.66 -4.31
C ILE A 138 13.83 14.61 -4.03
N LEU A 139 13.41 15.32 -5.08
CA LEU A 139 12.22 16.17 -5.04
C LEU A 139 11.23 15.64 -6.07
N GLU A 140 10.23 14.89 -5.62
CA GLU A 140 9.27 14.33 -6.57
C GLU A 140 8.37 15.41 -7.23
N GLY A 141 8.36 15.43 -8.56
CA GLY A 141 7.60 16.40 -9.34
C GLY A 141 6.19 16.57 -8.82
N LYS A 142 5.44 15.47 -8.78
CA LYS A 142 4.07 15.46 -8.27
C LYS A 142 3.82 16.38 -7.07
N ASN A 143 4.38 16.03 -5.91
CA ASN A 143 4.12 16.77 -4.66
C ASN A 143 4.63 18.20 -4.68
N TYR A 144 5.76 18.39 -5.35
CA TYR A 144 6.38 19.68 -5.39
C TYR A 144 5.49 20.65 -6.16
N LEU A 145 5.12 20.25 -7.36
CA LEU A 145 4.16 21.01 -8.14
C LEU A 145 2.87 21.35 -7.38
N GLN A 146 2.33 20.36 -6.68
CA GLN A 146 1.13 20.53 -5.85
C GLN A 146 1.37 21.50 -4.70
N TRP A 147 2.51 21.37 -4.03
CA TRP A 147 2.90 22.33 -2.99
C TRP A 147 3.14 23.73 -3.55
N LEU A 148 3.83 23.85 -4.67
CA LEU A 148 4.01 25.17 -5.29
C LEU A 148 2.66 25.83 -5.55
N THR A 149 1.71 25.06 -6.05
CA THR A 149 0.41 25.57 -6.37
C THR A 149 -0.26 26.16 -5.13
N GLU A 150 -0.23 25.43 -4.01
CA GLU A 150 -0.85 25.88 -2.78
C GLU A 150 -0.23 27.17 -2.30
N ARG A 151 1.10 27.22 -2.26
CA ARG A 151 1.80 28.46 -1.90
C ARG A 151 1.33 29.59 -2.78
N LEU A 152 1.44 29.39 -4.10
CA LEU A 152 1.00 30.38 -5.08
C LEU A 152 -0.44 30.84 -4.91
N THR A 153 -1.35 29.95 -4.55
CA THR A 153 -2.78 30.30 -4.50
C THR A 153 -3.05 31.28 -3.36
N GLU A 154 -2.79 30.86 -2.11
CA GLU A 154 -2.81 31.80 -0.97
C GLU A 154 -1.99 33.07 -1.23
N ARG A 155 -1.13 33.03 -2.24
CA ARG A 155 -0.36 34.22 -2.65
C ARG A 155 -1.09 35.09 -3.66
N GLY A 156 -2.27 34.65 -4.08
CA GLY A 156 -3.11 35.47 -4.94
C GLY A 156 -2.94 35.19 -6.41
N VAL A 157 -1.78 34.63 -6.77
CA VAL A 157 -1.51 34.16 -8.13
C VAL A 157 -2.64 33.27 -8.71
N LYS A 158 -3.33 33.76 -9.73
CA LYS A 158 -4.41 33.03 -10.38
C LYS A 158 -3.86 32.16 -11.49
N PHE A 159 -4.45 30.97 -11.65
CA PHE A 159 -4.01 29.99 -12.64
C PHE A 159 -5.03 29.88 -13.78
N PHE A 160 -4.53 29.90 -15.02
CA PHE A 160 -5.41 29.76 -16.20
C PHE A 160 -4.91 28.71 -17.17
N GLN A 161 -5.81 27.84 -17.58
CA GLN A 161 -5.49 26.80 -18.51
C GLN A 161 -5.80 27.34 -19.88
N ARG A 162 -4.75 27.73 -20.61
CA ARG A 162 -4.86 28.21 -21.97
C ARG A 162 -3.55 27.98 -22.70
N LYS A 163 -3.63 27.96 -24.04
CA LYS A 163 -2.49 27.75 -24.90
C LYS A 163 -2.13 29.06 -25.57
N VAL A 164 -0.91 29.52 -25.38
CA VAL A 164 -0.45 30.79 -25.90
C VAL A 164 0.06 30.58 -27.32
N GLU A 165 -0.38 31.41 -28.27
CA GLU A 165 0.12 31.35 -29.64
C GLU A 165 1.39 32.18 -29.84
N SER A 166 1.47 33.31 -29.17
CA SER A 166 2.58 34.20 -29.36
C SER A 166 2.79 35.01 -28.10
N PHE A 167 4.01 35.50 -27.92
CA PHE A 167 4.27 36.47 -26.87
C PHE A 167 3.42 37.70 -27.11
N GLU A 168 3.23 38.05 -28.39
CA GLU A 168 2.46 39.24 -28.83
C GLU A 168 1.03 39.22 -28.26
N GLU A 169 0.34 38.09 -28.48
CA GLU A 169 -0.97 37.78 -27.89
C GLU A 169 -1.07 38.22 -26.43
N VAL A 170 -0.08 37.85 -25.63
CA VAL A 170 -0.09 38.13 -24.20
C VAL A 170 0.25 39.59 -23.93
N ALA A 171 1.33 40.06 -24.56
CA ALA A 171 1.73 41.45 -24.47
C ALA A 171 0.55 42.34 -24.84
N ARG A 172 -0.12 41.96 -25.94
CA ARG A 172 -1.27 42.67 -26.51
C ARG A 172 -2.40 42.84 -25.52
N GLU A 173 -2.47 41.96 -24.52
CA GLU A 173 -3.56 42.05 -23.56
C GLU A 173 -3.22 42.59 -22.14
N GLY A 174 -1.96 43.00 -21.93
CA GLY A 174 -1.64 43.86 -20.77
C GLY A 174 -0.34 43.63 -20.03
N ALA A 175 0.32 42.51 -20.34
CA ALA A 175 1.50 42.12 -19.60
C ALA A 175 2.65 43.08 -19.82
N ASP A 176 3.24 43.51 -18.72
CA ASP A 176 4.48 44.26 -18.77
C ASP A 176 5.65 43.31 -18.92
N VAL A 177 5.58 42.17 -18.22
CA VAL A 177 6.67 41.21 -18.16
C VAL A 177 6.12 39.82 -18.36
N ILE A 178 6.79 39.09 -19.26
CA ILE A 178 6.46 37.71 -19.58
C ILE A 178 7.60 36.77 -19.20
N VAL A 179 7.35 35.87 -18.25
CA VAL A 179 8.35 34.91 -17.86
C VAL A 179 8.09 33.65 -18.68
N ASN A 180 9.04 33.32 -19.55
CA ASN A 180 8.90 32.22 -20.51
C ASN A 180 9.45 30.84 -20.08
N CYS A 181 8.59 30.03 -19.46
CA CYS A 181 8.97 28.74 -18.91
C CYS A 181 8.25 27.62 -19.60
N THR A 182 8.36 27.58 -20.93
CA THR A 182 7.54 26.71 -21.77
C THR A 182 8.23 25.41 -22.09
N GLY A 183 9.30 25.12 -21.37
CA GLY A 183 10.04 23.88 -21.58
C GLY A 183 10.36 23.51 -23.02
N VAL A 184 10.30 22.22 -23.30
CA VAL A 184 10.66 21.68 -24.61
C VAL A 184 9.84 22.34 -25.74
N TRP A 185 8.71 22.93 -25.37
CA TRP A 185 7.74 23.47 -26.34
C TRP A 185 7.99 24.92 -26.67
N ALA A 186 9.06 25.48 -26.10
CA ALA A 186 9.38 26.89 -26.34
C ALA A 186 9.44 27.29 -27.81
N GLY A 187 9.92 26.37 -28.66
CA GLY A 187 10.03 26.59 -30.12
C GLY A 187 8.79 27.21 -30.75
N ALA A 188 7.61 26.72 -30.35
CA ALA A 188 6.32 27.26 -30.79
C ALA A 188 6.14 28.78 -30.66
N LEU A 189 6.72 29.42 -29.64
CA LEU A 189 6.54 30.88 -29.47
C LEU A 189 7.74 31.68 -29.97
N GLN A 190 8.87 31.02 -30.20
CA GLN A 190 10.03 31.67 -30.78
C GLN A 190 11.07 30.62 -31.10
N ARG A 191 11.21 30.37 -32.40
CA ARG A 191 12.24 29.49 -32.96
C ARG A 191 13.54 29.50 -32.17
N ASP A 192 14.02 28.29 -31.91
CA ASP A 192 15.25 28.05 -31.22
C ASP A 192 15.74 26.69 -31.69
N PRO A 193 16.71 26.70 -32.63
CA PRO A 193 17.24 25.47 -33.23
C PRO A 193 18.03 24.65 -32.22
N LEU A 194 18.27 25.20 -31.03
CA LEU A 194 19.13 24.53 -30.05
C LEU A 194 18.32 23.79 -28.98
N LEU A 195 17.01 23.84 -29.08
CA LEU A 195 16.14 23.20 -28.11
C LEU A 195 15.54 21.94 -28.75
N GLN A 196 15.94 20.78 -28.27
CA GLN A 196 15.42 19.53 -28.83
C GLN A 196 14.81 18.70 -27.72
N PRO A 197 13.83 17.84 -28.08
CA PRO A 197 13.34 16.86 -27.10
C PRO A 197 14.30 15.69 -26.94
N GLY A 198 14.68 15.43 -25.69
CA GLY A 198 15.44 14.22 -25.39
C GLY A 198 14.42 13.32 -24.79
N ARG A 199 13.75 12.56 -25.66
CA ARG A 199 12.66 11.72 -25.25
C ARG A 199 13.11 10.68 -24.25
N GLY A 200 12.33 10.51 -23.20
CA GLY A 200 12.63 9.46 -22.22
C GLY A 200 11.40 8.67 -21.90
N GLN A 201 11.61 7.46 -21.43
CA GLN A 201 10.48 6.64 -20.98
C GLN A 201 10.88 6.01 -19.67
N ILE A 202 9.96 6.01 -18.72
CA ILE A 202 10.26 5.40 -17.46
C ILE A 202 9.20 4.36 -17.05
N MET A 203 9.58 3.48 -16.13
CA MET A 203 8.66 2.49 -15.58
C MET A 203 8.58 2.68 -14.08
N LYS A 204 7.36 2.65 -13.57
CA LYS A 204 7.11 2.79 -12.14
C LYS A 204 6.79 1.42 -11.63
N VAL A 205 7.45 1.03 -10.54
CA VAL A 205 7.34 -0.35 -10.10
C VAL A 205 7.28 -0.41 -8.58
N ASP A 206 6.58 -1.40 -8.07
CA ASP A 206 6.51 -1.60 -6.62
C ASP A 206 7.66 -2.48 -6.10
N ALA A 207 8.65 -1.86 -5.48
CA ALA A 207 9.79 -2.61 -4.92
C ALA A 207 10.43 -1.88 -3.73
N PRO A 208 9.73 -1.83 -2.58
CA PRO A 208 10.14 -0.96 -1.49
C PRO A 208 11.41 -1.43 -0.75
N TRP A 209 11.87 -2.65 -1.00
CA TRP A 209 13.15 -3.07 -0.46
C TRP A 209 14.31 -2.32 -1.09
N MET A 210 14.06 -1.56 -2.15
CA MET A 210 15.15 -0.86 -2.81
C MET A 210 15.30 0.48 -2.14
N LYS A 211 16.41 0.67 -1.43
CA LYS A 211 16.59 1.86 -0.62
C LYS A 211 17.62 2.80 -1.21
N HIS A 212 18.41 2.33 -2.17
CA HIS A 212 19.44 3.15 -2.83
C HIS A 212 19.09 3.34 -4.30
N PHE A 213 19.45 4.50 -4.87
CA PHE A 213 19.51 4.71 -6.34
C PHE A 213 20.73 4.07 -7.00
N ILE A 214 20.62 3.68 -8.26
CA ILE A 214 21.73 3.03 -9.01
C ILE A 214 21.77 3.53 -10.47
N LEU A 215 22.69 4.44 -10.77
CA LEU A 215 22.80 5.01 -12.10
C LEU A 215 23.98 4.39 -12.87
N THR A 216 23.73 3.98 -14.11
CA THR A 216 24.81 3.44 -14.91
C THR A 216 25.22 4.42 -16.00
N HIS A 217 26.51 4.46 -16.29
CA HIS A 217 27.03 5.30 -17.36
C HIS A 217 27.72 4.45 -18.40
N ASP A 218 27.64 4.85 -19.65
CA ASP A 218 28.22 4.04 -20.67
C ASP A 218 28.32 4.82 -21.97
N PRO A 219 29.54 5.04 -22.47
CA PRO A 219 29.75 5.72 -23.76
C PRO A 219 29.11 5.04 -25.00
N GLU A 220 28.95 3.72 -24.99
CA GLU A 220 28.31 3.02 -26.14
C GLU A 220 26.87 3.47 -26.37
N ARG A 221 26.17 3.85 -25.28
CA ARG A 221 24.75 4.27 -25.30
C ARG A 221 24.49 5.77 -24.99
N GLY A 222 25.26 6.31 -24.06
CA GLY A 222 25.33 7.75 -23.90
C GLY A 222 24.45 8.27 -22.80
N ILE A 223 24.73 9.49 -22.38
CA ILE A 223 23.95 10.17 -21.37
C ILE A 223 22.46 9.79 -21.39
N TYR A 224 21.99 9.36 -20.21
CA TYR A 224 20.59 9.02 -19.91
C TYR A 224 20.07 7.84 -20.66
N ASN A 225 20.97 7.05 -21.24
CA ASN A 225 20.52 5.96 -22.11
C ASN A 225 20.95 4.57 -21.67
N SER A 226 21.41 4.45 -20.43
CA SER A 226 21.69 3.15 -19.84
C SER A 226 20.81 2.95 -18.60
N PRO A 227 20.65 1.69 -18.12
CA PRO A 227 19.64 1.43 -17.10
C PRO A 227 19.86 2.17 -15.79
N TYR A 228 18.81 2.79 -15.27
CA TYR A 228 18.88 3.38 -13.94
C TYR A 228 17.65 3.06 -13.08
N ILE A 229 17.87 2.92 -11.77
CA ILE A 229 16.82 2.62 -10.80
C ILE A 229 16.84 3.69 -9.72
N ILE A 230 15.69 4.32 -9.49
CA ILE A 230 15.56 5.43 -8.55
C ILE A 230 14.38 5.20 -7.60
N PRO A 231 14.65 4.68 -6.40
CA PRO A 231 13.51 4.48 -5.49
C PRO A 231 12.82 5.80 -5.13
N GLY A 232 11.54 5.90 -5.48
CA GLY A 232 10.74 7.03 -5.05
C GLY A 232 10.05 6.75 -3.73
N THR A 233 9.16 7.67 -3.37
CA THR A 233 8.43 7.65 -2.12
C THR A 233 7.50 6.42 -2.07
N GLN A 234 6.65 6.30 -3.08
CA GLN A 234 5.66 5.23 -3.15
C GLN A 234 6.07 4.12 -4.09
N THR A 235 6.95 4.44 -5.02
CA THR A 235 7.29 3.53 -6.12
C THR A 235 8.76 3.63 -6.58
N VAL A 236 9.25 2.69 -7.38
CA VAL A 236 10.62 2.76 -7.87
C VAL A 236 10.67 3.05 -9.38
N THR A 237 11.46 4.06 -9.77
CA THR A 237 11.55 4.47 -11.16
C THR A 237 12.60 3.63 -11.83
N LEU A 238 12.22 3.00 -12.93
CA LEU A 238 13.07 2.16 -13.75
C LEU A 238 13.19 2.83 -15.11
N GLY A 239 14.37 3.31 -15.48
CA GLY A 239 14.55 4.04 -16.75
C GLY A 239 15.86 3.77 -17.48
N GLY A 240 16.15 4.62 -18.46
CA GLY A 240 17.39 4.51 -19.24
C GLY A 240 17.19 4.79 -20.70
N ILE A 241 16.37 5.79 -21.01
CA ILE A 241 15.97 6.08 -22.39
C ILE A 241 16.11 7.55 -22.74
N PHE A 242 16.87 7.79 -23.80
CA PHE A 242 17.17 9.13 -24.24
C PHE A 242 17.29 9.09 -25.73
N GLN A 243 16.42 9.84 -26.41
CA GLN A 243 16.36 9.84 -27.83
C GLN A 243 16.16 11.28 -28.33
N LEU A 244 17.24 11.91 -28.80
CA LEU A 244 17.18 13.25 -29.40
C LEU A 244 16.22 13.36 -30.58
N GLY A 245 15.34 14.35 -30.57
CA GLY A 245 14.51 14.61 -31.74
C GLY A 245 13.23 13.81 -31.85
N ASN A 246 13.05 12.81 -30.99
CA ASN A 246 11.80 12.06 -30.96
C ASN A 246 10.65 12.79 -30.18
N TRP A 247 9.59 13.12 -30.91
CA TRP A 247 8.48 13.83 -30.34
C TRP A 247 7.32 12.92 -29.98
N SER A 248 7.50 11.62 -30.14
CA SER A 248 6.45 10.64 -29.84
C SER A 248 6.10 10.50 -28.34
N GLU A 249 5.07 11.21 -27.90
CA GLU A 249 4.58 11.14 -26.51
C GLU A 249 3.70 9.90 -26.32
N LEU A 250 4.34 8.74 -26.27
CA LEU A 250 3.64 7.48 -26.34
C LEU A 250 4.60 6.44 -25.83
N ASN A 251 4.15 5.61 -24.88
CA ASN A 251 5.02 4.54 -24.43
C ASN A 251 5.24 3.56 -25.57
N ASN A 252 6.47 3.11 -25.66
CA ASN A 252 6.88 2.20 -26.71
C ASN A 252 7.15 0.85 -26.12
N ILE A 253 6.59 -0.18 -26.75
CA ILE A 253 6.78 -1.56 -26.34
C ILE A 253 8.27 -1.94 -26.38
N GLN A 254 9.01 -1.38 -27.33
CA GLN A 254 10.44 -1.71 -27.43
C GLN A 254 11.22 -1.05 -26.30
N ASP A 255 10.88 0.20 -25.99
CA ASP A 255 11.52 0.94 -24.89
C ASP A 255 11.24 0.26 -23.56
N HIS A 256 10.00 -0.19 -23.39
CA HIS A 256 9.61 -0.91 -22.18
C HIS A 256 10.61 -2.04 -21.91
N ASN A 257 10.70 -2.98 -22.86
CA ASN A 257 11.66 -4.11 -22.75
C ASN A 257 13.08 -3.66 -22.41
N THR A 258 13.57 -2.68 -23.14
CA THR A 258 14.87 -2.10 -22.84
C THR A 258 15.03 -1.61 -21.38
N ILE A 259 14.10 -0.78 -20.87
CA ILE A 259 14.04 -0.45 -19.44
C ILE A 259 14.10 -1.71 -18.54
N TRP A 260 13.25 -2.69 -18.85
CA TRP A 260 13.02 -3.81 -17.96
C TRP A 260 14.24 -4.74 -17.92
N GLU A 261 14.68 -5.15 -19.10
CA GLU A 261 15.87 -5.98 -19.26
C GLU A 261 17.09 -5.39 -18.51
N GLY A 262 17.50 -4.18 -18.86
CA GLY A 262 18.66 -3.56 -18.20
C GLY A 262 18.58 -3.35 -16.69
N CYS A 263 17.39 -3.11 -16.16
CA CYS A 263 17.27 -2.90 -14.73
C CYS A 263 17.25 -4.23 -14.03
N CYS A 264 16.67 -5.24 -14.67
CA CYS A 264 16.61 -6.58 -14.11
C CYS A 264 18.02 -7.17 -13.98
N ARG A 265 18.85 -6.89 -14.99
CA ARG A 265 20.22 -7.39 -15.02
C ARG A 265 21.06 -6.70 -13.98
N LEU A 266 20.81 -5.41 -13.82
CA LEU A 266 21.52 -4.58 -12.88
C LEU A 266 21.18 -5.03 -11.46
N GLU A 267 19.91 -5.36 -11.27
CA GLU A 267 19.36 -5.66 -9.96
C GLU A 267 18.30 -6.77 -10.06
N PRO A 268 18.75 -8.04 -10.01
CA PRO A 268 17.86 -9.20 -10.19
C PRO A 268 16.59 -9.22 -9.32
N THR A 269 16.64 -8.65 -8.13
CA THR A 269 15.46 -8.63 -7.27
C THR A 269 14.22 -8.03 -7.97
N LEU A 270 14.47 -7.16 -8.96
CA LEU A 270 13.42 -6.42 -9.65
C LEU A 270 12.57 -7.35 -10.50
N LYS A 271 12.99 -8.60 -10.61
CA LYS A 271 12.32 -9.58 -11.46
C LYS A 271 10.85 -9.73 -11.04
N ASN A 272 10.61 -9.79 -9.74
CA ASN A 272 9.25 -10.01 -9.24
C ASN A 272 8.52 -8.72 -8.88
N ALA A 273 9.12 -7.57 -9.20
CA ALA A 273 8.48 -6.31 -8.93
C ALA A 273 7.20 -6.17 -9.75
N ARG A 274 6.18 -5.60 -9.11
CA ARG A 274 4.91 -5.31 -9.75
C ARG A 274 4.97 -4.00 -10.55
N ILE A 275 4.72 -4.08 -11.85
CA ILE A 275 4.65 -2.91 -12.73
C ILE A 275 3.40 -2.06 -12.47
N ILE A 276 3.58 -0.80 -12.02
CA ILE A 276 2.47 0.11 -11.62
C ILE A 276 2.01 1.11 -12.70
N GLY A 277 2.94 1.52 -13.56
CA GLY A 277 2.60 2.40 -14.69
C GLY A 277 3.83 2.83 -15.48
N GLU A 278 3.62 3.35 -16.69
CA GLU A 278 4.71 3.79 -17.57
C GLU A 278 4.39 5.18 -18.05
N ARG A 279 5.43 5.97 -18.27
CA ARG A 279 5.27 7.34 -18.74
C ARG A 279 6.40 7.74 -19.67
N THR A 280 6.08 8.70 -20.54
CA THR A 280 6.94 9.23 -21.57
C THR A 280 7.01 10.75 -21.42
N GLY A 281 8.20 11.31 -21.63
CA GLY A 281 8.46 12.70 -21.34
C GLY A 281 9.57 13.22 -22.23
N PHE A 282 9.63 14.53 -22.40
CA PHE A 282 10.67 15.13 -23.22
C PHE A 282 11.57 16.04 -22.41
N ARG A 283 12.84 15.70 -22.37
CA ARG A 283 13.80 16.51 -21.67
C ARG A 283 14.05 17.75 -22.54
N PRO A 284 13.88 18.96 -21.95
CA PRO A 284 14.17 20.13 -22.73
C PRO A 284 15.67 20.25 -22.92
N VAL A 285 16.18 19.48 -23.90
CA VAL A 285 17.61 19.41 -24.20
C VAL A 285 18.08 20.68 -24.91
N ARG A 286 19.15 21.29 -24.40
CA ARG A 286 19.79 22.45 -25.02
C ARG A 286 21.21 22.63 -24.44
N PRO A 287 22.21 23.00 -25.28
CA PRO A 287 23.58 23.26 -24.86
C PRO A 287 23.69 24.10 -23.58
N GLN A 288 22.76 25.02 -23.36
CA GLN A 288 22.75 25.75 -22.12
C GLN A 288 21.35 26.24 -21.85
N ILE A 289 21.05 26.45 -20.58
CA ILE A 289 19.76 27.00 -20.21
C ILE A 289 19.69 28.45 -20.69
N ARG A 290 18.61 28.80 -21.40
CA ARG A 290 18.32 30.19 -21.68
C ARG A 290 17.73 30.87 -20.47
N LEU A 291 18.60 31.52 -19.69
CA LEU A 291 18.17 32.29 -18.54
C LEU A 291 18.67 33.72 -18.72
N GLU A 292 17.91 34.49 -19.51
CA GLU A 292 18.31 35.83 -19.96
C GLU A 292 17.09 36.67 -20.28
N ARG A 293 17.29 37.98 -20.41
CA ARG A 293 16.23 38.91 -20.75
C ARG A 293 16.13 39.06 -22.26
N GLU A 294 14.96 39.47 -22.73
CA GLU A 294 14.79 39.89 -24.10
C GLU A 294 13.74 40.99 -24.12
N GLN A 295 13.92 41.96 -24.99
CA GLN A 295 12.92 43.01 -25.16
C GLN A 295 12.26 42.84 -26.50
N LEU A 296 10.97 42.49 -26.49
CA LEU A 296 10.20 42.33 -27.72
C LEU A 296 9.53 43.64 -28.13
N ARG A 297 9.80 44.09 -29.36
CA ARG A 297 9.21 45.31 -29.93
C ARG A 297 7.71 45.13 -30.20
N THR A 298 6.90 45.40 -29.18
CA THR A 298 5.47 45.13 -29.20
C THR A 298 4.69 46.11 -30.11
N GLY A 299 5.22 47.32 -30.27
CA GLY A 299 4.53 48.32 -31.06
C GLY A 299 4.79 49.73 -30.58
N PRO A 300 4.01 50.18 -29.56
CA PRO A 300 4.32 51.50 -28.98
C PRO A 300 5.59 51.35 -28.12
N SER A 301 5.45 50.86 -26.89
CA SER A 301 6.61 50.38 -26.15
C SER A 301 6.84 48.91 -26.49
N ASN A 302 7.99 48.38 -26.08
CA ASN A 302 8.22 46.95 -26.15
C ASN A 302 8.01 46.28 -24.79
N THR A 303 7.79 44.97 -24.77
CA THR A 303 7.55 44.24 -23.51
C THR A 303 8.77 43.46 -23.02
N GLU A 304 8.76 43.12 -21.75
CA GLU A 304 9.91 42.45 -21.17
C GLU A 304 9.69 40.94 -21.03
N VAL A 305 10.48 40.18 -21.78
CA VAL A 305 10.42 38.73 -21.71
C VAL A 305 11.63 38.24 -20.93
N ILE A 306 11.41 37.45 -19.88
CA ILE A 306 12.48 36.64 -19.28
C ILE A 306 12.31 35.18 -19.71
N HIS A 307 13.32 34.64 -20.40
CA HIS A 307 13.35 33.22 -20.77
C HIS A 307 13.97 32.36 -19.66
N ASN A 308 13.37 31.18 -19.46
CA ASN A 308 13.88 30.21 -18.50
C ASN A 308 13.50 28.82 -18.98
N TYR A 309 14.32 28.25 -19.87
CA TYR A 309 14.01 26.95 -20.44
C TYR A 309 15.25 26.25 -20.97
N GLY A 310 15.13 24.95 -21.28
CA GLY A 310 16.27 24.16 -21.72
C GLY A 310 17.06 23.58 -20.54
N HIS A 311 16.32 23.08 -19.55
CA HIS A 311 16.89 22.61 -18.32
C HIS A 311 17.35 21.17 -18.42
N GLY A 312 17.30 20.62 -19.64
CA GLY A 312 17.77 19.27 -19.91
C GLY A 312 17.11 18.22 -19.04
N GLY A 313 17.88 17.19 -18.70
CA GLY A 313 17.42 16.15 -17.80
C GLY A 313 17.67 16.47 -16.34
N TYR A 314 17.85 17.76 -16.02
CA TYR A 314 18.25 18.16 -14.66
C TYR A 314 17.52 19.37 -14.12
N GLY A 315 16.30 19.55 -14.59
CA GLY A 315 15.44 20.64 -14.18
C GLY A 315 15.01 20.65 -12.71
N LEU A 316 14.66 19.49 -12.13
CA LEU A 316 14.38 19.50 -10.68
C LEU A 316 15.66 19.83 -9.91
N THR A 317 16.79 19.33 -10.41
CA THR A 317 18.11 19.55 -9.80
C THR A 317 18.54 21.04 -9.67
N ILE A 318 18.13 21.86 -10.63
CA ILE A 318 18.65 23.22 -10.76
C ILE A 318 17.59 24.31 -10.66
N HIS A 319 16.32 23.91 -10.78
CA HIS A 319 15.19 24.85 -10.82
C HIS A 319 15.32 26.06 -9.90
N TRP A 320 15.72 25.82 -8.65
CA TRP A 320 15.71 26.86 -7.64
C TRP A 320 16.74 27.97 -7.92
N GLY A 321 17.97 27.58 -8.23
CA GLY A 321 18.96 28.55 -8.60
C GLY A 321 18.46 29.38 -9.75
N CYS A 322 17.87 28.69 -10.73
CA CYS A 322 17.27 29.33 -11.93
C CYS A 322 16.22 30.35 -11.57
N ALA A 323 15.37 30.00 -10.62
CA ALA A 323 14.30 30.89 -10.17
C ALA A 323 14.85 32.13 -9.45
N LEU A 324 15.85 31.95 -8.58
CA LEU A 324 16.48 33.08 -7.89
C LEU A 324 17.08 34.02 -8.93
N GLU A 325 17.75 33.43 -9.92
CA GLU A 325 18.37 34.20 -10.97
C GLU A 325 17.30 34.96 -11.78
N ALA A 326 16.28 34.24 -12.25
CA ALA A 326 15.17 34.85 -12.96
C ALA A 326 14.55 36.05 -12.23
N ALA A 327 14.52 35.98 -10.89
CA ALA A 327 14.00 37.07 -10.06
C ALA A 327 14.97 38.26 -10.04
N LYS A 328 16.27 37.95 -9.87
CA LYS A 328 17.33 38.96 -10.00
C LYS A 328 17.03 39.79 -11.26
N LEU A 329 16.88 39.09 -12.41
CA LEU A 329 16.61 39.73 -13.68
C LEU A 329 15.31 40.53 -13.64
N PHE A 330 14.33 40.04 -12.90
CA PHE A 330 13.07 40.75 -12.76
C PHE A 330 13.30 42.04 -12.01
N GLY A 331 14.12 41.97 -10.95
CA GLY A 331 14.59 43.14 -10.21
C GLY A 331 15.23 44.20 -11.08
N ARG A 332 16.11 43.78 -11.99
CA ARG A 332 16.79 44.72 -12.90
C ARG A 332 15.81 45.51 -13.78
N ILE A 333 14.76 44.83 -14.25
CA ILE A 333 13.71 45.50 -15.01
C ILE A 333 13.11 46.63 -14.17
N LEU A 334 12.83 46.33 -12.92
CA LEU A 334 12.10 47.26 -12.05
C LEU A 334 12.78 48.60 -11.92
N GLU A 335 14.09 48.58 -11.71
CA GLU A 335 14.84 49.80 -11.60
C GLU A 335 14.72 50.56 -12.94
N GLU A 336 14.99 49.85 -14.04
CA GLU A 336 15.00 50.43 -15.38
C GLU A 336 13.67 51.05 -15.76
N LYS A 337 12.63 50.78 -14.97
CA LYS A 337 11.32 51.39 -15.17
C LYS A 337 11.03 52.46 -14.12
N LYS A 338 12.11 52.97 -13.50
CA LYS A 338 12.06 54.00 -12.43
C LYS A 338 10.94 53.80 -11.38
N LEU A 339 10.47 52.55 -11.25
CA LEU A 339 9.39 52.19 -10.32
C LEU A 339 9.76 50.95 -9.48
N SER A 340 11.01 50.94 -9.00
CA SER A 340 11.55 49.84 -8.21
C SER A 340 10.90 49.76 -6.84
N MET B 1 20.04 -41.69 13.22
CA MET B 1 20.13 -40.73 14.35
C MET B 1 18.93 -39.79 14.42
N ARG B 2 18.33 -39.68 15.62
CA ARG B 2 17.19 -38.80 15.86
C ARG B 2 17.58 -37.42 16.41
N VAL B 3 17.35 -36.37 15.61
CA VAL B 3 17.62 -35.00 16.07
C VAL B 3 16.33 -34.27 16.44
N VAL B 4 16.40 -33.46 17.49
CA VAL B 4 15.26 -32.68 17.95
C VAL B 4 15.74 -31.28 18.22
N VAL B 5 15.18 -30.31 17.49
CA VAL B 5 15.48 -28.91 17.69
C VAL B 5 14.32 -28.24 18.47
N ILE B 6 14.63 -27.59 19.60
CA ILE B 6 13.61 -26.81 20.33
C ILE B 6 13.83 -25.35 20.03
N GLY B 7 12.81 -24.70 19.47
CA GLY B 7 12.90 -23.29 19.09
C GLY B 7 12.67 -23.12 17.60
N ALA B 8 11.63 -22.37 17.24
CA ALA B 8 11.36 -22.06 15.84
C ALA B 8 11.67 -20.57 15.59
N GLY B 9 12.65 -20.08 16.34
CA GLY B 9 13.13 -18.74 16.12
C GLY B 9 14.13 -18.84 14.99
N VAL B 10 14.75 -17.71 14.66
CA VAL B 10 15.82 -17.76 13.69
C VAL B 10 16.83 -18.82 14.10
N ILE B 11 17.39 -18.67 15.29
CA ILE B 11 18.39 -19.61 15.80
C ILE B 11 17.97 -21.07 15.58
N GLY B 12 16.79 -21.42 16.10
CA GLY B 12 16.26 -22.75 15.94
C GLY B 12 16.31 -23.18 14.49
N LEU B 13 15.55 -22.46 13.66
CA LEU B 13 15.34 -22.84 12.26
C LEU B 13 16.57 -22.88 11.42
N SER B 14 17.45 -21.89 11.55
CA SER B 14 18.71 -21.84 10.78
C SER B 14 19.71 -22.95 11.19
N THR B 15 19.82 -23.23 12.48
CA THR B 15 20.61 -24.35 12.96
C THR B 15 20.10 -25.68 12.42
N ALA B 16 18.78 -25.88 12.36
CA ALA B 16 18.25 -27.12 11.80
C ALA B 16 18.58 -27.18 10.34
N LEU B 17 18.47 -26.05 9.66
CA LEU B 17 18.79 -26.02 8.24
C LEU B 17 20.24 -26.38 8.05
N CYS B 18 21.16 -25.68 8.72
CA CYS B 18 22.59 -25.95 8.61
C CYS B 18 23.01 -27.38 8.85
N ILE B 19 22.40 -28.00 9.85
CA ILE B 19 22.69 -29.37 10.24
C ILE B 19 22.19 -30.30 9.16
N HIS B 20 20.95 -30.12 8.75
CA HIS B 20 20.38 -31.00 7.76
C HIS B 20 21.25 -31.10 6.51
N GLU B 21 21.35 -30.00 5.77
CA GLU B 21 21.89 -30.06 4.42
C GLU B 21 23.35 -30.50 4.40
N ARG B 22 23.98 -30.46 5.57
CA ARG B 22 25.39 -30.81 5.73
C ARG B 22 25.60 -32.26 6.12
N TYR B 23 24.52 -33.00 6.38
CA TYR B 23 24.61 -34.32 6.99
C TYR B 23 23.53 -35.33 6.55
N HIS B 24 22.56 -34.90 5.77
CA HIS B 24 21.48 -35.81 5.33
C HIS B 24 21.98 -36.93 4.39
N SER B 25 23.08 -36.65 3.69
CA SER B 25 23.68 -37.62 2.77
C SER B 25 24.51 -38.68 3.51
N VAL B 26 25.18 -38.28 4.59
CA VAL B 26 26.10 -39.17 5.31
C VAL B 26 25.47 -39.91 6.49
N LEU B 27 24.39 -39.39 7.04
CA LEU B 27 23.63 -40.11 8.05
C LEU B 27 22.32 -40.57 7.43
N GLN B 28 22.25 -41.85 7.13
CA GLN B 28 21.13 -42.39 6.37
C GLN B 28 19.81 -42.16 7.11
N PRO B 29 19.70 -42.60 8.39
CA PRO B 29 18.42 -42.37 9.05
C PRO B 29 18.47 -41.07 9.86
N LEU B 30 18.71 -39.94 9.18
CA LEU B 30 18.74 -38.62 9.85
C LEU B 30 17.34 -38.02 9.91
N ASP B 31 16.67 -38.26 11.03
CA ASP B 31 15.32 -37.74 11.23
C ASP B 31 15.35 -36.52 12.15
N ILE B 32 15.22 -35.32 11.55
CA ILE B 32 15.21 -34.09 12.34
C ILE B 32 13.78 -33.63 12.60
N LYS B 33 13.55 -33.12 13.80
CA LYS B 33 12.27 -32.51 14.15
C LYS B 33 12.42 -31.17 14.89
N VAL B 34 11.55 -30.21 14.57
CA VAL B 34 11.49 -28.98 15.33
C VAL B 34 10.32 -29.09 16.31
N TYR B 35 10.62 -28.79 17.57
CA TYR B 35 9.61 -28.70 18.61
C TYR B 35 9.60 -27.27 19.09
N ALA B 36 8.43 -26.63 18.99
CA ALA B 36 8.32 -25.23 19.42
C ALA B 36 6.99 -24.92 20.08
N ASP B 37 7.02 -23.95 20.97
CA ASP B 37 5.82 -23.46 21.62
C ASP B 37 5.19 -22.33 20.79
N ARG B 38 6.03 -21.53 20.11
CA ARG B 38 5.58 -20.44 19.25
C ARG B 38 6.25 -20.41 17.87
N PHE B 39 5.48 -20.13 16.82
CA PHE B 39 6.04 -20.18 15.47
C PHE B 39 6.08 -18.84 14.75
N THR B 40 6.42 -18.90 13.46
CA THR B 40 6.69 -17.77 12.54
C THR B 40 6.03 -16.47 12.87
N PRO B 41 4.69 -16.48 13.12
CA PRO B 41 3.99 -15.22 13.39
C PRO B 41 4.39 -14.51 14.69
N LEU B 42 4.60 -15.26 15.77
CA LEU B 42 4.75 -14.66 17.10
C LEU B 42 5.99 -15.09 17.91
N THR B 43 7.17 -14.82 17.37
CA THR B 43 8.40 -14.98 18.12
C THR B 43 9.10 -13.64 18.26
N THR B 44 10.05 -13.57 19.18
CA THR B 44 10.95 -12.46 19.33
C THR B 44 11.59 -12.07 18.00
N THR B 45 11.86 -13.12 17.19
CA THR B 45 12.50 -12.98 15.89
C THR B 45 11.63 -12.20 14.89
N ASP B 46 10.33 -12.14 15.18
CA ASP B 46 9.37 -11.38 14.36
C ASP B 46 9.32 -9.90 14.68
N VAL B 47 9.59 -9.58 15.93
CA VAL B 47 9.58 -8.22 16.42
C VAL B 47 10.81 -7.50 15.92
N ALA B 48 11.89 -8.24 15.66
CA ALA B 48 13.19 -7.66 15.30
C ALA B 48 13.11 -6.87 14.00
N ALA B 49 13.73 -5.68 13.96
CA ALA B 49 13.92 -4.94 12.73
C ALA B 49 14.69 -5.80 11.75
N GLY B 50 15.76 -6.42 12.25
CA GLY B 50 16.62 -7.26 11.45
C GLY B 50 17.75 -6.50 10.82
N LEU B 51 18.16 -5.42 11.47
CA LEU B 51 19.33 -4.64 11.03
C LEU B 51 20.59 -5.28 11.56
N TRP B 52 21.45 -5.73 10.63
CA TRP B 52 22.74 -6.32 10.96
C TRP B 52 23.64 -5.27 11.59
N GLN B 53 23.94 -5.46 12.88
CA GLN B 53 24.91 -4.62 13.59
C GLN B 53 25.28 -5.18 14.97
N PRO B 54 26.51 -5.73 15.12
CA PRO B 54 26.98 -6.13 16.43
C PRO B 54 27.10 -4.92 17.37
N TYR B 55 27.61 -5.17 18.58
CA TYR B 55 27.90 -4.05 19.48
C TYR B 55 29.10 -3.29 18.95
N LEU B 56 29.39 -2.15 19.58
CA LEU B 56 30.50 -1.31 19.17
C LEU B 56 31.81 -1.85 19.78
N SER B 57 31.90 -1.85 21.11
CA SER B 57 32.99 -2.50 21.83
C SER B 57 32.93 -4.02 21.67
N ASP B 58 34.08 -4.67 21.69
CA ASP B 58 34.20 -6.13 21.43
C ASP B 58 33.56 -7.06 22.47
N PRO B 59 33.21 -8.30 22.05
CA PRO B 59 32.58 -9.29 22.91
C PRO B 59 33.55 -10.26 23.62
N ASN B 60 33.09 -10.86 24.73
CA ASN B 60 33.90 -11.82 25.49
C ASN B 60 34.49 -12.80 24.52
N ASN B 61 33.59 -13.51 23.82
CA ASN B 61 33.94 -14.52 22.83
C ASN B 61 34.40 -13.85 21.53
N PRO B 62 35.73 -13.81 21.30
CA PRO B 62 36.17 -13.09 20.11
C PRO B 62 35.64 -13.80 18.87
N GLN B 63 35.11 -15.00 19.05
CA GLN B 63 34.41 -15.74 18.01
C GLN B 63 33.20 -14.93 17.50
N GLU B 64 32.41 -14.38 18.42
CA GLU B 64 31.19 -13.67 18.01
C GLU B 64 31.48 -12.66 16.89
N ALA B 65 32.72 -12.14 16.87
CA ALA B 65 33.19 -11.23 15.82
C ALA B 65 33.29 -11.92 14.47
N ASP B 66 33.68 -13.18 14.46
CA ASP B 66 33.70 -13.96 13.21
C ASP B 66 32.32 -14.43 12.76
N TRP B 67 31.45 -14.71 13.74
CA TRP B 67 30.12 -15.23 13.46
C TRP B 67 29.22 -14.18 12.76
N SER B 68 29.27 -12.94 13.25
CA SER B 68 28.60 -11.81 12.61
C SER B 68 29.20 -11.53 11.24
N GLN B 69 30.54 -11.55 11.20
CA GLN B 69 31.33 -11.54 9.97
C GLN B 69 30.78 -12.52 8.93
N GLN B 70 30.72 -13.80 9.26
CA GLN B 70 30.28 -14.81 8.30
C GLN B 70 28.83 -14.62 7.93
N THR B 71 28.06 -14.06 8.87
CA THR B 71 26.64 -13.75 8.63
C THR B 71 26.48 -12.66 7.55
N PHE B 72 27.12 -11.52 7.77
CA PHE B 72 27.17 -10.46 6.78
C PHE B 72 27.66 -10.93 5.43
N ASP B 73 28.75 -11.69 5.42
CA ASP B 73 29.32 -12.18 4.17
C ASP B 73 28.31 -13.08 3.47
N TYR B 74 27.68 -13.96 4.23
CA TYR B 74 26.76 -14.93 3.66
C TYR B 74 25.56 -14.23 3.03
N LEU B 75 25.02 -13.26 3.77
CA LEU B 75 23.83 -12.55 3.36
C LEU B 75 24.17 -11.64 2.19
N LEU B 76 25.25 -10.87 2.34
CA LEU B 76 25.73 -9.95 1.31
C LEU B 76 25.93 -10.64 -0.04
N SER B 77 26.16 -11.95 0.01
CA SER B 77 26.49 -12.73 -1.17
C SER B 77 25.23 -13.24 -1.85
N HIS B 78 24.08 -13.03 -1.23
CA HIS B 78 22.79 -13.51 -1.76
C HIS B 78 21.81 -12.36 -2.00
N VAL B 79 22.28 -11.15 -1.75
CA VAL B 79 21.43 -9.96 -1.86
C VAL B 79 20.80 -9.78 -3.24
N HIS B 80 21.48 -10.25 -4.28
CA HIS B 80 20.98 -10.13 -5.65
C HIS B 80 20.49 -11.48 -6.21
N SER B 81 20.15 -12.41 -5.33
CA SER B 81 19.55 -13.67 -5.80
C SER B 81 18.09 -13.47 -6.20
N PRO B 82 17.49 -14.46 -6.90
CA PRO B 82 16.08 -14.28 -7.25
C PRO B 82 15.17 -14.33 -6.00
N ASN B 83 15.61 -15.05 -4.96
CA ASN B 83 14.80 -15.32 -3.78
C ASN B 83 15.06 -14.39 -2.59
N ALA B 84 15.78 -13.29 -2.85
CA ALA B 84 16.17 -12.35 -1.80
C ALA B 84 14.96 -11.63 -1.19
N GLU B 85 13.96 -11.36 -2.00
CA GLU B 85 12.75 -10.70 -1.51
C GLU B 85 12.04 -11.65 -0.56
N ASN B 86 12.07 -12.95 -0.87
CA ASN B 86 11.48 -13.94 0.00
C ASN B 86 12.15 -14.08 1.37
N LEU B 87 13.48 -14.00 1.38
CA LEU B 87 14.27 -13.96 2.61
C LEU B 87 14.09 -12.62 3.36
N GLY B 88 13.52 -11.64 2.66
CA GLY B 88 13.39 -10.28 3.20
C GLY B 88 14.73 -9.64 3.42
N LEU B 89 15.65 -9.85 2.46
CA LEU B 89 17.03 -9.35 2.50
C LEU B 89 17.06 -8.10 1.66
N PHE B 90 17.90 -7.12 2.05
CA PHE B 90 18.18 -5.95 1.20
C PHE B 90 19.21 -5.02 1.85
N LEU B 91 19.73 -4.06 1.07
CA LEU B 91 20.77 -3.12 1.55
C LEU B 91 20.18 -1.83 2.05
N ILE B 92 20.83 -1.26 3.04
CA ILE B 92 20.36 -0.03 3.63
C ILE B 92 21.54 0.67 4.28
N SER B 93 21.64 1.97 4.07
CA SER B 93 22.72 2.75 4.66
C SER B 93 22.14 3.65 5.72
N GLY B 94 23.03 4.27 6.48
CA GLY B 94 22.56 5.07 7.58
C GLY B 94 23.62 5.58 8.54
N TYR B 95 23.11 6.27 9.55
CA TYR B 95 23.88 7.05 10.49
C TYR B 95 23.91 6.37 11.85
N ASN B 96 25.02 6.61 12.55
CA ASN B 96 25.15 6.33 13.97
C ASN B 96 25.58 7.63 14.63
N LEU B 97 24.78 8.10 15.58
CA LEU B 97 25.04 9.39 16.19
C LEU B 97 25.59 9.29 17.62
N PHE B 98 26.47 10.21 17.98
CA PHE B 98 27.06 10.24 19.32
C PHE B 98 27.15 11.67 19.83
N HIS B 99 27.49 11.83 21.10
CA HIS B 99 27.73 13.16 21.62
C HIS B 99 29.18 13.60 21.49
N GLU B 100 30.11 12.73 21.86
CA GLU B 100 31.54 13.02 21.71
C GLU B 100 32.21 12.09 20.72
N ALA B 101 33.32 12.57 20.16
CA ALA B 101 34.20 11.72 19.35
C ALA B 101 34.57 10.43 20.12
N ILE B 102 34.19 9.29 19.54
CA ILE B 102 34.33 7.98 20.18
C ILE B 102 35.18 7.01 19.30
N PRO B 103 35.76 5.95 19.88
CA PRO B 103 36.59 5.05 19.04
C PRO B 103 35.79 4.28 17.99
N ASP B 104 36.46 3.87 16.90
CA ASP B 104 35.82 3.08 15.84
C ASP B 104 35.32 1.69 16.29
N PRO B 105 34.31 1.13 15.61
CA PRO B 105 33.94 -0.24 15.97
C PRO B 105 34.97 -1.25 15.49
N SER B 106 34.81 -2.49 15.91
CA SER B 106 35.62 -3.60 15.43
C SER B 106 35.11 -4.11 14.10
N TRP B 107 33.80 -4.09 13.87
CA TRP B 107 33.22 -4.52 12.60
C TRP B 107 33.37 -3.48 11.48
N LYS B 108 34.08 -2.39 11.78
CA LYS B 108 34.29 -1.30 10.82
C LYS B 108 34.49 -1.73 9.36
N ASP B 109 35.25 -2.79 9.12
CA ASP B 109 35.60 -3.22 7.75
C ASP B 109 34.79 -4.39 7.22
N THR B 110 33.80 -4.81 8.00
CA THR B 110 32.83 -5.81 7.58
C THR B 110 31.74 -5.14 6.70
N VAL B 111 31.21 -4.01 7.18
CA VAL B 111 30.19 -3.31 6.45
C VAL B 111 30.80 -2.65 5.22
N LEU B 112 29.93 -2.13 4.34
CA LEU B 112 30.37 -1.47 3.13
C LEU B 112 30.51 0.02 3.34
N GLY B 113 31.66 0.55 2.91
CA GLY B 113 31.97 1.98 2.97
C GLY B 113 31.81 2.69 4.31
N PHE B 114 32.32 2.10 5.38
CA PHE B 114 32.33 2.78 6.66
C PHE B 114 33.05 4.17 6.57
N ARG B 115 32.60 5.16 7.32
CA ARG B 115 33.22 6.49 7.28
C ARG B 115 32.59 7.39 8.33
N LYS B 116 33.18 8.55 8.57
CA LYS B 116 32.62 9.46 9.55
C LYS B 116 31.61 10.44 8.95
N LEU B 117 30.75 10.96 9.81
CA LEU B 117 29.81 12.01 9.41
C LEU B 117 30.56 13.32 9.19
N THR B 118 30.22 14.02 8.11
CA THR B 118 30.82 15.31 7.82
C THR B 118 29.94 16.39 8.49
N PRO B 119 30.53 17.56 8.83
CA PRO B 119 29.77 18.62 9.56
C PRO B 119 28.38 18.92 9.00
N ARG B 120 28.22 18.80 7.69
CA ARG B 120 26.95 19.11 7.01
C ARG B 120 25.89 18.05 7.31
N GLU B 121 26.37 16.82 7.47
CA GLU B 121 25.52 15.72 7.91
C GLU B 121 25.14 15.88 9.38
N LEU B 122 26.12 16.20 10.23
CA LEU B 122 25.82 16.42 11.64
C LEU B 122 24.83 17.56 11.80
N ASP B 123 24.84 18.49 10.84
CA ASP B 123 23.94 19.64 10.84
C ASP B 123 22.47 19.26 10.76
N MET B 124 22.19 18.07 10.22
CA MET B 124 20.84 17.49 10.15
C MET B 124 20.39 16.90 11.48
N PHE B 125 21.35 16.68 12.37
CA PHE B 125 21.05 16.15 13.70
C PHE B 125 21.60 17.09 14.79
N PRO B 126 20.80 18.08 15.22
CA PRO B 126 21.24 19.10 16.19
C PRO B 126 21.77 18.50 17.49
N ASP B 127 21.04 17.53 18.04
CA ASP B 127 21.33 16.90 19.32
C ASP B 127 22.54 15.97 19.32
N TYR B 128 23.27 15.88 18.22
CA TYR B 128 24.42 14.97 18.17
C TYR B 128 25.60 15.58 17.42
N GLY B 129 26.80 15.41 17.96
CA GLY B 129 27.97 16.14 17.48
C GLY B 129 28.98 15.31 16.74
N TYR B 130 28.67 14.05 16.48
CA TYR B 130 29.63 13.18 15.87
C TYR B 130 29.01 11.82 15.57
N GLY B 131 29.50 11.16 14.53
CA GLY B 131 29.05 9.81 14.25
C GLY B 131 29.67 9.20 13.01
N TRP B 132 29.09 8.08 12.57
CA TRP B 132 29.53 7.37 11.36
C TRP B 132 28.42 7.21 10.32
N PHE B 133 28.78 6.66 9.18
CA PHE B 133 27.85 6.35 8.12
C PHE B 133 28.36 5.12 7.43
N HIS B 134 27.49 4.18 7.11
CA HIS B 134 27.91 3.00 6.35
C HIS B 134 26.71 2.32 5.72
N THR B 135 26.98 1.38 4.82
CA THR B 135 25.92 0.58 4.21
C THR B 135 25.85 -0.80 4.83
N SER B 136 24.87 -1.04 5.70
CA SER B 136 24.70 -2.37 6.30
C SER B 136 23.66 -3.18 5.51
N LEU B 137 23.03 -4.15 6.18
CA LEU B 137 21.98 -5.05 5.63
C LEU B 137 20.77 -5.21 6.60
N ILE B 138 19.61 -5.51 6.01
CA ILE B 138 18.45 -5.88 6.77
C ILE B 138 17.93 -7.26 6.32
N LEU B 139 17.75 -8.13 7.31
CA LEU B 139 17.12 -9.41 7.11
C LEU B 139 15.94 -9.41 8.08
N GLU B 140 14.76 -9.12 7.52
CA GLU B 140 13.55 -9.00 8.30
C GLU B 140 13.13 -10.39 8.70
N GLY B 141 12.96 -10.63 10.01
CA GLY B 141 12.68 -11.96 10.56
C GLY B 141 11.41 -12.56 10.02
N LYS B 142 10.38 -11.74 9.88
CA LYS B 142 9.09 -12.24 9.45
C LYS B 142 9.24 -13.04 8.16
N ASN B 143 9.85 -12.45 7.15
CA ASN B 143 10.14 -13.15 5.91
C ASN B 143 11.21 -14.25 6.04
N TYR B 144 12.29 -13.96 6.76
CA TYR B 144 13.32 -14.96 6.93
C TYR B 144 12.81 -16.27 7.53
N LEU B 145 11.99 -16.14 8.57
CA LEU B 145 11.46 -17.27 9.29
C LEU B 145 10.53 -18.06 8.40
N GLN B 146 9.79 -17.37 7.54
CA GLN B 146 8.88 -18.04 6.60
C GLN B 146 9.66 -18.81 5.53
N TRP B 147 10.70 -18.19 4.98
CA TRP B 147 11.57 -18.84 4.02
C TRP B 147 12.17 -20.09 4.66
N LEU B 148 12.91 -19.92 5.76
CA LEU B 148 13.42 -21.06 6.54
C LEU B 148 12.36 -22.13 6.65
N THR B 149 11.21 -21.80 7.20
CA THR B 149 10.16 -22.80 7.33
C THR B 149 9.96 -23.62 6.05
N GLU B 150 9.81 -22.96 4.90
CA GLU B 150 9.50 -23.62 3.63
C GLU B 150 10.62 -24.49 3.12
N ARG B 151 11.85 -24.06 3.37
CA ARG B 151 13.03 -24.89 3.16
C ARG B 151 12.91 -26.19 3.95
N LEU B 152 12.72 -26.03 5.26
CA LEU B 152 12.70 -27.17 6.17
C LEU B 152 11.55 -28.11 5.86
N THR B 153 10.39 -27.57 5.51
CA THR B 153 9.23 -28.40 5.24
C THR B 153 9.53 -29.29 4.03
N GLU B 154 10.19 -28.73 3.03
CA GLU B 154 10.53 -29.49 1.83
C GLU B 154 11.76 -30.42 1.99
N ARG B 155 12.45 -30.33 3.12
CA ARG B 155 13.59 -31.20 3.39
C ARG B 155 13.17 -32.34 4.29
N GLY B 156 11.89 -32.36 4.62
CA GLY B 156 11.33 -33.42 5.43
C GLY B 156 11.24 -33.10 6.92
N VAL B 157 11.92 -32.03 7.35
CA VAL B 157 11.87 -31.59 8.75
C VAL B 157 10.43 -31.29 9.22
N LYS B 158 9.87 -32.18 10.03
CA LYS B 158 8.54 -31.98 10.62
C LYS B 158 8.59 -31.07 11.85
N PHE B 159 7.56 -30.26 12.00
CA PHE B 159 7.45 -29.28 13.07
C PHE B 159 6.30 -29.67 13.99
N PHE B 160 6.47 -29.43 15.29
CA PHE B 160 5.38 -29.70 16.23
C PHE B 160 5.23 -28.58 17.21
N GLN B 161 3.98 -28.22 17.46
CA GLN B 161 3.67 -27.17 18.40
C GLN B 161 3.34 -27.82 19.72
N ARG B 162 4.31 -27.74 20.64
CA ARG B 162 4.22 -28.30 21.98
C ARG B 162 5.28 -27.62 22.84
N LYS B 163 4.98 -27.43 24.13
CA LYS B 163 5.91 -26.80 25.06
C LYS B 163 6.67 -27.84 25.85
N VAL B 164 7.97 -27.89 25.65
CA VAL B 164 8.83 -28.86 26.29
C VAL B 164 9.00 -28.52 27.77
N GLU B 165 8.88 -29.55 28.61
CA GLU B 165 9.00 -29.37 30.05
C GLU B 165 10.40 -29.57 30.60
N SER B 166 11.25 -30.35 29.91
CA SER B 166 12.60 -30.69 30.37
C SER B 166 13.37 -31.40 29.27
N PHE B 167 14.69 -31.39 29.36
CA PHE B 167 15.50 -31.99 28.33
C PHE B 167 15.23 -33.48 28.28
N GLU B 168 15.00 -34.06 29.46
CA GLU B 168 14.81 -35.51 29.56
C GLU B 168 13.47 -35.97 28.98
N GLU B 169 12.39 -35.24 29.22
CA GLU B 169 11.13 -35.52 28.52
C GLU B 169 11.35 -35.85 27.03
N VAL B 170 12.24 -35.10 26.39
CA VAL B 170 12.54 -35.30 24.97
C VAL B 170 13.54 -36.46 24.81
N ALA B 171 14.50 -36.55 25.73
CA ALA B 171 15.46 -37.66 25.75
C ALA B 171 14.72 -38.98 25.97
N ARG B 172 13.89 -39.01 27.02
CA ARG B 172 13.05 -40.17 27.33
C ARG B 172 12.35 -40.75 26.11
N GLU B 173 11.96 -39.89 25.17
CA GLU B 173 11.11 -40.32 24.05
C GLU B 173 11.86 -40.77 22.79
N GLY B 174 13.19 -40.82 22.84
CA GLY B 174 13.98 -41.37 21.71
C GLY B 174 14.99 -40.45 21.03
N ALA B 175 15.10 -39.20 21.53
CA ALA B 175 15.99 -38.23 20.92
C ALA B 175 17.47 -38.47 21.23
N ASP B 176 18.26 -38.69 20.19
CA ASP B 176 19.71 -38.79 20.33
C ASP B 176 20.32 -37.43 20.66
N VAL B 177 20.15 -36.45 19.76
CA VAL B 177 20.67 -35.09 19.98
C VAL B 177 19.54 -34.08 20.23
N ILE B 178 19.79 -33.13 21.12
CA ILE B 178 18.82 -32.09 21.40
C ILE B 178 19.44 -30.73 21.17
N VAL B 179 18.96 -30.03 20.15
CA VAL B 179 19.50 -28.74 19.83
C VAL B 179 18.69 -27.70 20.55
N ASN B 180 19.31 -27.05 21.52
CA ASN B 180 18.57 -26.19 22.43
C ASN B 180 18.56 -24.70 22.07
N CYS B 181 17.50 -24.26 21.38
CA CYS B 181 17.45 -22.90 20.85
C CYS B 181 16.21 -22.14 21.32
N THR B 182 16.10 -22.06 22.63
CA THR B 182 14.88 -21.66 23.32
C THR B 182 14.90 -20.20 23.75
N GLY B 183 15.91 -19.46 23.29
CA GLY B 183 16.04 -18.01 23.52
C GLY B 183 16.00 -17.52 24.96
N VAL B 184 15.40 -16.37 25.18
CA VAL B 184 15.24 -15.82 26.52
C VAL B 184 14.54 -16.78 27.52
N TRP B 185 14.04 -17.92 27.03
CA TRP B 185 13.29 -18.81 27.92
C TRP B 185 14.14 -20.01 28.34
N ALA B 186 15.35 -20.09 27.80
CA ALA B 186 16.23 -21.24 28.01
C ALA B 186 16.35 -21.73 29.46
N GLY B 187 16.18 -20.80 30.42
CA GLY B 187 16.28 -21.07 31.85
C GLY B 187 15.18 -21.98 32.38
N ALA B 188 13.96 -21.80 31.87
CA ALA B 188 12.85 -22.68 32.19
C ALA B 188 13.19 -24.17 32.04
N LEU B 189 14.18 -24.47 31.21
CA LEU B 189 14.55 -25.84 30.96
C LEU B 189 15.80 -26.18 31.76
N GLN B 190 16.63 -25.16 31.99
CA GLN B 190 17.83 -25.31 32.81
C GLN B 190 18.39 -23.96 33.25
N ARG B 191 18.35 -23.77 34.57
CA ARG B 191 18.88 -22.62 35.28
C ARG B 191 20.07 -21.93 34.60
N ASP B 192 19.89 -20.64 34.28
CA ASP B 192 20.99 -19.81 33.80
C ASP B 192 20.89 -18.41 34.39
N PRO B 193 21.72 -18.09 35.40
CA PRO B 193 21.62 -16.79 36.06
C PRO B 193 22.14 -15.66 35.16
N LEU B 194 22.79 -16.01 34.06
CA LEU B 194 23.31 -15.02 33.14
C LEU B 194 22.23 -14.52 32.11
N LEU B 195 21.41 -15.44 31.65
CA LEU B 195 20.41 -15.18 30.63
C LEU B 195 19.33 -14.29 31.19
N GLN B 196 19.10 -13.15 30.53
CA GLN B 196 18.10 -12.19 30.99
C GLN B 196 17.32 -11.56 29.83
N PRO B 197 16.05 -11.17 30.07
CA PRO B 197 15.32 -10.40 29.07
C PRO B 197 15.75 -8.92 29.04
N GLY B 198 16.18 -8.46 27.87
CA GLY B 198 16.23 -7.03 27.62
C GLY B 198 14.97 -6.67 26.88
N ARG B 199 13.91 -6.40 27.62
CA ARG B 199 12.64 -6.02 27.04
C ARG B 199 12.81 -4.89 26.04
N GLY B 200 12.02 -4.95 24.97
CA GLY B 200 12.08 -3.94 23.92
C GLY B 200 10.68 -3.74 23.42
N GLN B 201 10.37 -2.48 23.11
CA GLN B 201 9.07 -2.11 22.53
C GLN B 201 9.35 -1.31 21.29
N ILE B 202 8.69 -1.69 20.20
CA ILE B 202 8.86 -0.91 18.96
C ILE B 202 7.54 -0.44 18.40
N MET B 203 7.64 0.42 17.39
CA MET B 203 6.52 1.00 16.67
C MET B 203 6.80 0.85 15.16
N LYS B 204 5.80 0.34 14.44
CA LYS B 204 5.85 0.22 12.99
C LYS B 204 5.09 1.39 12.38
N VAL B 205 5.76 2.20 11.59
CA VAL B 205 5.13 3.39 11.06
C VAL B 205 5.24 3.44 9.54
N ASP B 206 4.29 4.14 8.93
CA ASP B 206 4.20 4.30 7.50
C ASP B 206 4.95 5.58 7.07
N ALA B 207 6.16 5.41 6.53
CA ALA B 207 6.95 6.56 6.12
C ALA B 207 7.90 6.19 4.98
N PRO B 208 7.35 5.83 3.83
CA PRO B 208 8.24 5.20 2.83
C PRO B 208 9.35 6.09 2.26
N TRP B 209 9.32 7.40 2.57
CA TRP B 209 10.36 8.36 2.16
C TRP B 209 11.64 8.32 2.98
N MET B 210 11.64 7.55 4.07
CA MET B 210 12.86 7.35 4.82
C MET B 210 13.59 6.12 4.29
N LYS B 211 14.73 6.34 3.65
CA LYS B 211 15.55 5.27 3.07
C LYS B 211 16.86 5.15 3.85
N HIS B 212 16.91 5.76 5.04
CA HIS B 212 18.10 5.66 5.87
C HIS B 212 17.76 5.23 7.28
N PHE B 213 18.55 4.33 7.87
CA PHE B 213 18.47 4.07 9.32
C PHE B 213 19.24 5.10 10.18
N ILE B 214 18.68 5.45 11.33
CA ILE B 214 19.29 6.40 12.26
C ILE B 214 19.34 5.81 13.67
N LEU B 215 20.55 5.48 14.13
CA LEU B 215 20.77 4.92 15.48
C LEU B 215 21.50 5.91 16.39
N THR B 216 20.90 6.25 17.52
CA THR B 216 21.58 7.13 18.47
C THR B 216 22.15 6.39 19.70
N HIS B 217 23.19 6.97 20.28
CA HIS B 217 23.82 6.41 21.47
C HIS B 217 23.98 7.50 22.52
N ASP B 218 23.13 7.43 23.53
CA ASP B 218 23.13 8.34 24.67
C ASP B 218 23.52 7.49 25.87
N PRO B 219 24.68 7.76 26.49
CA PRO B 219 25.14 6.94 27.63
C PRO B 219 24.29 7.15 28.87
N GLU B 220 23.68 8.32 29.01
CA GLU B 220 22.75 8.62 30.10
C GLU B 220 21.40 7.89 29.95
N ARG B 221 21.40 6.83 29.14
CA ARG B 221 20.23 5.95 28.91
C ARG B 221 20.60 4.47 28.64
N GLY B 222 21.75 4.25 28.00
CA GLY B 222 22.29 2.91 27.81
C GLY B 222 21.90 2.27 26.50
N ILE B 223 22.68 1.25 26.11
CA ILE B 223 22.44 0.44 24.90
C ILE B 223 20.94 0.19 24.62
N TYR B 224 20.58 0.28 23.34
CA TYR B 224 19.20 0.09 22.84
C TYR B 224 18.12 0.98 23.50
N ASN B 225 18.53 1.96 24.31
CA ASN B 225 17.57 2.84 25.00
C ASN B 225 17.61 4.30 24.47
N SER B 226 18.31 4.50 23.36
CA SER B 226 18.28 5.77 22.63
C SER B 226 17.39 5.59 21.42
N PRO B 227 16.76 6.67 20.92
CA PRO B 227 15.88 6.52 19.78
C PRO B 227 16.57 5.97 18.55
N TYR B 228 15.91 5.01 17.89
CA TYR B 228 16.34 4.51 16.59
C TYR B 228 15.18 4.34 15.58
N ILE B 229 15.53 4.46 14.30
CA ILE B 229 14.61 4.51 13.17
C ILE B 229 15.18 3.60 12.11
N ILE B 230 14.54 2.47 11.89
CA ILE B 230 15.03 1.48 10.96
C ILE B 230 13.94 1.21 9.93
N PRO B 231 14.09 1.77 8.72
CA PRO B 231 13.19 1.51 7.58
C PRO B 231 13.17 0.05 7.18
N GLY B 232 12.01 -0.59 7.23
CA GLY B 232 11.88 -1.95 6.79
C GLY B 232 11.34 -1.96 5.38
N THR B 233 10.75 -3.09 4.99
CA THR B 233 10.32 -3.25 3.62
C THR B 233 8.99 -2.52 3.38
N GLN B 234 8.02 -2.71 4.27
CA GLN B 234 6.65 -2.23 4.10
C GLN B 234 6.43 -1.02 4.98
N THR B 235 7.27 -0.89 5.99
CA THR B 235 7.02 -0.03 7.11
C THR B 235 8.35 0.40 7.77
N VAL B 236 8.33 1.45 8.58
CA VAL B 236 9.54 1.92 9.29
C VAL B 236 9.45 1.53 10.79
N THR B 237 10.55 1.02 11.34
CA THR B 237 10.60 0.68 12.77
C THR B 237 11.09 1.89 13.55
N LEU B 238 10.32 2.27 14.56
CA LEU B 238 10.65 3.30 15.51
C LEU B 238 10.84 2.60 16.83
N GLY B 239 11.95 2.88 17.50
CA GLY B 239 12.23 2.26 18.79
C GLY B 239 13.19 3.04 19.67
N GLY B 240 13.60 2.40 20.77
CA GLY B 240 14.53 2.97 21.74
C GLY B 240 14.18 2.54 23.15
N ILE B 241 13.89 1.25 23.35
CA ILE B 241 13.49 0.74 24.66
C ILE B 241 14.23 -0.54 25.02
N PHE B 242 14.94 -0.47 26.15
CA PHE B 242 15.72 -1.59 26.68
C PHE B 242 15.57 -1.66 28.20
N GLN B 243 15.09 -2.79 28.71
CA GLN B 243 14.77 -2.92 30.12
C GLN B 243 15.18 -4.29 30.62
N LEU B 244 16.36 -4.36 31.24
CA LEU B 244 16.88 -5.66 31.75
C LEU B 244 16.04 -6.13 32.89
N GLY B 245 15.54 -7.36 32.76
CA GLY B 245 14.79 -8.01 33.81
C GLY B 245 13.28 -7.97 33.69
N ASN B 246 12.76 -7.10 32.81
CA ASN B 246 11.31 -6.94 32.66
C ASN B 246 10.66 -7.97 31.75
N TRP B 247 9.77 -8.79 32.30
CA TRP B 247 9.12 -9.82 31.52
C TRP B 247 7.70 -9.45 31.13
N SER B 248 7.40 -8.17 31.00
CA SER B 248 6.03 -7.79 30.66
C SER B 248 5.83 -7.82 29.14
N GLU B 249 5.17 -8.87 28.66
CA GLU B 249 4.95 -9.01 27.23
C GLU B 249 3.67 -8.30 26.84
N LEU B 250 3.70 -6.97 26.95
CA LEU B 250 2.54 -6.10 26.82
C LEU B 250 3.05 -4.71 26.52
N ASN B 251 2.42 -4.02 25.58
CA ASN B 251 2.79 -2.64 25.29
C ASN B 251 2.44 -1.69 26.40
N ASN B 252 3.28 -0.68 26.51
CA ASN B 252 3.28 0.25 27.59
C ASN B 252 3.03 1.63 26.98
N ILE B 253 1.92 2.26 27.36
CA ILE B 253 1.60 3.64 26.92
C ILE B 253 2.75 4.61 27.21
N GLN B 254 3.47 4.37 28.30
CA GLN B 254 4.58 5.22 28.65
C GLN B 254 5.79 4.96 27.76
N ASP B 255 6.01 3.69 27.35
CA ASP B 255 7.11 3.34 26.44
C ASP B 255 6.89 3.89 25.00
N HIS B 256 5.63 3.84 24.57
CA HIS B 256 5.14 4.50 23.35
C HIS B 256 5.54 5.99 23.27
N ASN B 257 5.05 6.81 24.19
CA ASN B 257 5.44 8.22 24.26
C ASN B 257 6.93 8.42 24.08
N THR B 258 7.72 7.62 24.78
CA THR B 258 9.19 7.68 24.72
C THR B 258 9.72 7.42 23.32
N ILE B 259 9.25 6.32 22.71
CA ILE B 259 9.52 6.04 21.30
C ILE B 259 9.18 7.26 20.42
N TRP B 260 7.93 7.72 20.52
CA TRP B 260 7.41 8.71 19.58
C TRP B 260 8.04 10.11 19.71
N GLU B 261 8.38 10.51 20.94
CA GLU B 261 9.03 11.79 21.15
C GLU B 261 10.47 11.71 20.71
N GLY B 262 11.16 10.67 21.14
CA GLY B 262 12.55 10.47 20.80
C GLY B 262 12.81 10.44 19.32
N CYS B 263 11.84 9.91 18.56
CA CYS B 263 12.02 9.70 17.14
C CYS B 263 11.61 10.93 16.35
N CYS B 264 10.60 11.62 16.82
CA CYS B 264 10.21 12.87 16.17
C CYS B 264 11.30 13.93 16.29
N ARG B 265 12.00 13.96 17.41
CA ARG B 265 13.07 14.94 17.60
C ARG B 265 14.28 14.58 16.75
N LEU B 266 14.42 13.28 16.46
CA LEU B 266 15.56 12.82 15.69
C LEU B 266 15.32 13.12 14.21
N GLU B 267 14.05 13.14 13.85
CA GLU B 267 13.62 13.30 12.48
C GLU B 267 12.20 13.82 12.49
N PRO B 268 12.06 15.13 12.32
CA PRO B 268 10.73 15.73 12.43
C PRO B 268 9.73 15.34 11.33
N THR B 269 10.21 14.79 10.22
CA THR B 269 9.30 14.43 9.15
C THR B 269 8.38 13.33 9.61
N LEU B 270 8.80 12.68 10.70
CA LEU B 270 8.09 11.54 11.28
C LEU B 270 6.82 11.92 12.00
N LYS B 271 6.62 13.21 12.22
CA LYS B 271 5.48 13.66 13.01
C LYS B 271 4.17 13.44 12.25
N ASN B 272 4.24 13.50 10.92
CA ASN B 272 3.06 13.28 10.06
C ASN B 272 3.14 11.93 9.39
N ALA B 273 3.48 10.90 10.18
CA ALA B 273 3.55 9.53 9.68
C ALA B 273 2.51 8.69 10.39
N ARG B 274 1.90 7.75 9.65
CA ARG B 274 0.83 6.91 10.18
C ARG B 274 1.31 5.69 10.99
N ILE B 275 0.77 5.53 12.20
CA ILE B 275 1.17 4.45 13.12
C ILE B 275 0.42 3.16 12.79
N ILE B 276 1.12 2.20 12.21
CA ILE B 276 0.52 1.01 11.67
C ILE B 276 0.46 -0.08 12.72
N GLY B 277 1.53 -0.26 13.46
CA GLY B 277 1.57 -1.30 14.48
C GLY B 277 2.57 -1.06 15.60
N GLU B 278 2.43 -1.85 16.65
CA GLU B 278 3.28 -1.75 17.83
C GLU B 278 3.48 -3.13 18.45
N ARG B 279 4.71 -3.45 18.90
CA ARG B 279 5.05 -4.78 19.44
C ARG B 279 6.09 -4.72 20.57
N THR B 280 6.08 -5.74 21.43
CA THR B 280 7.04 -5.87 22.55
C THR B 280 7.79 -7.19 22.34
N GLY B 281 8.99 -7.32 22.90
CA GLY B 281 9.77 -8.54 22.77
C GLY B 281 10.93 -8.48 23.76
N PHE B 282 11.58 -9.62 23.96
CA PHE B 282 12.68 -9.71 24.91
C PHE B 282 13.95 -10.15 24.21
N ARG B 283 14.92 -9.25 24.12
CA ARG B 283 16.27 -9.58 23.69
C ARG B 283 16.85 -10.58 24.67
N PRO B 284 17.28 -11.78 24.20
CA PRO B 284 17.87 -12.82 25.06
C PRO B 284 19.28 -12.46 25.55
N VAL B 285 19.33 -11.52 26.49
CA VAL B 285 20.56 -10.90 26.97
C VAL B 285 21.41 -11.85 27.79
N ARG B 286 22.67 -11.98 27.44
CA ARG B 286 23.61 -12.84 28.16
C ARG B 286 25.04 -12.36 27.95
N PRO B 287 25.83 -12.27 29.04
CA PRO B 287 27.23 -11.80 28.93
C PRO B 287 27.93 -12.29 27.66
N GLN B 288 27.65 -13.51 27.24
CA GLN B 288 28.06 -14.00 25.94
C GLN B 288 27.08 -15.07 25.46
N ILE B 289 27.18 -15.47 24.20
CA ILE B 289 26.30 -16.50 23.69
C ILE B 289 26.75 -17.83 24.21
N ARG B 290 25.80 -18.66 24.62
CA ARG B 290 26.11 -20.05 24.96
C ARG B 290 25.97 -20.87 23.70
N LEU B 291 27.09 -21.42 23.25
CA LEU B 291 27.09 -22.26 22.09
C LEU B 291 28.12 -23.35 22.32
N GLU B 292 27.63 -24.52 22.69
CA GLU B 292 28.47 -25.59 23.20
C GLU B 292 27.67 -26.84 23.43
N ARG B 293 28.39 -27.93 23.71
CA ARG B 293 27.79 -29.22 23.97
C ARG B 293 27.50 -29.39 25.45
N GLU B 294 26.77 -30.45 25.78
CA GLU B 294 26.52 -30.86 27.16
C GLU B 294 25.95 -32.25 27.12
N GLN B 295 26.64 -33.19 27.78
CA GLN B 295 26.16 -34.56 27.90
C GLN B 295 25.11 -34.64 29.00
N LEU B 296 23.97 -35.23 28.66
CA LEU B 296 22.87 -35.40 29.59
C LEU B 296 22.90 -36.83 30.07
N ARG B 297 23.10 -37.02 31.37
CA ARG B 297 23.06 -38.36 31.96
C ARG B 297 21.62 -38.74 32.19
N THR B 298 21.07 -39.47 31.24
CA THR B 298 19.66 -39.82 31.24
C THR B 298 19.46 -41.28 31.64
N GLY B 299 20.55 -42.05 31.68
CA GLY B 299 20.47 -43.41 32.15
C GLY B 299 21.53 -44.35 31.62
N PRO B 300 21.10 -45.38 30.86
CA PRO B 300 22.05 -46.42 30.40
C PRO B 300 23.10 -45.78 29.49
N SER B 301 22.71 -44.68 28.85
CA SER B 301 23.53 -43.93 27.92
C SER B 301 23.24 -42.42 28.05
N ASN B 302 24.12 -41.61 27.48
CA ASN B 302 23.89 -40.18 27.44
C ASN B 302 23.12 -39.76 26.18
N THR B 303 22.40 -38.66 26.29
CA THR B 303 21.88 -37.98 25.12
C THR B 303 22.65 -36.67 24.95
N GLU B 304 22.99 -36.36 23.70
CA GLU B 304 23.72 -35.14 23.40
C GLU B 304 22.85 -33.89 23.36
N VAL B 305 23.32 -32.81 23.98
CA VAL B 305 22.64 -31.52 23.96
C VAL B 305 23.53 -30.38 23.38
N ILE B 306 23.10 -29.76 22.28
CA ILE B 306 23.79 -28.55 21.78
C ILE B 306 22.97 -27.30 22.13
N HIS B 307 23.52 -26.45 23.01
CA HIS B 307 22.93 -25.14 23.36
C HIS B 307 23.44 -24.05 22.41
N ASN B 308 22.52 -23.14 22.05
CA ASN B 308 22.71 -22.09 21.06
C ASN B 308 21.61 -21.10 21.39
N TYR B 309 21.88 -20.25 22.37
CA TYR B 309 20.96 -19.24 22.85
C TYR B 309 21.67 -18.08 23.54
N GLY B 310 20.91 -17.03 23.82
CA GLY B 310 21.42 -15.83 24.45
C GLY B 310 22.07 -14.88 23.47
N HIS B 311 21.30 -14.40 22.50
CA HIS B 311 21.84 -13.56 21.42
C HIS B 311 21.48 -12.08 21.57
N GLY B 312 20.91 -11.73 22.72
CA GLY B 312 20.56 -10.35 23.00
C GLY B 312 19.95 -9.64 21.82
N GLY B 313 20.51 -8.50 21.47
CA GLY B 313 19.97 -7.67 20.39
C GLY B 313 20.56 -7.93 19.01
N TYR B 314 21.23 -9.05 18.83
CA TYR B 314 21.92 -9.28 17.55
C TYR B 314 21.82 -10.70 16.96
N GLY B 315 20.74 -11.41 17.30
CA GLY B 315 20.47 -12.71 16.77
C GLY B 315 20.50 -12.75 15.25
N LEU B 316 19.67 -11.93 14.60
CA LEU B 316 19.71 -11.84 13.13
C LEU B 316 21.11 -11.53 12.62
N THR B 317 21.73 -10.50 13.17
CA THR B 317 23.09 -10.10 12.83
C THR B 317 24.10 -11.26 12.83
N ILE B 318 23.86 -12.26 13.70
CA ILE B 318 24.84 -13.32 13.97
C ILE B 318 24.35 -14.72 13.63
N HIS B 319 23.05 -14.89 13.42
CA HIS B 319 22.46 -16.22 13.36
C HIS B 319 23.24 -17.23 12.49
N TRP B 320 23.81 -16.78 11.38
CA TRP B 320 24.41 -17.74 10.41
C TRP B 320 25.74 -18.25 10.92
N GLY B 321 26.46 -17.38 11.61
CA GLY B 321 27.68 -17.76 12.32
C GLY B 321 27.46 -18.85 13.36
N CYS B 322 26.38 -18.71 14.15
CA CYS B 322 26.08 -19.66 15.20
C CYS B 322 25.62 -21.00 14.66
N ALA B 323 24.90 -20.98 13.52
CA ALA B 323 24.31 -22.19 12.94
C ALA B 323 25.37 -23.07 12.29
N LEU B 324 26.43 -22.45 11.76
CA LEU B 324 27.54 -23.17 11.15
C LEU B 324 28.33 -23.88 12.25
N GLU B 325 28.44 -23.18 13.37
CA GLU B 325 29.19 -23.62 14.53
C GLU B 325 28.46 -24.75 15.24
N ALA B 326 27.16 -24.87 15.02
CA ALA B 326 26.39 -25.85 15.72
C ALA B 326 26.35 -27.14 14.93
N ALA B 327 26.35 -27.00 13.60
CA ALA B 327 26.45 -28.14 12.70
C ALA B 327 27.84 -28.75 12.86
N LYS B 328 28.79 -27.90 13.22
CA LYS B 328 30.14 -28.33 13.46
C LYS B 328 30.13 -29.22 14.70
N LEU B 329 29.62 -28.68 15.81
CA LEU B 329 29.55 -29.45 17.06
C LEU B 329 28.68 -30.70 16.89
N PHE B 330 27.67 -30.62 16.02
CA PHE B 330 26.95 -31.82 15.62
C PHE B 330 27.87 -32.87 14.97
N GLY B 331 28.91 -32.40 14.30
CA GLY B 331 29.88 -33.28 13.64
C GLY B 331 30.74 -34.01 14.65
N ARG B 332 31.39 -33.25 15.54
CA ARG B 332 32.22 -33.84 16.57
C ARG B 332 31.52 -35.07 17.13
N ILE B 333 30.30 -34.86 17.62
CA ILE B 333 29.40 -35.91 18.08
C ILE B 333 29.47 -37.15 17.19
N LEU B 334 29.27 -36.97 15.89
CA LEU B 334 29.22 -38.08 14.94
C LEU B 334 30.49 -38.91 14.89
N GLU B 335 31.65 -38.25 14.93
CA GLU B 335 32.92 -38.95 14.84
C GLU B 335 33.17 -39.81 16.08
N GLU B 336 33.11 -39.19 17.26
CA GLU B 336 33.25 -39.87 18.56
C GLU B 336 32.30 -41.06 18.69
N LYS B 337 31.04 -40.84 18.36
CA LYS B 337 30.03 -41.89 18.36
C LYS B 337 30.17 -42.89 17.19
N LYS B 338 31.37 -42.97 16.62
CA LYS B 338 31.65 -43.86 15.47
C LYS B 338 30.50 -43.90 14.44
N LEU B 339 30.31 -42.78 13.72
CA LEU B 339 29.25 -42.70 12.70
C LEU B 339 29.53 -41.66 11.60
N SER B 340 30.75 -41.11 11.57
CA SER B 340 31.19 -40.13 10.56
C SER B 340 31.11 -40.66 9.12
N MET C 1 -14.54 -2.20 45.58
CA MET C 1 -14.62 -3.65 45.26
C MET C 1 -13.64 -3.97 44.15
N ARG C 2 -12.56 -4.67 44.50
CA ARG C 2 -11.49 -4.99 43.54
C ARG C 2 -12.01 -6.02 42.54
N VAL C 3 -12.08 -5.61 41.26
CA VAL C 3 -12.55 -6.48 40.15
C VAL C 3 -11.37 -6.93 39.26
N VAL C 4 -11.34 -8.22 38.91
CA VAL C 4 -10.30 -8.77 38.03
C VAL C 4 -10.87 -9.53 36.83
N VAL C 5 -10.45 -9.11 35.63
CA VAL C 5 -10.82 -9.78 34.38
C VAL C 5 -9.64 -10.62 33.84
N ILE C 6 -9.87 -11.91 33.60
CA ILE C 6 -8.79 -12.73 33.06
C ILE C 6 -9.09 -12.97 31.60
N GLY C 7 -8.22 -12.47 30.71
CA GLY C 7 -8.44 -12.52 29.27
C GLY C 7 -8.50 -11.15 28.61
N ALA C 8 -7.60 -10.91 27.66
CA ALA C 8 -7.52 -9.64 26.96
C ALA C 8 -7.96 -9.78 25.52
N GLY C 9 -8.76 -10.83 25.27
CA GLY C 9 -9.47 -10.99 23.99
C GLY C 9 -10.68 -10.05 23.91
N VAL C 10 -11.54 -10.28 22.92
CA VAL C 10 -12.64 -9.37 22.72
C VAL C 10 -13.66 -9.53 23.85
N ILE C 11 -13.84 -10.76 24.32
CA ILE C 11 -14.79 -11.04 25.37
C ILE C 11 -14.33 -10.41 26.68
N GLY C 12 -13.07 -10.68 27.04
CA GLY C 12 -12.41 -9.99 28.16
C GLY C 12 -12.50 -8.47 28.14
N LEU C 13 -11.82 -7.85 27.18
CA LEU C 13 -11.77 -6.38 27.07
C LEU C 13 -13.11 -5.63 26.96
N SER C 14 -14.06 -6.22 26.23
CA SER C 14 -15.40 -5.64 26.10
C SER C 14 -16.16 -5.65 27.43
N THR C 15 -16.12 -6.80 28.12
CA THR C 15 -16.69 -6.91 29.45
C THR C 15 -16.15 -5.83 30.38
N ALA C 16 -14.82 -5.81 30.55
CA ALA C 16 -14.18 -4.78 31.35
C ALA C 16 -14.58 -3.36 30.94
N LEU C 17 -15.26 -3.21 29.80
CA LEU C 17 -15.73 -1.88 29.41
C LEU C 17 -17.14 -1.62 29.84
N CYS C 18 -18.04 -2.55 29.56
CA CYS C 18 -19.41 -2.40 29.99
C CYS C 18 -19.51 -2.30 31.51
N ILE C 19 -18.81 -3.17 32.23
CA ILE C 19 -18.81 -3.13 33.71
C ILE C 19 -18.31 -1.77 34.22
N HIS C 20 -17.14 -1.35 33.76
CA HIS C 20 -16.59 -0.08 34.22
C HIS C 20 -17.45 1.14 33.96
N GLU C 21 -17.81 1.39 32.69
CA GLU C 21 -18.58 2.61 32.37
C GLU C 21 -20.06 2.51 32.78
N ARG C 22 -20.40 1.43 33.48
CA ARG C 22 -21.74 1.28 34.03
C ARG C 22 -21.80 1.29 35.57
N TYR C 23 -20.63 1.37 36.23
CA TYR C 23 -20.57 1.23 37.69
C TYR C 23 -19.49 2.05 38.41
N HIS C 24 -18.63 2.74 37.67
CA HIS C 24 -17.50 3.49 38.27
C HIS C 24 -17.90 4.75 39.04
N SER C 25 -19.15 5.19 38.84
CA SER C 25 -19.73 6.36 39.49
C SER C 25 -20.63 6.02 40.70
N VAL C 26 -21.36 4.90 40.62
CA VAL C 26 -22.11 4.39 41.79
C VAL C 26 -21.21 3.59 42.74
N LEU C 27 -20.09 3.08 42.23
CA LEU C 27 -19.11 2.40 43.06
C LEU C 27 -17.85 3.25 43.22
N GLN C 28 -17.93 4.11 44.22
CA GLN C 28 -16.88 5.04 44.62
C GLN C 28 -15.48 4.42 44.74
N PRO C 29 -15.34 3.28 45.46
CA PRO C 29 -13.99 2.69 45.47
C PRO C 29 -13.68 1.61 44.40
N LEU C 30 -14.19 1.78 43.16
CA LEU C 30 -14.10 0.76 42.09
C LEU C 30 -12.72 0.63 41.47
N ASP C 31 -12.23 -0.62 41.40
CA ASP C 31 -10.90 -0.91 40.90
C ASP C 31 -10.93 -2.16 40.02
N ILE C 32 -10.60 -1.98 38.75
CA ILE C 32 -10.55 -3.08 37.79
C ILE C 32 -9.12 -3.37 37.36
N LYS C 33 -8.83 -4.65 37.17
CA LYS C 33 -7.53 -5.10 36.68
C LYS C 33 -7.74 -6.25 35.69
N VAL C 34 -7.06 -6.16 34.55
CA VAL C 34 -7.09 -7.22 33.55
C VAL C 34 -5.80 -8.03 33.63
N TYR C 35 -5.95 -9.34 33.80
CA TYR C 35 -4.81 -10.24 33.67
C TYR C 35 -4.94 -11.07 32.38
N ALA C 36 -3.89 -11.05 31.57
CA ALA C 36 -3.82 -11.92 30.41
C ALA C 36 -2.42 -12.45 30.19
N ASP C 37 -2.35 -13.68 29.67
CA ASP C 37 -1.09 -14.31 29.30
C ASP C 37 -0.67 -13.86 27.89
N ARG C 38 -1.64 -13.51 27.06
CA ARG C 38 -1.36 -13.00 25.71
C ARG C 38 -2.12 -11.71 25.43
N PHE C 39 -1.51 -10.76 24.73
CA PHE C 39 -2.20 -9.48 24.48
C PHE C 39 -2.44 -9.15 23.01
N THR C 40 -2.81 -7.88 22.79
CA THR C 40 -3.37 -7.31 21.54
C THR C 40 -2.98 -7.88 20.18
N PRO C 41 -1.70 -8.20 19.96
CA PRO C 41 -1.36 -8.90 18.70
C PRO C 41 -1.57 -10.43 18.68
N LEU C 42 -1.54 -11.08 19.83
CA LEU C 42 -1.40 -12.53 19.89
C LEU C 42 -2.63 -13.30 20.39
N THR C 43 -3.78 -12.64 20.37
CA THR C 43 -5.01 -13.32 20.78
C THR C 43 -5.74 -13.90 19.58
N THR C 44 -6.50 -14.96 19.83
CA THR C 44 -7.45 -15.53 18.87
C THR C 44 -8.31 -14.46 18.18
N THR C 45 -8.66 -13.42 18.94
CA THR C 45 -9.42 -12.29 18.41
C THR C 45 -8.65 -11.64 17.27
N ASP C 46 -7.34 -11.78 17.28
CA ASP C 46 -6.54 -11.14 16.25
C ASP C 46 -6.56 -11.84 14.93
N VAL C 47 -6.83 -13.14 14.96
CA VAL C 47 -6.80 -13.98 13.78
C VAL C 47 -8.14 -13.88 13.08
N ALA C 48 -9.19 -13.58 13.84
CA ALA C 48 -10.52 -13.49 13.29
C ALA C 48 -10.66 -12.38 12.23
N ALA C 49 -11.45 -12.65 11.19
CA ALA C 49 -11.82 -11.63 10.19
C ALA C 49 -12.77 -10.57 10.78
N GLY C 50 -13.73 -10.99 11.59
CA GLY C 50 -14.62 -10.05 12.24
C GLY C 50 -15.95 -9.84 11.54
N LEU C 51 -16.33 -10.78 10.68
CA LEU C 51 -17.59 -10.74 9.96
C LEU C 51 -18.74 -11.10 10.86
N TRP C 52 -19.75 -10.22 10.90
CA TRP C 52 -20.94 -10.48 11.72
C TRP C 52 -21.82 -11.51 11.03
N GLN C 53 -21.90 -12.69 11.61
CA GLN C 53 -22.76 -13.78 11.11
C GLN C 53 -22.77 -14.99 12.05
N PRO C 54 -23.93 -15.25 12.70
CA PRO C 54 -24.06 -16.41 13.60
C PRO C 54 -24.17 -17.70 12.81
N TYR C 55 -24.18 -18.83 13.51
CA TYR C 55 -24.42 -20.15 12.90
C TYR C 55 -25.72 -20.08 12.11
N LEU C 56 -25.81 -20.89 11.05
CA LEU C 56 -27.02 -20.89 10.25
C LEU C 56 -28.17 -21.48 11.06
N SER C 57 -27.91 -22.63 11.72
CA SER C 57 -28.91 -23.32 12.54
C SER C 57 -29.28 -22.53 13.80
N ASP C 58 -30.58 -22.38 14.03
CA ASP C 58 -31.08 -21.64 15.21
C ASP C 58 -30.55 -22.19 16.55
N PRO C 59 -29.98 -21.31 17.39
CA PRO C 59 -29.33 -21.69 18.66
C PRO C 59 -30.17 -22.63 19.53
N ASN C 60 -29.48 -23.56 20.21
CA ASN C 60 -30.08 -24.45 21.20
C ASN C 60 -30.60 -23.60 22.35
N ASN C 61 -29.81 -22.58 22.67
CA ASN C 61 -30.19 -21.56 23.63
C ASN C 61 -30.58 -20.29 22.85
N PRO C 62 -31.84 -19.83 22.99
CA PRO C 62 -32.27 -18.67 22.21
C PRO C 62 -31.69 -17.35 22.73
N GLN C 63 -31.04 -17.41 23.90
CA GLN C 63 -30.41 -16.26 24.50
C GLN C 63 -29.34 -15.68 23.58
N GLU C 64 -28.60 -16.54 22.89
CA GLU C 64 -27.51 -16.11 22.01
C GLU C 64 -28.05 -15.30 20.84
N ALA C 65 -29.08 -15.84 20.20
CA ALA C 65 -29.77 -15.16 19.09
C ALA C 65 -30.05 -13.69 19.39
N ASP C 66 -30.16 -13.35 20.67
CA ASP C 66 -30.36 -11.95 21.07
C ASP C 66 -29.06 -11.18 21.16
N TRP C 67 -28.08 -11.73 21.86
CA TRP C 67 -26.84 -10.99 22.11
C TRP C 67 -26.17 -10.58 20.81
N SER C 68 -26.37 -11.39 19.77
CA SER C 68 -25.90 -11.10 18.43
C SER C 68 -26.63 -9.90 17.88
N GLN C 69 -27.96 -9.93 17.96
CA GLN C 69 -28.85 -8.81 17.63
C GLN C 69 -28.43 -7.49 18.30
N GLN C 70 -28.16 -7.54 19.60
CA GLN C 70 -27.78 -6.31 20.33
C GLN C 70 -26.47 -5.80 19.76
N THR C 71 -25.56 -6.74 19.52
CA THR C 71 -24.22 -6.42 19.03
C THR C 71 -24.32 -5.76 17.66
N PHE C 72 -25.03 -6.40 16.75
CA PHE C 72 -25.23 -5.85 15.41
C PHE C 72 -25.78 -4.43 15.42
N ASP C 73 -26.84 -4.20 16.20
CA ASP C 73 -27.47 -2.88 16.30
C ASP C 73 -26.54 -1.86 16.94
N TYR C 74 -25.83 -2.30 17.97
CA TYR C 74 -24.84 -1.46 18.61
C TYR C 74 -23.83 -1.00 17.60
N LEU C 75 -23.30 -1.96 16.83
CA LEU C 75 -22.27 -1.67 15.83
C LEU C 75 -22.82 -0.79 14.71
N LEU C 76 -23.91 -1.22 14.10
CA LEU C 76 -24.55 -0.49 13.00
C LEU C 76 -24.90 0.98 13.33
N SER C 77 -25.03 1.32 14.62
CA SER C 77 -25.34 2.69 15.01
C SER C 77 -24.09 3.55 15.04
N HIS C 78 -22.94 2.88 15.02
CA HIS C 78 -21.64 3.54 15.14
C HIS C 78 -20.82 3.45 13.85
N VAL C 79 -21.38 2.81 12.84
CA VAL C 79 -20.66 2.60 11.58
C VAL C 79 -20.31 3.93 10.92
N HIS C 80 -21.12 4.95 11.13
CA HIS C 80 -20.82 6.24 10.57
C HIS C 80 -20.16 7.17 11.59
N SER C 81 -19.97 6.66 12.79
CA SER C 81 -19.40 7.43 13.90
C SER C 81 -17.99 7.91 13.54
N PRO C 82 -17.54 9.03 14.12
CA PRO C 82 -16.19 9.56 13.79
C PRO C 82 -15.02 8.55 13.96
N ASN C 83 -15.07 7.71 14.99
CA ASN C 83 -13.98 6.78 15.26
C ASN C 83 -14.25 5.35 14.74
N ALA C 84 -15.15 5.24 13.77
CA ALA C 84 -15.50 3.93 13.21
C ALA C 84 -14.29 3.17 12.68
N GLU C 85 -13.30 3.92 12.18
CA GLU C 85 -12.10 3.37 11.54
C GLU C 85 -11.19 2.74 12.58
N ASN C 86 -10.98 3.47 13.68
CA ASN C 86 -10.22 2.97 14.82
C ASN C 86 -10.77 1.68 15.38
N LEU C 87 -12.09 1.56 15.41
CA LEU C 87 -12.76 0.36 15.88
C LEU C 87 -12.54 -0.77 14.89
N GLY C 88 -12.24 -0.40 13.64
CA GLY C 88 -12.10 -1.34 12.55
C GLY C 88 -13.44 -1.76 12.02
N LEU C 89 -14.42 -0.84 12.07
CA LEU C 89 -15.81 -1.09 11.69
C LEU C 89 -16.16 -0.57 10.28
N PHE C 90 -16.90 -1.37 9.51
CA PHE C 90 -17.37 -0.97 8.17
C PHE C 90 -18.37 -1.95 7.59
N LEU C 91 -19.15 -1.51 6.60
CA LEU C 91 -20.23 -2.36 6.03
C LEU C 91 -19.70 -3.16 4.87
N ILE C 92 -20.29 -4.31 4.60
CA ILE C 92 -19.83 -5.15 3.50
C ILE C 92 -20.96 -6.10 3.15
N SER C 93 -21.25 -6.23 1.86
CA SER C 93 -22.26 -7.15 1.37
C SER C 93 -21.61 -8.38 0.80
N GLY C 94 -22.32 -9.50 0.75
CA GLY C 94 -21.70 -10.70 0.25
C GLY C 94 -22.61 -11.87 -0.07
N TYR C 95 -21.98 -13.02 -0.33
CA TYR C 95 -22.67 -14.16 -0.87
C TYR C 95 -22.53 -15.31 0.11
N ASN C 96 -23.64 -15.99 0.35
CA ASN C 96 -23.64 -17.24 1.07
C ASN C 96 -24.08 -18.31 0.09
N LEU C 97 -23.22 -19.27 -0.20
CA LEU C 97 -23.49 -20.18 -1.29
C LEU C 97 -23.82 -21.57 -0.80
N PHE C 98 -24.78 -22.22 -1.44
CA PHE C 98 -25.23 -23.58 -1.08
C PHE C 98 -25.35 -24.46 -2.33
N HIS C 99 -25.32 -25.78 -2.14
CA HIS C 99 -25.61 -26.73 -3.23
C HIS C 99 -27.08 -26.86 -3.63
N GLU C 100 -27.99 -26.73 -2.65
CA GLU C 100 -29.42 -26.98 -2.85
C GLU C 100 -30.20 -26.02 -2.01
N ALA C 101 -31.46 -25.82 -2.39
CA ALA C 101 -32.36 -24.98 -1.63
C ALA C 101 -32.24 -25.33 -0.14
N ILE C 102 -32.35 -24.32 0.72
CA ILE C 102 -32.07 -24.50 2.15
C ILE C 102 -32.93 -23.51 2.94
N PRO C 103 -33.29 -23.85 4.19
CA PRO C 103 -34.12 -22.91 5.00
C PRO C 103 -33.41 -21.57 5.26
N ASP C 104 -34.16 -20.54 5.62
CA ASP C 104 -33.58 -19.25 5.96
C ASP C 104 -32.97 -19.20 7.35
N PRO C 105 -31.99 -18.31 7.58
CA PRO C 105 -31.40 -18.22 8.91
C PRO C 105 -32.28 -17.41 9.85
N SER C 106 -32.12 -17.66 11.15
CA SER C 106 -32.81 -16.94 12.22
C SER C 106 -32.51 -15.44 12.23
N TRP C 107 -31.30 -15.09 11.79
CA TRP C 107 -30.87 -13.70 11.71
C TRP C 107 -31.23 -13.03 10.40
N LYS C 108 -32.06 -13.68 9.58
CA LYS C 108 -32.41 -13.17 8.25
C LYS C 108 -32.99 -11.75 8.24
N ASP C 109 -33.52 -11.31 9.36
CA ASP C 109 -34.05 -9.94 9.47
C ASP C 109 -33.16 -9.01 10.28
N THR C 110 -32.09 -9.55 10.84
CA THR C 110 -31.14 -8.77 11.61
C THR C 110 -30.24 -7.91 10.70
N VAL C 111 -29.62 -8.58 9.73
CA VAL C 111 -28.76 -7.95 8.72
C VAL C 111 -29.60 -7.08 7.79
N LEU C 112 -28.93 -6.36 6.88
CA LEU C 112 -29.55 -5.42 5.94
C LEU C 112 -29.78 -6.03 4.56
N GLY C 113 -30.96 -5.76 4.01
CA GLY C 113 -31.36 -6.22 2.69
C GLY C 113 -31.09 -7.69 2.39
N PHE C 114 -31.49 -8.58 3.29
CA PHE C 114 -31.39 -10.01 3.03
C PHE C 114 -32.22 -10.39 1.79
N ARG C 115 -31.81 -11.44 1.09
CA ARG C 115 -32.47 -11.88 -0.16
C ARG C 115 -31.80 -13.13 -0.74
N LYS C 116 -32.50 -13.75 -1.70
CA LYS C 116 -31.98 -14.90 -2.39
C LYS C 116 -31.19 -14.48 -3.62
N LEU C 117 -30.26 -15.34 -4.01
CA LEU C 117 -29.50 -15.16 -5.22
C LEU C 117 -30.38 -15.38 -6.45
N THR C 118 -30.30 -14.46 -7.39
CA THR C 118 -31.00 -14.57 -8.66
C THR C 118 -30.17 -15.49 -9.59
N PRO C 119 -30.78 -16.08 -10.63
CA PRO C 119 -30.09 -17.11 -11.43
C PRO C 119 -28.70 -16.72 -11.98
N ARG C 120 -28.58 -15.48 -12.46
CA ARG C 120 -27.37 -14.99 -13.10
C ARG C 120 -26.19 -14.97 -12.12
N GLU C 121 -26.47 -14.49 -10.91
CA GLU C 121 -25.50 -14.49 -9.81
C GLU C 121 -24.95 -15.88 -9.53
N LEU C 122 -25.82 -16.89 -9.56
CA LEU C 122 -25.45 -18.28 -9.34
C LEU C 122 -24.58 -18.85 -10.47
N ASP C 123 -24.60 -18.22 -11.64
CA ASP C 123 -23.69 -18.63 -12.73
C ASP C 123 -22.25 -18.13 -12.53
N MET C 124 -22.09 -17.08 -11.73
CA MET C 124 -20.77 -16.68 -11.28
C MET C 124 -20.09 -17.74 -10.39
N PHE C 125 -20.86 -18.76 -10.00
CA PHE C 125 -20.37 -19.84 -9.13
C PHE C 125 -20.85 -21.24 -9.56
N PRO C 126 -20.19 -21.83 -10.58
CA PRO C 126 -20.53 -23.17 -11.06
C PRO C 126 -20.84 -24.23 -9.97
N ASP C 127 -20.00 -24.34 -8.94
CA ASP C 127 -20.13 -25.39 -7.92
C ASP C 127 -21.33 -25.24 -6.99
N TYR C 128 -22.09 -24.15 -7.06
CA TYR C 128 -23.19 -23.90 -6.13
C TYR C 128 -24.44 -23.49 -6.89
N GLY C 129 -25.60 -23.97 -6.42
CA GLY C 129 -26.87 -23.73 -7.11
C GLY C 129 -27.91 -23.01 -6.25
N TYR C 130 -27.57 -22.70 -5.02
CA TYR C 130 -28.50 -21.94 -4.20
C TYR C 130 -27.74 -20.99 -3.30
N GLY C 131 -28.35 -19.88 -2.92
CA GLY C 131 -27.69 -18.97 -1.97
C GLY C 131 -28.37 -17.72 -1.50
N TRP C 132 -27.72 -17.03 -0.57
CA TRP C 132 -28.21 -15.74 -0.01
C TRP C 132 -27.32 -14.56 -0.37
N PHE C 133 -27.86 -13.36 -0.16
CA PHE C 133 -27.10 -12.14 -0.36
C PHE C 133 -27.60 -11.12 0.61
N HIS C 134 -26.71 -10.57 1.43
CA HIS C 134 -27.09 -9.50 2.33
C HIS C 134 -25.90 -8.61 2.60
N THR C 135 -26.15 -7.48 3.24
CA THR C 135 -25.12 -6.62 3.77
C THR C 135 -24.95 -6.88 5.26
N SER C 136 -23.69 -7.05 5.67
CA SER C 136 -23.34 -7.29 7.06
C SER C 136 -22.26 -6.30 7.49
N LEU C 137 -21.62 -6.60 8.64
CA LEU C 137 -20.53 -5.78 9.19
C LEU C 137 -19.22 -6.55 9.41
N ILE C 138 -18.14 -5.80 9.56
CA ILE C 138 -16.87 -6.35 9.96
C ILE C 138 -16.22 -5.49 11.04
N LEU C 139 -15.87 -6.17 12.14
CA LEU C 139 -15.14 -5.57 13.24
C LEU C 139 -13.79 -6.30 13.38
N GLU C 140 -12.81 -5.85 12.60
CA GLU C 140 -11.48 -6.43 12.62
C GLU C 140 -10.93 -6.37 14.04
N GLY C 141 -10.52 -7.56 14.51
CA GLY C 141 -10.06 -7.76 15.88
C GLY C 141 -8.94 -6.85 16.29
N LYS C 142 -7.84 -6.89 15.52
CA LYS C 142 -6.62 -6.15 15.83
C LYS C 142 -6.89 -4.69 16.19
N ASN C 143 -7.75 -4.03 15.41
CA ASN C 143 -8.09 -2.64 15.62
C ASN C 143 -9.03 -2.46 16.81
N TYR C 144 -9.98 -3.38 16.93
CA TYR C 144 -11.00 -3.29 17.97
C TYR C 144 -10.37 -3.56 19.31
N LEU C 145 -9.48 -4.54 19.36
CA LEU C 145 -8.71 -4.78 20.55
C LEU C 145 -7.87 -3.55 20.93
N GLN C 146 -7.34 -2.86 19.93
CA GLN C 146 -6.47 -1.70 20.16
C GLN C 146 -7.29 -0.54 20.74
N TRP C 147 -8.46 -0.32 20.15
CA TRP C 147 -9.40 0.71 20.59
C TRP C 147 -9.95 0.43 22.00
N LEU C 148 -10.50 -0.76 22.22
CA LEU C 148 -10.89 -1.19 23.55
C LEU C 148 -9.79 -0.88 24.56
N THR C 149 -8.55 -1.22 24.20
CA THR C 149 -7.42 -1.01 25.11
C THR C 149 -7.32 0.43 25.59
N GLU C 150 -7.26 1.37 24.66
CA GLU C 150 -7.09 2.79 24.96
C GLU C 150 -8.26 3.33 25.77
N ARG C 151 -9.46 2.87 25.42
CA ARG C 151 -10.66 3.24 26.14
C ARG C 151 -10.56 2.87 27.60
N LEU C 152 -10.01 1.68 27.86
CA LEU C 152 -9.88 1.12 29.20
C LEU C 152 -8.74 1.80 29.99
N THR C 153 -7.57 1.96 29.38
CA THR C 153 -6.45 2.57 30.08
C THR C 153 -6.73 3.97 30.62
N GLU C 154 -7.41 4.80 29.84
CA GLU C 154 -7.78 6.16 30.26
C GLU C 154 -8.84 6.17 31.36
N ARG C 155 -9.55 5.03 31.44
CA ARG C 155 -10.50 4.77 32.51
C ARG C 155 -9.83 4.11 33.71
N GLY C 156 -8.49 4.12 33.73
CA GLY C 156 -7.69 3.60 34.83
C GLY C 156 -7.85 2.11 35.06
N VAL C 157 -7.85 1.36 33.97
CA VAL C 157 -8.03 -0.10 34.02
C VAL C 157 -6.70 -0.80 33.73
N LYS C 158 -5.79 -0.75 34.70
CA LYS C 158 -4.43 -1.29 34.55
C LYS C 158 -4.37 -2.75 34.02
N PHE C 159 -3.39 -3.01 33.16
CA PHE C 159 -3.23 -4.30 32.50
C PHE C 159 -1.94 -4.94 32.96
N PHE C 160 -1.99 -6.23 33.30
CA PHE C 160 -0.77 -7.00 33.63
C PHE C 160 -0.67 -8.32 32.84
N GLN C 161 0.50 -8.58 32.29
CA GLN C 161 0.71 -9.79 31.53
C GLN C 161 1.16 -10.91 32.48
N ARG C 162 0.23 -11.76 32.88
CA ARG C 162 0.60 -12.88 33.75
C ARG C 162 -0.26 -14.11 33.48
N LYS C 163 0.31 -15.30 33.72
CA LYS C 163 -0.44 -16.53 33.53
C LYS C 163 -1.08 -16.97 34.83
N VAL C 164 -2.38 -16.83 34.90
CA VAL C 164 -3.16 -17.20 36.06
C VAL C 164 -3.27 -18.72 36.16
N GLU C 165 -2.93 -19.28 37.32
CA GLU C 165 -2.87 -20.73 37.49
C GLU C 165 -4.13 -21.33 38.13
N SER C 166 -4.88 -20.51 38.86
CA SER C 166 -6.09 -20.96 39.53
C SER C 166 -6.92 -19.77 40.00
N PHE C 167 -8.20 -20.02 40.25
CA PHE C 167 -9.10 -19.03 40.82
C PHE C 167 -8.74 -18.65 42.26
N GLU C 168 -8.25 -19.63 43.03
CA GLU C 168 -7.81 -19.37 44.40
C GLU C 168 -6.61 -18.42 44.41
N GLU C 169 -5.67 -18.62 43.50
CA GLU C 169 -4.54 -17.68 43.33
C GLU C 169 -4.98 -16.19 43.27
N VAL C 170 -6.04 -15.91 42.51
CA VAL C 170 -6.48 -14.53 42.29
C VAL C 170 -7.36 -14.02 43.43
N ALA C 171 -8.20 -14.90 43.96
CA ALA C 171 -9.03 -14.58 45.12
C ALA C 171 -8.18 -14.30 46.37
N ARG C 172 -7.14 -15.12 46.56
CA ARG C 172 -6.25 -15.08 47.73
C ARG C 172 -5.49 -13.77 47.84
N GLU C 173 -4.83 -13.37 46.74
CA GLU C 173 -4.09 -12.11 46.71
C GLU C 173 -5.00 -10.90 47.00
N GLY C 174 -6.32 -11.16 47.02
CA GLY C 174 -7.29 -10.20 47.52
C GLY C 174 -8.12 -9.53 46.46
N ALA C 175 -9.04 -10.28 45.87
CA ALA C 175 -9.97 -9.74 44.85
C ALA C 175 -11.39 -10.25 45.06
N ASP C 176 -12.37 -9.34 44.93
CA ASP C 176 -13.77 -9.64 45.26
C ASP C 176 -14.52 -10.38 44.17
N VAL C 177 -14.36 -9.94 42.92
CA VAL C 177 -15.04 -10.56 41.77
C VAL C 177 -14.04 -10.96 40.68
N ILE C 178 -14.22 -12.15 40.12
CA ILE C 178 -13.38 -12.64 39.02
C ILE C 178 -14.18 -12.88 37.73
N VAL C 179 -13.93 -12.05 36.71
CA VAL C 179 -14.62 -12.21 35.44
C VAL C 179 -13.73 -13.04 34.54
N ASN C 180 -14.18 -14.27 34.27
CA ASN C 180 -13.43 -15.30 33.57
C ASN C 180 -13.67 -15.24 32.07
N CYS C 181 -12.69 -14.72 31.33
CA CYS C 181 -12.80 -14.58 29.87
C CYS C 181 -11.68 -15.28 29.13
N THR C 182 -11.21 -16.36 29.74
CA THR C 182 -10.07 -17.13 29.30
C THR C 182 -10.32 -17.90 28.00
N GLY C 183 -11.47 -17.66 27.38
CA GLY C 183 -11.77 -18.22 26.07
C GLY C 183 -11.53 -19.71 25.96
N VAL C 184 -10.71 -20.11 24.98
CA VAL C 184 -10.57 -21.54 24.62
C VAL C 184 -9.74 -22.32 25.66
N TRP C 185 -8.93 -21.59 26.43
CA TRP C 185 -8.08 -22.18 27.46
C TRP C 185 -8.76 -22.16 28.83
N ALA C 186 -10.09 -22.03 28.86
CA ALA C 186 -10.84 -21.98 30.12
C ALA C 186 -10.65 -23.24 30.95
N GLY C 187 -10.45 -24.37 30.25
CA GLY C 187 -10.27 -25.69 30.86
C GLY C 187 -9.21 -25.74 31.92
N ALA C 188 -8.08 -25.05 31.69
CA ALA C 188 -6.98 -25.01 32.64
C ALA C 188 -7.43 -24.61 34.06
N LEU C 189 -8.38 -23.69 34.16
CA LEU C 189 -8.84 -23.21 35.46
C LEU C 189 -9.98 -24.02 36.04
N GLN C 190 -10.80 -24.60 35.18
CA GLN C 190 -11.90 -25.45 35.63
C GLN C 190 -12.27 -26.36 34.49
N ARG C 191 -12.09 -27.65 34.73
CA ARG C 191 -12.36 -28.68 33.73
C ARG C 191 -13.70 -28.42 33.02
N ASP C 192 -13.73 -28.68 31.72
CA ASP C 192 -14.92 -28.50 30.91
C ASP C 192 -14.68 -29.34 29.67
N PRO C 193 -15.33 -30.51 29.60
CA PRO C 193 -15.06 -31.36 28.45
C PRO C 193 -16.02 -31.06 27.31
N LEU C 194 -16.85 -30.03 27.46
CA LEU C 194 -17.69 -29.56 26.35
C LEU C 194 -17.01 -28.46 25.53
N LEU C 195 -16.06 -27.76 26.18
CA LEU C 195 -15.28 -26.70 25.56
C LEU C 195 -14.08 -27.27 24.79
N GLN C 196 -14.20 -27.29 23.47
CA GLN C 196 -13.21 -27.90 22.61
C GLN C 196 -12.60 -26.89 21.61
N PRO C 197 -11.33 -27.12 21.21
CA PRO C 197 -10.78 -26.22 20.18
C PRO C 197 -11.21 -26.62 18.77
N GLY C 198 -11.89 -25.70 18.09
CA GLY C 198 -12.08 -25.85 16.66
C GLY C 198 -10.97 -25.08 15.99
N ARG C 199 -9.85 -25.72 15.75
CA ARG C 199 -8.73 -25.10 15.06
C ARG C 199 -9.17 -24.56 13.72
N GLY C 200 -8.58 -23.42 13.36
CA GLY C 200 -8.78 -22.81 12.04
C GLY C 200 -7.51 -22.16 11.54
N GLN C 201 -7.32 -22.17 10.23
CA GLN C 201 -6.16 -21.55 9.60
C GLN C 201 -6.69 -20.63 8.52
N ILE C 202 -6.11 -19.44 8.39
CA ILE C 202 -6.53 -18.47 7.36
C ILE C 202 -5.31 -17.86 6.66
N MET C 203 -5.60 -17.16 5.57
CA MET C 203 -4.62 -16.57 4.69
C MET C 203 -4.94 -15.08 4.51
N LYS C 204 -3.94 -14.22 4.65
CA LYS C 204 -4.12 -12.81 4.35
C LYS C 204 -3.56 -12.67 2.96
N VAL C 205 -4.37 -12.15 2.05
CA VAL C 205 -3.93 -12.05 0.68
C VAL C 205 -4.26 -10.65 0.19
N ASP C 206 -3.40 -10.10 -0.65
CA ASP C 206 -3.63 -8.75 -1.09
C ASP C 206 -4.38 -8.74 -2.42
N ALA C 207 -5.67 -8.41 -2.37
CA ALA C 207 -6.57 -8.44 -3.54
C ALA C 207 -7.68 -7.39 -3.44
N PRO C 208 -7.27 -6.11 -3.53
CA PRO C 208 -8.08 -4.91 -3.22
C PRO C 208 -9.39 -4.77 -4.00
N TRP C 209 -9.50 -5.50 -5.11
CA TRP C 209 -10.65 -5.42 -6.01
C TRP C 209 -11.81 -6.31 -5.61
N MET C 210 -11.68 -7.01 -4.48
CA MET C 210 -12.79 -7.78 -3.92
C MET C 210 -13.57 -6.92 -2.95
N LYS C 211 -14.84 -6.67 -3.25
CA LYS C 211 -15.66 -5.83 -2.40
C LYS C 211 -16.75 -6.62 -1.73
N HIS C 212 -16.82 -7.92 -2.00
CA HIS C 212 -17.88 -8.75 -1.42
C HIS C 212 -17.29 -9.96 -0.71
N PHE C 213 -17.98 -10.41 0.33
CA PHE C 213 -17.61 -11.67 0.94
C PHE C 213 -18.30 -12.84 0.21
N ILE C 214 -17.71 -14.02 0.27
CA ILE C 214 -18.29 -15.22 -0.34
C ILE C 214 -18.08 -16.38 0.65
N LEU C 215 -19.12 -16.80 1.38
CA LEU C 215 -19.08 -17.95 2.27
C LEU C 215 -19.79 -19.15 1.63
N THR C 216 -19.08 -20.27 1.53
CA THR C 216 -19.67 -21.49 1.01
C THR C 216 -20.20 -22.42 2.11
N HIS C 217 -21.10 -23.31 1.71
CA HIS C 217 -21.66 -24.28 2.63
C HIS C 217 -21.73 -25.63 1.95
N ASP C 218 -21.08 -26.61 2.57
CA ASP C 218 -21.03 -27.93 1.99
C ASP C 218 -21.02 -29.01 3.09
N PRO C 219 -22.22 -29.40 3.59
CA PRO C 219 -22.42 -30.42 4.65
C PRO C 219 -21.54 -31.66 4.59
N GLU C 220 -20.97 -31.91 3.42
CA GLU C 220 -19.95 -32.95 3.23
C GLU C 220 -18.66 -32.73 4.04
N ARG C 221 -18.24 -31.47 4.19
CA ARG C 221 -17.05 -31.16 5.00
C ARG C 221 -17.37 -30.38 6.29
N GLY C 222 -18.65 -30.12 6.51
CA GLY C 222 -19.11 -29.51 7.76
C GLY C 222 -18.81 -28.04 7.84
N ILE C 223 -19.59 -27.36 8.67
CA ILE C 223 -19.49 -25.90 8.80
C ILE C 223 -18.08 -25.44 9.19
N TYR C 224 -17.74 -24.22 8.75
CA TYR C 224 -16.40 -23.61 8.86
C TYR C 224 -15.28 -24.35 8.12
N ASN C 225 -15.58 -25.49 7.50
CA ASN C 225 -14.54 -26.23 6.79
C ASN C 225 -14.73 -26.08 5.27
N SER C 226 -15.48 -25.04 4.90
CA SER C 226 -15.83 -24.76 3.51
C SER C 226 -15.17 -23.43 3.06
N PRO C 227 -14.63 -23.34 1.81
CA PRO C 227 -13.87 -22.16 1.39
C PRO C 227 -14.64 -20.86 1.62
N TYR C 228 -13.99 -19.91 2.27
CA TYR C 228 -14.59 -18.60 2.42
C TYR C 228 -13.60 -17.45 2.15
N ILE C 229 -14.12 -16.33 1.64
CA ILE C 229 -13.31 -15.16 1.24
C ILE C 229 -13.93 -13.92 1.89
N ILE C 230 -13.18 -13.21 2.74
CA ILE C 230 -13.74 -12.10 3.47
C ILE C 230 -12.86 -10.86 3.34
N PRO C 231 -13.15 -10.00 2.36
CA PRO C 231 -12.38 -8.76 2.25
C PRO C 231 -12.28 -8.01 3.59
N GLY C 232 -11.06 -7.76 4.04
CA GLY C 232 -10.86 -6.90 5.20
C GLY C 232 -10.58 -5.45 4.79
N THR C 233 -10.06 -4.69 5.73
CA THR C 233 -9.69 -3.31 5.54
C THR C 233 -8.47 -3.19 4.62
N GLN C 234 -7.40 -3.95 4.92
CA GLN C 234 -6.10 -3.82 4.25
C GLN C 234 -5.80 -5.01 3.35
N THR C 235 -6.46 -6.12 3.64
CA THR C 235 -6.12 -7.39 3.02
C THR C 235 -7.38 -8.29 2.97
N VAL C 236 -7.38 -9.31 2.12
CA VAL C 236 -8.51 -10.24 2.04
C VAL C 236 -8.22 -11.60 2.73
N THR C 237 -9.09 -12.00 3.66
CA THR C 237 -8.96 -13.28 4.33
C THR C 237 -9.50 -14.45 3.47
N LEU C 238 -8.65 -15.45 3.22
CA LEU C 238 -9.02 -16.68 2.57
C LEU C 238 -8.96 -17.72 3.67
N GLY C 239 -10.07 -18.41 3.95
CA GLY C 239 -10.11 -19.43 4.99
C GLY C 239 -10.85 -20.69 4.53
N GLY C 240 -11.19 -21.55 5.49
CA GLY C 240 -12.02 -22.72 5.17
C GLY C 240 -11.63 -23.97 5.94
N ILE C 241 -11.21 -23.78 7.19
CA ILE C 241 -10.71 -24.86 8.01
C ILE C 241 -11.34 -24.91 9.40
N PHE C 242 -11.86 -26.10 9.73
CA PHE C 242 -12.43 -26.41 11.02
C PHE C 242 -12.05 -27.82 11.41
N GLN C 243 -11.26 -27.94 12.48
CA GLN C 243 -10.73 -29.23 12.91
C GLN C 243 -10.81 -29.31 14.43
N LEU C 244 -11.81 -30.06 14.93
CA LEU C 244 -12.07 -30.12 16.39
C LEU C 244 -11.01 -30.90 17.10
N GLY C 245 -10.70 -30.50 18.33
CA GLY C 245 -9.70 -31.18 19.12
C GLY C 245 -8.27 -30.89 18.73
N ASN C 246 -8.04 -30.26 17.59
CA ASN C 246 -6.68 -30.00 17.14
C ASN C 246 -6.06 -28.76 17.79
N TRP C 247 -5.11 -29.01 18.70
CA TRP C 247 -4.46 -27.94 19.46
C TRP C 247 -3.17 -27.45 18.83
N SER C 248 -2.85 -27.88 17.62
CA SER C 248 -1.60 -27.43 17.01
C SER C 248 -1.68 -25.99 16.50
N GLU C 249 -1.07 -25.06 17.22
CA GLU C 249 -1.00 -23.66 16.82
C GLU C 249 0.19 -23.47 15.88
N LEU C 250 -0.01 -23.78 14.61
CA LEU C 250 1.09 -23.88 13.67
C LEU C 250 0.44 -24.06 12.33
N ASN C 251 0.74 -23.16 11.38
CA ASN C 251 0.16 -23.24 10.04
C ASN C 251 0.56 -24.52 9.41
N ASN C 252 -0.38 -25.16 8.74
CA ASN C 252 -0.12 -26.44 8.13
C ASN C 252 -0.04 -26.29 6.60
N ILE C 253 1.03 -26.80 5.96
CA ILE C 253 1.19 -26.72 4.49
C ILE C 253 0.06 -27.42 3.71
N GLN C 254 -0.51 -28.46 4.30
CA GLN C 254 -1.65 -29.15 3.72
C GLN C 254 -2.92 -28.30 3.87
N ASP C 255 -3.02 -27.59 5.00
CA ASP C 255 -4.17 -26.71 5.25
C ASP C 255 -4.08 -25.47 4.34
N HIS C 256 -2.86 -25.11 3.98
CA HIS C 256 -2.59 -24.00 3.07
C HIS C 256 -3.23 -24.29 1.71
N ASN C 257 -2.72 -25.31 1.02
CA ASN C 257 -3.22 -25.67 -0.30
C ASN C 257 -4.72 -25.77 -0.33
N THR C 258 -5.28 -26.43 0.69
CA THR C 258 -6.71 -26.59 0.79
C THR C 258 -7.41 -25.24 0.70
N ILE C 259 -6.99 -24.28 1.54
CA ILE C 259 -7.50 -22.91 1.49
C ILE C 259 -7.29 -22.28 0.09
N TRP C 260 -6.07 -22.39 -0.45
CA TRP C 260 -5.71 -21.69 -1.68
C TRP C 260 -6.46 -22.22 -2.89
N GLU C 261 -6.54 -23.55 -2.97
CA GLU C 261 -7.24 -24.23 -4.05
C GLU C 261 -8.70 -23.95 -3.89
N GLY C 262 -9.22 -24.23 -2.71
CA GLY C 262 -10.62 -24.02 -2.42
C GLY C 262 -11.07 -22.62 -2.81
N CYS C 263 -10.20 -21.64 -2.65
CA CYS C 263 -10.62 -20.27 -2.84
C CYS C 263 -10.46 -19.80 -4.26
N CYS C 264 -9.39 -20.25 -4.92
CA CYS C 264 -9.15 -19.93 -6.34
C CYS C 264 -10.23 -20.49 -7.29
N ARG C 265 -10.77 -21.66 -6.94
CA ARG C 265 -11.92 -22.27 -7.64
C ARG C 265 -13.19 -21.46 -7.46
N LEU C 266 -13.32 -20.86 -6.29
CA LEU C 266 -14.50 -20.09 -5.94
C LEU C 266 -14.41 -18.71 -6.57
N GLU C 267 -13.22 -18.13 -6.59
CA GLU C 267 -13.07 -16.83 -7.22
C GLU C 267 -11.77 -16.80 -8.01
N PRO C 268 -11.84 -17.21 -9.29
CA PRO C 268 -10.61 -17.41 -10.06
C PRO C 268 -9.70 -16.20 -10.17
N THR C 269 -10.20 -15.00 -9.83
CA THR C 269 -9.39 -13.79 -9.98
C THR C 269 -8.28 -13.77 -8.93
N LEU C 270 -8.44 -14.66 -7.96
CA LEU C 270 -7.60 -14.72 -6.77
C LEU C 270 -6.32 -15.44 -7.10
N LYS C 271 -6.33 -16.17 -8.21
CA LYS C 271 -5.18 -16.95 -8.65
C LYS C 271 -3.89 -16.14 -8.67
N ASN C 272 -4.04 -14.81 -8.74
CA ASN C 272 -2.92 -13.92 -8.98
C ASN C 272 -2.60 -12.99 -7.80
N ALA C 273 -3.49 -12.99 -6.81
CA ALA C 273 -3.31 -12.23 -5.58
C ALA C 273 -2.02 -12.60 -4.88
N ARG C 274 -1.42 -11.63 -4.18
CA ARG C 274 -0.21 -11.85 -3.38
C ARG C 274 -0.51 -12.29 -1.94
N ILE C 275 0.14 -13.38 -1.49
CA ILE C 275 -0.01 -13.89 -0.11
C ILE C 275 0.77 -13.06 0.91
N ILE C 276 0.05 -12.39 1.82
CA ILE C 276 0.67 -11.47 2.78
C ILE C 276 1.06 -12.15 4.07
N GLY C 277 0.28 -13.13 4.51
CA GLY C 277 0.52 -13.84 5.78
C GLY C 277 -0.46 -14.97 6.01
N GLU C 278 -0.11 -15.89 6.91
CA GLU C 278 -0.99 -17.00 7.30
C GLU C 278 -1.06 -17.05 8.81
N ARG C 279 -2.18 -17.56 9.34
CA ARG C 279 -2.36 -17.60 10.78
C ARG C 279 -3.22 -18.78 11.18
N THR C 280 -3.10 -19.20 12.43
CA THR C 280 -3.85 -20.32 12.99
C THR C 280 -4.39 -19.95 14.36
N GLY C 281 -5.63 -20.31 14.61
CA GLY C 281 -6.27 -20.01 15.87
C GLY C 281 -7.27 -21.09 16.19
N PHE C 282 -7.75 -21.05 17.43
CA PHE C 282 -8.72 -22.04 17.87
C PHE C 282 -10.00 -21.34 18.31
N ARG C 283 -11.06 -21.59 17.57
CA ARG C 283 -12.36 -21.14 17.99
C ARG C 283 -12.64 -21.82 19.35
N PRO C 284 -13.21 -21.07 20.30
CA PRO C 284 -13.70 -21.67 21.55
C PRO C 284 -15.03 -22.41 21.31
N VAL C 285 -14.96 -23.60 20.68
CA VAL C 285 -16.17 -24.38 20.41
C VAL C 285 -16.76 -25.04 21.66
N ARG C 286 -17.97 -24.61 22.03
CA ARG C 286 -18.75 -25.19 23.12
C ARG C 286 -20.20 -25.34 22.69
N PRO C 287 -20.91 -26.39 23.14
CA PRO C 287 -22.27 -26.53 22.64
C PRO C 287 -23.14 -25.28 22.89
N GLN C 288 -22.73 -24.41 23.83
CA GLN C 288 -23.38 -23.11 24.02
C GLN C 288 -22.54 -22.22 24.96
N ILE C 289 -22.41 -20.95 24.60
CA ILE C 289 -21.61 -19.99 25.37
C ILE C 289 -21.90 -20.11 26.86
N ARG C 290 -20.86 -20.35 27.66
CA ARG C 290 -21.07 -20.40 29.09
C ARG C 290 -20.96 -19.02 29.73
N LEU C 291 -22.10 -18.34 29.78
CA LEU C 291 -22.21 -17.02 30.43
C LEU C 291 -23.10 -17.13 31.66
N GLU C 292 -22.51 -16.98 32.85
CA GLU C 292 -23.22 -17.18 34.12
C GLU C 292 -22.34 -16.94 35.34
N ARG C 293 -22.99 -16.88 36.50
CA ARG C 293 -22.28 -16.72 37.77
C ARG C 293 -21.95 -18.09 38.36
N GLU C 294 -20.93 -18.11 39.21
CA GLU C 294 -20.59 -19.30 39.95
C GLU C 294 -19.83 -18.84 41.18
N GLN C 295 -20.49 -18.89 42.32
CA GLN C 295 -19.82 -18.64 43.59
C GLN C 295 -18.88 -19.82 43.88
N LEU C 296 -17.67 -19.52 44.33
CA LEU C 296 -16.64 -20.53 44.47
C LEU C 296 -15.84 -20.26 45.75
N ARG C 297 -15.83 -21.24 46.65
CA ARG C 297 -15.34 -21.07 48.04
C ARG C 297 -13.92 -20.51 48.19
N THR C 298 -13.86 -19.31 48.76
CA THR C 298 -12.61 -18.68 49.20
C THR C 298 -12.46 -18.96 50.69
N GLY C 299 -11.30 -18.60 51.26
CA GLY C 299 -11.06 -18.69 52.71
C GLY C 299 -12.28 -18.32 53.54
N PRO C 300 -12.58 -17.01 53.68
CA PRO C 300 -13.79 -16.58 54.42
C PRO C 300 -15.12 -16.88 53.69
N SER C 301 -15.74 -15.86 53.11
CA SER C 301 -16.95 -16.03 52.32
C SER C 301 -16.64 -16.00 50.82
N ASN C 302 -16.94 -17.11 50.15
CA ASN C 302 -16.63 -17.36 48.73
C ASN C 302 -16.52 -16.12 47.83
N THR C 303 -15.47 -16.08 46.99
CA THR C 303 -15.28 -15.01 46.01
C THR C 303 -16.10 -15.25 44.75
N GLU C 304 -16.70 -14.18 44.25
CA GLU C 304 -17.63 -14.24 43.13
C GLU C 304 -16.93 -14.39 41.79
N VAL C 305 -17.47 -15.26 40.95
CA VAL C 305 -16.94 -15.51 39.59
C VAL C 305 -18.04 -15.40 38.53
N ILE C 306 -17.72 -14.69 37.45
CA ILE C 306 -18.57 -14.67 36.26
C ILE C 306 -17.82 -15.27 35.07
N HIS C 307 -18.43 -16.28 34.46
CA HIS C 307 -17.90 -16.93 33.26
C HIS C 307 -18.49 -16.34 31.97
N ASN C 308 -17.65 -16.25 30.94
CA ASN C 308 -18.03 -15.74 29.64
C ASN C 308 -17.01 -16.28 28.66
N TYR C 309 -17.22 -17.52 28.23
CA TYR C 309 -16.34 -18.18 27.28
C TYR C 309 -17.14 -19.18 26.46
N GLY C 310 -16.55 -19.63 25.34
CA GLY C 310 -17.18 -20.65 24.51
C GLY C 310 -18.01 -20.01 23.43
N HIS C 311 -17.41 -19.09 22.69
CA HIS C 311 -18.12 -18.33 21.67
C HIS C 311 -17.91 -18.89 20.27
N GLY C 312 -17.24 -20.03 20.18
CA GLY C 312 -17.05 -20.68 18.89
C GLY C 312 -16.47 -19.74 17.85
N GLY C 313 -16.96 -19.85 16.62
CA GLY C 313 -16.46 -18.99 15.58
C GLY C 313 -17.15 -17.64 15.52
N TYR C 314 -17.82 -17.22 16.59
CA TYR C 314 -18.65 -16.01 16.49
C TYR C 314 -18.53 -14.97 17.60
N GLY C 315 -17.37 -14.96 18.25
CA GLY C 315 -17.07 -14.03 19.34
C GLY C 315 -17.31 -12.57 19.03
N LEU C 316 -16.67 -12.08 17.96
CA LEU C 316 -16.86 -10.71 17.46
C LEU C 316 -18.33 -10.41 17.15
N THR C 317 -19.02 -11.37 16.54
CA THR C 317 -20.42 -11.23 16.16
C THR C 317 -21.37 -10.97 17.36
N ILE C 318 -20.96 -11.41 18.56
CA ILE C 318 -21.87 -11.46 19.70
C ILE C 318 -21.24 -10.85 20.96
N HIS C 319 -19.98 -10.47 20.88
CA HIS C 319 -19.25 -10.01 22.05
C HIS C 319 -20.05 -8.98 22.88
N TRP C 320 -20.71 -8.03 22.21
CA TRP C 320 -21.30 -6.88 22.91
C TRP C 320 -22.55 -7.27 23.68
N GLY C 321 -23.26 -8.27 23.19
CA GLY C 321 -24.42 -8.77 23.88
C GLY C 321 -23.99 -9.51 25.12
N CYS C 322 -22.82 -10.14 25.03
CA CYS C 322 -22.28 -10.93 26.15
C CYS C 322 -21.75 -9.99 27.24
N ALA C 323 -21.00 -8.97 26.82
CA ALA C 323 -20.42 -8.01 27.75
C ALA C 323 -21.48 -7.20 28.50
N LEU C 324 -22.64 -6.98 27.88
CA LEU C 324 -23.74 -6.27 28.54
C LEU C 324 -24.38 -7.13 29.62
N GLU C 325 -24.52 -8.42 29.30
CA GLU C 325 -25.07 -9.42 30.21
C GLU C 325 -24.17 -9.61 31.42
N ALA C 326 -22.86 -9.66 31.19
CA ALA C 326 -21.92 -9.79 32.29
C ALA C 326 -22.02 -8.61 33.26
N ALA C 327 -22.22 -7.40 32.73
CA ALA C 327 -22.39 -6.19 33.51
C ALA C 327 -23.63 -6.30 34.38
N LYS C 328 -24.65 -6.95 33.82
CA LYS C 328 -25.92 -7.19 34.48
C LYS C 328 -25.62 -8.17 35.64
N LEU C 329 -25.02 -9.30 35.31
CA LEU C 329 -24.61 -10.31 36.31
C LEU C 329 -23.67 -9.72 37.35
N PHE C 330 -23.01 -8.63 36.97
CA PHE C 330 -22.24 -7.85 37.92
C PHE C 330 -23.16 -7.08 38.86
N GLY C 331 -24.25 -6.53 38.32
CA GLY C 331 -25.27 -5.83 39.11
C GLY C 331 -25.91 -6.73 40.18
N ARG C 332 -26.44 -7.87 39.73
CA ARG C 332 -27.01 -8.90 40.58
C ARG C 332 -26.15 -9.22 41.78
N ILE C 333 -24.84 -9.19 41.60
CA ILE C 333 -23.89 -9.41 42.70
C ILE C 333 -23.85 -8.23 43.65
N LEU C 334 -23.76 -7.02 43.11
CA LEU C 334 -23.70 -5.78 43.90
C LEU C 334 -24.88 -5.64 44.86
N GLU C 335 -26.10 -5.85 44.36
CA GLU C 335 -27.31 -5.74 45.17
C GLU C 335 -27.40 -6.80 46.29
N GLU C 336 -26.54 -7.83 46.22
CA GLU C 336 -26.49 -8.86 47.26
C GLU C 336 -25.47 -8.52 48.34
N LYS C 337 -24.36 -7.90 47.95
CA LYS C 337 -23.41 -7.35 48.92
C LYS C 337 -23.98 -6.06 49.53
N LYS C 338 -25.27 -5.84 49.25
CA LYS C 338 -26.07 -4.73 49.77
C LYS C 338 -25.39 -3.37 49.59
N LEU C 339 -25.50 -2.83 48.37
CA LEU C 339 -25.02 -1.48 47.99
C LEU C 339 -25.47 -1.15 46.54
N SER C 340 -26.74 -1.42 46.24
CA SER C 340 -27.29 -1.32 44.87
C SER C 340 -27.30 0.11 44.34
N MET D 1 -7.50 -2.53 -47.92
CA MET D 1 -8.32 -1.73 -46.94
C MET D 1 -7.45 -1.07 -45.85
N ARG D 2 -7.25 0.25 -45.95
CA ARG D 2 -6.57 1.00 -44.91
C ARG D 2 -7.59 1.65 -43.97
N VAL D 3 -7.38 1.51 -42.65
CA VAL D 3 -8.34 2.06 -41.66
C VAL D 3 -7.65 2.95 -40.64
N VAL D 4 -8.17 4.15 -40.41
CA VAL D 4 -7.57 5.03 -39.41
C VAL D 4 -8.56 5.36 -38.30
N VAL D 5 -8.26 4.90 -37.07
CA VAL D 5 -9.04 5.23 -35.89
C VAL D 5 -8.42 6.46 -35.18
N ILE D 6 -9.22 7.51 -34.99
CA ILE D 6 -8.74 8.69 -34.29
C ILE D 6 -9.24 8.68 -32.85
N GLY D 7 -8.32 8.62 -31.90
CA GLY D 7 -8.67 8.68 -30.49
C GLY D 7 -8.22 7.39 -29.85
N ALA D 8 -7.47 7.50 -28.74
CA ALA D 8 -6.96 6.33 -27.99
C ALA D 8 -7.58 6.27 -26.63
N GLY D 9 -8.83 6.72 -26.54
CA GLY D 9 -9.64 6.53 -25.35
C GLY D 9 -10.40 5.24 -25.48
N VAL D 10 -11.13 4.88 -24.44
CA VAL D 10 -11.94 3.68 -24.49
C VAL D 10 -12.75 3.54 -25.75
N ILE D 11 -13.33 4.62 -26.25
CA ILE D 11 -14.16 4.53 -27.46
C ILE D 11 -13.38 4.13 -28.70
N GLY D 12 -12.22 4.77 -28.89
CA GLY D 12 -11.37 4.52 -30.06
C GLY D 12 -10.76 3.14 -30.06
N LEU D 13 -10.29 2.69 -28.91
CA LEU D 13 -9.57 1.42 -28.82
C LEU D 13 -10.52 0.25 -28.76
N SER D 14 -11.66 0.42 -28.11
CA SER D 14 -12.61 -0.70 -28.05
C SER D 14 -13.17 -0.97 -29.45
N THR D 15 -13.31 0.11 -30.22
CA THR D 15 -13.78 0.08 -31.61
C THR D 15 -12.74 -0.59 -32.49
N ALA D 16 -11.49 -0.13 -32.42
CA ALA D 16 -10.40 -0.75 -33.21
C ALA D 16 -10.29 -2.23 -32.94
N LEU D 17 -10.24 -2.60 -31.65
CA LEU D 17 -10.20 -4.00 -31.24
C LEU D 17 -11.30 -4.81 -31.89
N CYS D 18 -12.48 -4.18 -31.97
CA CYS D 18 -13.70 -4.84 -32.32
C CYS D 18 -13.79 -5.03 -33.83
N ILE D 19 -13.47 -3.96 -34.56
CA ILE D 19 -13.42 -3.97 -36.02
C ILE D 19 -12.41 -5.04 -36.44
N HIS D 20 -11.26 -5.07 -35.78
CA HIS D 20 -10.22 -6.06 -36.09
C HIS D 20 -10.73 -7.47 -35.94
N GLU D 21 -11.15 -7.83 -34.72
CA GLU D 21 -11.49 -9.23 -34.42
C GLU D 21 -12.66 -9.74 -35.28
N ARG D 22 -13.45 -8.81 -35.79
CA ARG D 22 -14.62 -9.18 -36.57
C ARG D 22 -14.32 -9.18 -38.08
N TYR D 23 -13.17 -8.64 -38.49
CA TYR D 23 -12.89 -8.49 -39.92
C TYR D 23 -11.50 -8.91 -40.41
N HIS D 24 -10.58 -9.24 -39.51
CA HIS D 24 -9.22 -9.59 -39.96
C HIS D 24 -9.20 -10.88 -40.76
N SER D 25 -10.23 -11.71 -40.57
CA SER D 25 -10.38 -12.98 -41.27
C SER D 25 -11.06 -12.84 -42.65
N VAL D 26 -11.97 -11.86 -42.78
CA VAL D 26 -12.73 -11.67 -44.02
C VAL D 26 -12.16 -10.54 -44.88
N LEU D 27 -11.03 -9.99 -44.45
CA LEU D 27 -10.34 -8.94 -45.20
C LEU D 27 -8.86 -9.26 -45.27
N GLN D 28 -8.41 -9.49 -46.50
CA GLN D 28 -7.06 -10.01 -46.74
C GLN D 28 -6.02 -8.93 -46.44
N PRO D 29 -6.15 -7.75 -47.08
CA PRO D 29 -5.35 -6.61 -46.61
C PRO D 29 -6.16 -5.68 -45.67
N LEU D 30 -6.13 -5.97 -44.37
CA LEU D 30 -6.73 -5.10 -43.32
C LEU D 30 -5.67 -4.43 -42.46
N ASP D 31 -5.46 -3.14 -42.70
CA ASP D 31 -4.48 -2.30 -42.01
C ASP D 31 -5.19 -1.28 -41.12
N ILE D 32 -5.01 -1.42 -39.81
CA ILE D 32 -5.62 -0.50 -38.81
C ILE D 32 -4.57 0.34 -38.09
N LYS D 33 -4.79 1.64 -38.02
CA LYS D 33 -3.89 2.56 -37.31
C LYS D 33 -4.63 3.48 -36.35
N VAL D 34 -4.18 3.49 -35.10
CA VAL D 34 -4.71 4.47 -34.15
C VAL D 34 -3.87 5.73 -34.21
N TYR D 35 -4.56 6.84 -34.47
CA TYR D 35 -3.97 8.17 -34.37
C TYR D 35 -4.60 8.86 -33.18
N ALA D 36 -3.75 9.43 -32.33
CA ALA D 36 -4.24 10.12 -31.14
C ALA D 36 -3.30 11.20 -30.68
N ASP D 37 -3.87 12.23 -30.05
CA ASP D 37 -3.06 13.29 -29.44
C ASP D 37 -2.63 12.95 -28.00
N ARG D 38 -3.44 12.18 -27.28
CA ARG D 38 -3.10 11.76 -25.94
C ARG D 38 -3.33 10.27 -25.70
N PHE D 39 -2.46 9.65 -24.93
CA PHE D 39 -2.59 8.22 -24.73
C PHE D 39 -2.84 7.81 -23.31
N THR D 40 -3.36 6.58 -23.20
CA THR D 40 -3.52 5.72 -22.00
C THR D 40 -3.46 6.21 -20.59
N PRO D 41 -2.45 7.06 -20.25
CA PRO D 41 -2.52 7.76 -18.95
C PRO D 41 -3.15 9.16 -18.91
N LEU D 42 -3.21 9.86 -20.04
CA LEU D 42 -3.73 11.26 -20.06
C LEU D 42 -5.05 11.50 -20.81
N THR D 43 -5.97 10.53 -20.77
CA THR D 43 -7.26 10.69 -21.43
C THR D 43 -8.34 10.88 -20.37
N THR D 44 -9.52 11.29 -20.84
CA THR D 44 -10.73 11.42 -20.06
C THR D 44 -11.12 10.06 -19.50
N THR D 45 -10.86 9.02 -20.30
CA THR D 45 -11.15 7.66 -19.91
C THR D 45 -10.37 7.29 -18.62
N ASP D 46 -9.29 7.99 -18.35
CA ASP D 46 -8.47 7.68 -17.17
C ASP D 46 -8.99 8.29 -15.88
N VAL D 47 -9.61 9.45 -16.00
CA VAL D 47 -10.19 10.17 -14.88
C VAL D 47 -11.43 9.45 -14.37
N ALA D 48 -12.16 8.78 -15.26
CA ALA D 48 -13.43 8.12 -14.90
C ALA D 48 -13.19 7.10 -13.82
N ALA D 49 -14.14 7.01 -12.89
CA ALA D 49 -14.16 5.97 -11.86
C ALA D 49 -14.42 4.62 -12.47
N GLY D 50 -15.18 4.58 -13.55
CA GLY D 50 -15.44 3.33 -14.24
C GLY D 50 -16.68 2.62 -13.74
N LEU D 51 -17.54 3.32 -13.00
CA LEU D 51 -18.77 2.71 -12.50
C LEU D 51 -19.77 2.53 -13.61
N TRP D 52 -20.28 1.32 -13.73
CA TRP D 52 -21.30 1.01 -14.73
C TRP D 52 -22.67 1.49 -14.26
N GLN D 53 -23.22 2.45 -14.98
CA GLN D 53 -24.55 2.96 -14.74
C GLN D 53 -24.90 4.02 -15.79
N PRO D 54 -25.91 3.72 -16.65
CA PRO D 54 -26.38 4.68 -17.61
C PRO D 54 -27.29 5.68 -16.90
N TYR D 55 -28.02 6.48 -17.68
CA TYR D 55 -29.01 7.41 -17.16
C TYR D 55 -30.14 6.71 -16.42
N LEU D 56 -30.75 7.41 -15.46
CA LEU D 56 -31.86 6.85 -14.68
C LEU D 56 -33.07 6.55 -15.57
N SER D 57 -33.41 7.51 -16.42
CA SER D 57 -34.54 7.40 -17.34
C SER D 57 -34.09 7.27 -18.81
N ASP D 58 -35.01 6.76 -19.63
CA ASP D 58 -34.82 6.55 -21.07
C ASP D 58 -34.09 7.68 -21.76
N PRO D 59 -32.94 7.38 -22.37
CA PRO D 59 -32.21 8.48 -22.98
C PRO D 59 -32.79 8.71 -24.37
N ASN D 60 -32.15 9.59 -25.14
CA ASN D 60 -32.61 9.90 -26.50
C ASN D 60 -32.89 8.64 -27.30
N ASN D 61 -31.82 7.96 -27.69
CA ASN D 61 -31.92 6.72 -28.47
C ASN D 61 -32.15 5.49 -27.55
N PRO D 62 -33.32 4.82 -27.70
CA PRO D 62 -33.56 3.64 -26.87
C PRO D 62 -32.52 2.56 -27.17
N GLN D 63 -31.92 2.63 -28.36
CA GLN D 63 -30.82 1.75 -28.71
C GLN D 63 -29.60 1.84 -27.75
N GLU D 64 -29.47 2.98 -27.06
CA GLU D 64 -28.41 3.16 -26.06
C GLU D 64 -28.57 2.19 -24.86
N ALA D 65 -29.79 2.10 -24.34
CA ALA D 65 -30.13 1.11 -23.32
C ALA D 65 -29.70 -0.30 -23.73
N ASP D 66 -29.57 -0.54 -25.03
CA ASP D 66 -29.18 -1.84 -25.53
C ASP D 66 -27.68 -2.01 -25.49
N TRP D 67 -26.99 -0.98 -25.95
CA TRP D 67 -25.53 -0.90 -25.94
C TRP D 67 -24.94 -1.09 -24.55
N SER D 68 -25.57 -0.50 -23.54
CA SER D 68 -25.20 -0.65 -22.14
C SER D 68 -25.41 -2.07 -21.66
N GLN D 69 -26.59 -2.60 -21.97
CA GLN D 69 -26.95 -3.97 -21.72
C GLN D 69 -25.83 -4.82 -22.32
N GLN D 70 -25.64 -4.66 -23.62
CA GLN D 70 -24.62 -5.41 -24.35
C GLN D 70 -23.25 -5.38 -23.67
N THR D 71 -22.90 -4.23 -23.07
CA THR D 71 -21.59 -4.02 -22.44
C THR D 71 -21.52 -4.75 -21.09
N PHE D 72 -22.58 -4.60 -20.31
CA PHE D 72 -22.70 -5.25 -19.02
C PHE D 72 -22.55 -6.77 -19.14
N ASP D 73 -23.31 -7.35 -20.05
CA ASP D 73 -23.26 -8.79 -20.22
C ASP D 73 -21.88 -9.24 -20.61
N TYR D 74 -21.29 -8.53 -21.57
CA TYR D 74 -19.94 -8.80 -21.98
C TYR D 74 -19.01 -8.80 -20.76
N LEU D 75 -19.03 -7.68 -20.03
CA LEU D 75 -18.21 -7.50 -18.85
C LEU D 75 -18.48 -8.58 -17.80
N LEU D 76 -19.75 -8.77 -17.44
CA LEU D 76 -20.12 -9.70 -16.39
C LEU D 76 -19.65 -11.09 -16.73
N SER D 77 -19.78 -11.46 -17.99
CA SER D 77 -19.33 -12.79 -18.42
C SER D 77 -17.79 -12.96 -18.38
N HIS D 78 -17.08 -11.94 -17.89
CA HIS D 78 -15.61 -11.97 -17.79
C HIS D 78 -15.13 -11.56 -16.41
N VAL D 79 -16.06 -11.22 -15.52
CA VAL D 79 -15.70 -10.74 -14.18
C VAL D 79 -14.88 -11.77 -13.41
N HIS D 80 -15.14 -13.04 -13.67
CA HIS D 80 -14.46 -14.11 -12.97
C HIS D 80 -13.38 -14.71 -13.81
N SER D 81 -13.08 -14.09 -14.94
CA SER D 81 -12.04 -14.59 -15.81
C SER D 81 -10.65 -14.41 -15.16
N PRO D 82 -9.69 -15.29 -15.53
CA PRO D 82 -8.31 -15.19 -15.00
C PRO D 82 -7.51 -13.95 -15.44
N ASN D 83 -8.10 -13.10 -16.28
CA ASN D 83 -7.46 -11.84 -16.69
C ASN D 83 -8.24 -10.58 -16.29
N ALA D 84 -9.22 -10.74 -15.40
CA ALA D 84 -10.09 -9.66 -15.01
C ALA D 84 -9.32 -8.50 -14.40
N GLU D 85 -8.34 -8.83 -13.57
CA GLU D 85 -7.53 -7.84 -12.89
C GLU D 85 -6.82 -6.93 -13.91
N ASN D 86 -6.37 -7.51 -15.02
CA ASN D 86 -5.72 -6.72 -16.03
C ASN D 86 -6.67 -5.75 -16.69
N LEU D 87 -7.92 -6.15 -16.84
CA LEU D 87 -8.95 -5.23 -17.35
C LEU D 87 -9.36 -4.22 -16.29
N GLY D 88 -8.92 -4.45 -15.05
CA GLY D 88 -9.33 -3.61 -13.95
C GLY D 88 -10.83 -3.63 -13.80
N LEU D 89 -11.39 -4.85 -13.80
CA LEU D 89 -12.83 -5.10 -13.81
C LEU D 89 -13.18 -5.89 -12.57
N PHE D 90 -14.24 -5.49 -11.87
CA PHE D 90 -14.70 -6.22 -10.71
C PHE D 90 -16.12 -5.79 -10.31
N LEU D 91 -16.73 -6.47 -9.32
CA LEU D 91 -18.13 -6.24 -8.92
C LEU D 91 -18.18 -5.39 -7.67
N ILE D 92 -19.19 -4.53 -7.61
CA ILE D 92 -19.35 -3.61 -6.50
C ILE D 92 -20.84 -3.26 -6.33
N SER D 93 -21.32 -3.39 -5.10
CA SER D 93 -22.68 -3.05 -4.79
C SER D 93 -22.69 -1.68 -4.20
N GLY D 94 -23.86 -1.08 -4.07
CA GLY D 94 -23.96 0.23 -3.50
C GLY D 94 -25.31 0.91 -3.64
N TYR D 95 -25.34 2.12 -3.11
CA TYR D 95 -26.54 2.85 -2.87
C TYR D 95 -26.74 3.93 -3.93
N ASN D 96 -27.95 3.97 -4.48
CA ASN D 96 -28.46 5.17 -5.15
C ASN D 96 -29.48 5.88 -4.25
N LEU D 97 -29.14 7.11 -3.83
CA LEU D 97 -29.95 7.87 -2.88
C LEU D 97 -30.66 9.08 -3.47
N PHE D 98 -31.95 9.19 -3.19
CA PHE D 98 -32.78 10.32 -3.64
C PHE D 98 -33.59 10.88 -2.46
N HIS D 99 -34.31 11.99 -2.72
CA HIS D 99 -35.18 12.63 -1.72
C HIS D 99 -36.64 12.12 -1.67
N GLU D 100 -37.25 11.92 -2.85
CA GLU D 100 -38.62 11.43 -2.97
C GLU D 100 -38.66 10.10 -3.74
N ALA D 101 -39.84 9.47 -3.77
CA ALA D 101 -40.08 8.26 -4.56
C ALA D 101 -39.96 8.50 -6.09
N ILE D 102 -38.95 7.91 -6.71
CA ILE D 102 -38.73 8.03 -8.15
C ILE D 102 -39.06 6.67 -8.80
N PRO D 103 -39.33 6.62 -10.11
CA PRO D 103 -39.57 5.32 -10.72
C PRO D 103 -38.29 4.50 -10.98
N ASP D 104 -38.43 3.17 -10.92
CA ASP D 104 -37.34 2.25 -11.26
C ASP D 104 -36.59 2.63 -12.55
N PRO D 105 -35.33 2.18 -12.68
CA PRO D 105 -34.62 2.63 -13.88
C PRO D 105 -34.87 1.73 -15.11
N SER D 106 -34.56 2.25 -16.29
CA SER D 106 -34.61 1.48 -17.53
C SER D 106 -33.78 0.20 -17.46
N TRP D 107 -32.76 0.20 -16.61
CA TRP D 107 -31.80 -0.92 -16.49
C TRP D 107 -31.99 -1.78 -15.25
N LYS D 108 -33.12 -1.61 -14.56
CA LYS D 108 -33.41 -2.34 -13.32
C LYS D 108 -33.09 -3.83 -13.38
N ASP D 109 -33.28 -4.45 -14.54
CA ASP D 109 -33.08 -5.89 -14.64
C ASP D 109 -31.82 -6.29 -15.36
N THR D 110 -31.00 -5.29 -15.70
CA THR D 110 -29.66 -5.55 -16.26
C THR D 110 -28.70 -5.75 -15.10
N VAL D 111 -28.81 -4.88 -14.11
CA VAL D 111 -27.95 -4.95 -12.95
C VAL D 111 -28.35 -6.12 -12.04
N LEU D 112 -27.44 -6.48 -11.14
CA LEU D 112 -27.58 -7.70 -10.38
C LEU D 112 -28.32 -7.41 -9.11
N GLY D 113 -29.48 -8.05 -8.96
CA GLY D 113 -30.27 -8.01 -7.74
C GLY D 113 -30.72 -6.62 -7.34
N PHE D 114 -31.25 -5.90 -8.31
CA PHE D 114 -31.79 -4.57 -8.05
C PHE D 114 -32.96 -4.67 -7.06
N ARG D 115 -32.95 -3.81 -6.04
CA ARG D 115 -34.08 -3.71 -5.14
C ARG D 115 -34.19 -2.31 -4.54
N LYS D 116 -35.25 -2.07 -3.78
CA LYS D 116 -35.45 -0.79 -3.09
C LYS D 116 -34.68 -0.85 -1.80
N LEU D 117 -34.28 0.32 -1.29
CA LEU D 117 -33.67 0.39 0.03
C LEU D 117 -34.69 0.22 1.15
N THR D 118 -34.30 -0.50 2.20
CA THR D 118 -35.13 -0.72 3.39
C THR D 118 -34.99 0.48 4.32
N PRO D 119 -36.00 0.74 5.18
CA PRO D 119 -35.88 1.91 6.05
C PRO D 119 -34.57 1.97 6.84
N ARG D 120 -34.14 0.84 7.39
CA ARG D 120 -32.95 0.83 8.23
C ARG D 120 -31.70 1.24 7.45
N GLU D 121 -31.64 0.83 6.17
CA GLU D 121 -30.55 1.26 5.26
C GLU D 121 -30.57 2.77 5.03
N LEU D 122 -31.77 3.34 4.92
CA LEU D 122 -31.91 4.78 4.74
C LEU D 122 -31.40 5.56 5.95
N ASP D 123 -31.70 5.07 7.15
CA ASP D 123 -31.26 5.70 8.39
C ASP D 123 -29.78 6.13 8.44
N MET D 124 -28.90 5.36 7.80
CA MET D 124 -27.46 5.70 7.69
C MET D 124 -27.16 7.00 6.90
N PHE D 125 -28.16 7.42 6.12
CA PHE D 125 -28.09 8.59 5.27
C PHE D 125 -29.27 9.51 5.58
N PRO D 126 -29.18 10.26 6.69
CA PRO D 126 -30.30 11.09 7.11
C PRO D 126 -30.80 11.92 5.95
N ASP D 127 -29.90 12.68 5.34
CA ASP D 127 -30.22 13.63 4.27
C ASP D 127 -31.02 13.08 3.08
N TYR D 128 -31.40 11.81 3.11
CA TYR D 128 -32.14 11.21 2.01
C TYR D 128 -33.25 10.35 2.59
N GLY D 129 -34.31 10.13 1.81
CA GLY D 129 -35.47 9.40 2.30
C GLY D 129 -36.07 8.36 1.38
N TYR D 130 -35.35 8.05 0.31
CA TYR D 130 -35.73 6.97 -0.62
C TYR D 130 -34.49 6.60 -1.44
N GLY D 131 -34.41 5.35 -1.91
CA GLY D 131 -33.27 4.92 -2.71
C GLY D 131 -33.22 3.48 -3.22
N TRP D 132 -32.23 3.21 -4.07
CA TRP D 132 -32.05 1.86 -4.60
C TRP D 132 -30.77 1.26 -4.06
N PHE D 133 -30.73 -0.07 -4.06
CA PHE D 133 -29.52 -0.80 -3.83
C PHE D 133 -29.42 -1.82 -4.94
N HIS D 134 -28.22 -1.97 -5.49
CA HIS D 134 -27.93 -3.08 -6.40
C HIS D 134 -26.44 -3.42 -6.44
N THR D 135 -26.12 -4.50 -7.16
CA THR D 135 -24.74 -4.90 -7.45
C THR D 135 -24.49 -4.59 -8.91
N SER D 136 -23.35 -3.96 -9.20
CA SER D 136 -22.97 -3.57 -10.57
C SER D 136 -21.48 -3.90 -10.88
N LEU D 137 -20.89 -3.22 -11.85
CA LEU D 137 -19.50 -3.46 -12.20
C LEU D 137 -18.74 -2.15 -12.37
N ILE D 138 -17.47 -2.16 -11.98
CA ILE D 138 -16.53 -1.10 -12.30
C ILE D 138 -15.52 -1.62 -13.33
N LEU D 139 -15.32 -0.86 -14.40
CA LEU D 139 -14.25 -1.15 -15.37
C LEU D 139 -13.32 0.05 -15.30
N GLU D 140 -12.24 -0.08 -14.52
CA GLU D 140 -11.30 1.00 -14.31
C GLU D 140 -10.57 1.32 -15.59
N GLY D 141 -10.60 2.59 -15.96
CA GLY D 141 -10.23 3.05 -17.30
C GLY D 141 -8.74 2.91 -17.57
N LYS D 142 -7.94 3.20 -16.54
CA LYS D 142 -6.50 3.15 -16.67
C LYS D 142 -6.01 1.74 -16.95
N ASN D 143 -6.57 0.74 -16.25
CA ASN D 143 -6.18 -0.67 -16.49
C ASN D 143 -6.73 -1.20 -17.80
N TYR D 144 -8.00 -0.88 -18.08
CA TYR D 144 -8.63 -1.34 -19.29
C TYR D 144 -7.89 -0.83 -20.53
N LEU D 145 -7.55 0.45 -20.47
CA LEU D 145 -6.96 1.14 -21.58
C LEU D 145 -5.60 0.55 -21.89
N GLN D 146 -4.92 0.05 -20.85
CA GLN D 146 -3.66 -0.66 -21.02
C GLN D 146 -3.86 -2.05 -21.63
N TRP D 147 -4.90 -2.75 -21.18
CA TRP D 147 -5.19 -4.05 -21.71
C TRP D 147 -5.53 -3.93 -23.19
N LEU D 148 -6.46 -3.03 -23.55
CA LEU D 148 -6.77 -2.78 -24.95
C LEU D 148 -5.50 -2.60 -25.78
N THR D 149 -4.63 -1.72 -25.34
CA THR D 149 -3.38 -1.45 -26.04
C THR D 149 -2.58 -2.72 -26.39
N GLU D 150 -2.39 -3.61 -25.41
CA GLU D 150 -1.64 -4.85 -25.58
C GLU D 150 -2.35 -5.82 -26.53
N ARG D 151 -3.67 -5.81 -26.49
CA ARG D 151 -4.48 -6.56 -27.48
C ARG D 151 -4.17 -6.05 -28.88
N LEU D 152 -4.45 -4.77 -29.15
CA LEU D 152 -4.22 -4.16 -30.45
C LEU D 152 -2.77 -4.34 -30.91
N THR D 153 -1.83 -4.33 -29.96
CA THR D 153 -0.42 -4.40 -30.30
C THR D 153 -0.08 -5.78 -30.81
N GLU D 154 -0.65 -6.80 -30.19
CA GLU D 154 -0.45 -8.17 -30.70
C GLU D 154 -1.29 -8.50 -31.95
N ARG D 155 -2.05 -7.52 -32.45
CA ARG D 155 -2.89 -7.71 -33.65
C ARG D 155 -2.38 -6.85 -34.79
N GLY D 156 -1.23 -6.21 -34.53
CA GLY D 156 -0.52 -5.42 -35.55
C GLY D 156 -0.95 -3.98 -35.67
N VAL D 157 -1.91 -3.60 -34.84
CA VAL D 157 -2.48 -2.26 -34.89
C VAL D 157 -1.41 -1.26 -34.40
N LYS D 158 -0.91 -0.44 -35.34
CA LYS D 158 0.11 0.56 -35.01
C LYS D 158 -0.53 1.79 -34.32
N PHE D 159 0.27 2.51 -33.54
CA PHE D 159 -0.17 3.72 -32.84
C PHE D 159 0.75 4.90 -33.10
N PHE D 160 0.16 6.07 -33.35
CA PHE D 160 0.96 7.29 -33.57
C PHE D 160 0.43 8.46 -32.75
N GLN D 161 1.36 9.20 -32.18
CA GLN D 161 0.99 10.34 -31.36
C GLN D 161 0.96 11.54 -32.28
N ARG D 162 -0.23 11.97 -32.69
CA ARG D 162 -0.37 13.16 -33.53
C ARG D 162 -1.75 13.74 -33.39
N LYS D 163 -1.84 15.06 -33.46
CA LYS D 163 -3.12 15.77 -33.47
C LYS D 163 -3.57 15.95 -34.91
N VAL D 164 -4.58 15.17 -35.29
CA VAL D 164 -5.15 15.30 -36.62
C VAL D 164 -5.78 16.68 -36.71
N GLU D 165 -5.62 17.31 -37.87
CA GLU D 165 -6.10 18.66 -38.06
C GLU D 165 -7.44 18.72 -38.78
N SER D 166 -7.68 17.76 -39.68
CA SER D 166 -8.92 17.68 -40.46
C SER D 166 -9.10 16.25 -40.94
N PHE D 167 -10.33 15.84 -41.24
CA PHE D 167 -10.57 14.52 -41.84
C PHE D 167 -9.91 14.47 -43.21
N GLU D 168 -9.90 15.60 -43.91
CA GLU D 168 -9.37 15.62 -45.30
C GLU D 168 -7.91 15.24 -45.24
N GLU D 169 -7.18 15.84 -44.29
CA GLU D 169 -5.77 15.50 -44.04
C GLU D 169 -5.52 13.97 -44.06
N VAL D 170 -6.33 13.22 -43.33
CA VAL D 170 -6.17 11.77 -43.23
C VAL D 170 -6.65 11.08 -44.51
N ALA D 171 -7.66 11.68 -45.15
CA ALA D 171 -8.19 11.16 -46.42
C ALA D 171 -7.08 11.15 -47.46
N ARG D 172 -6.47 12.33 -47.64
CA ARG D 172 -5.36 12.55 -48.56
C ARG D 172 -4.31 11.47 -48.42
N GLU D 173 -3.89 11.18 -47.19
CA GLU D 173 -2.78 10.25 -46.99
C GLU D 173 -3.21 8.76 -47.07
N GLY D 174 -4.09 8.44 -48.03
CA GLY D 174 -4.43 7.04 -48.37
C GLY D 174 -5.44 6.24 -47.53
N ALA D 175 -6.16 6.91 -46.64
CA ALA D 175 -7.04 6.22 -45.71
C ALA D 175 -8.38 5.98 -46.36
N ASP D 176 -8.80 4.72 -46.34
CA ASP D 176 -10.10 4.34 -46.84
C ASP D 176 -11.22 4.75 -45.87
N VAL D 177 -11.27 4.16 -44.69
CA VAL D 177 -12.27 4.54 -43.69
C VAL D 177 -11.60 5.35 -42.56
N ILE D 178 -12.38 6.21 -41.89
CA ILE D 178 -11.92 6.98 -40.74
C ILE D 178 -12.91 6.81 -39.62
N VAL D 179 -12.49 6.16 -38.53
CA VAL D 179 -13.34 6.06 -37.35
C VAL D 179 -13.01 7.23 -36.44
N ASN D 180 -14.03 8.04 -36.16
CA ASN D 180 -13.87 9.29 -35.45
C ASN D 180 -14.25 9.15 -33.99
N CYS D 181 -13.27 8.80 -33.16
CA CYS D 181 -13.50 8.60 -31.73
C CYS D 181 -12.77 9.65 -30.90
N THR D 182 -13.05 10.89 -31.21
CA THR D 182 -12.30 12.03 -30.74
C THR D 182 -12.98 12.65 -29.55
N GLY D 183 -14.00 11.97 -29.04
CA GLY D 183 -14.66 12.42 -27.81
C GLY D 183 -15.05 13.89 -27.76
N VAL D 184 -14.69 14.58 -26.70
CA VAL D 184 -15.17 15.93 -26.48
C VAL D 184 -14.51 16.91 -27.43
N TRP D 185 -13.50 16.47 -28.15
CA TRP D 185 -12.79 17.38 -29.03
C TRP D 185 -13.34 17.36 -30.41
N ALA D 186 -14.27 16.44 -30.66
CA ALA D 186 -14.79 16.16 -32.01
C ALA D 186 -15.13 17.41 -32.81
N GLY D 187 -15.74 18.38 -32.14
CA GLY D 187 -16.03 19.71 -32.69
C GLY D 187 -14.87 20.26 -33.49
N ALA D 188 -13.66 20.21 -32.93
CA ALA D 188 -12.45 20.74 -33.58
C ALA D 188 -12.32 20.27 -35.01
N LEU D 189 -12.79 19.05 -35.31
CA LEU D 189 -12.67 18.46 -36.62
C LEU D 189 -13.90 18.71 -37.47
N GLN D 190 -15.06 18.75 -36.83
CA GLN D 190 -16.28 19.00 -37.56
C GLN D 190 -17.26 19.66 -36.64
N ARG D 191 -17.60 20.91 -36.95
CA ARG D 191 -18.44 21.70 -36.06
C ARG D 191 -19.65 20.88 -35.57
N ASP D 192 -19.81 20.82 -34.25
CA ASP D 192 -20.96 20.16 -33.64
C ASP D 192 -21.35 20.92 -32.39
N PRO D 193 -22.38 21.78 -32.51
CA PRO D 193 -22.81 22.64 -31.40
C PRO D 193 -23.64 21.89 -30.35
N LEU D 194 -23.97 20.63 -30.61
CA LEU D 194 -24.64 19.78 -29.61
C LEU D 194 -23.64 19.08 -28.63
N LEU D 195 -22.39 18.89 -29.06
CA LEU D 195 -21.34 18.36 -28.19
C LEU D 195 -20.71 19.44 -27.30
N GLN D 196 -20.72 19.20 -25.98
CA GLN D 196 -20.15 20.14 -25.00
C GLN D 196 -19.34 19.42 -23.89
N PRO D 197 -18.32 20.10 -23.30
CA PRO D 197 -17.71 19.54 -22.08
C PRO D 197 -18.61 19.60 -20.86
N GLY D 198 -18.96 18.46 -20.34
CA GLY D 198 -19.53 18.42 -18.98
C GLY D 198 -18.37 18.26 -18.03
N ARG D 199 -17.73 19.38 -17.67
CA ARG D 199 -16.53 19.33 -16.90
C ARG D 199 -16.79 18.63 -15.58
N GLY D 200 -15.80 17.86 -15.13
CA GLY D 200 -15.86 17.10 -13.88
C GLY D 200 -14.54 17.13 -13.11
N GLN D 201 -14.64 17.11 -11.79
CA GLN D 201 -13.47 17.03 -10.91
C GLN D 201 -13.73 15.89 -9.96
N ILE D 202 -12.69 15.10 -9.70
CA ILE D 202 -12.74 14.02 -8.71
C ILE D 202 -11.57 14.11 -7.75
N MET D 203 -11.71 13.48 -6.58
CA MET D 203 -10.62 13.32 -5.62
C MET D 203 -10.37 11.84 -5.37
N LYS D 204 -9.10 11.46 -5.36
CA LYS D 204 -8.69 10.09 -5.08
C LYS D 204 -8.21 10.00 -3.64
N VAL D 205 -8.88 9.18 -2.86
CA VAL D 205 -8.62 9.14 -1.43
C VAL D 205 -8.31 7.70 -1.01
N ASP D 206 -7.54 7.54 0.06
CA ASP D 206 -7.24 6.23 0.54
C ASP D 206 -8.15 5.90 1.71
N ALA D 207 -9.21 5.14 1.43
CA ALA D 207 -10.10 4.71 2.48
C ALA D 207 -10.57 3.28 2.20
N PRO D 208 -9.62 2.32 2.18
CA PRO D 208 -9.89 0.92 1.74
C PRO D 208 -10.98 0.15 2.52
N TRP D 209 -11.57 0.74 3.55
CA TRP D 209 -12.64 0.08 4.27
C TRP D 209 -13.97 0.33 3.60
N MET D 210 -14.02 1.29 2.68
CA MET D 210 -15.25 1.56 1.92
C MET D 210 -15.42 0.44 0.91
N LYS D 211 -16.54 -0.27 0.99
CA LYS D 211 -16.79 -1.41 0.11
C LYS D 211 -18.01 -1.24 -0.79
N HIS D 212 -18.78 -0.16 -0.62
CA HIS D 212 -19.93 0.11 -1.50
C HIS D 212 -19.76 1.47 -2.14
N PHE D 213 -20.41 1.66 -3.28
CA PHE D 213 -20.52 2.99 -3.88
C PHE D 213 -21.77 3.67 -3.35
N ILE D 214 -21.74 4.99 -3.27
CA ILE D 214 -22.91 5.75 -2.85
C ILE D 214 -23.08 6.93 -3.81
N LEU D 215 -24.13 6.89 -4.65
CA LEU D 215 -24.48 7.99 -5.57
C LEU D 215 -25.75 8.73 -5.11
N THR D 216 -25.62 10.03 -4.88
CA THR D 216 -26.77 10.84 -4.51
C THR D 216 -27.39 11.56 -5.73
N HIS D 217 -28.71 11.78 -5.66
CA HIS D 217 -29.40 12.58 -6.66
C HIS D 217 -30.17 13.76 -6.11
N ASP D 218 -29.64 14.95 -6.40
CA ASP D 218 -30.25 16.20 -5.97
C ASP D 218 -30.70 17.07 -7.17
N PRO D 219 -32.03 17.17 -7.40
CA PRO D 219 -32.60 18.01 -8.50
C PRO D 219 -32.07 19.47 -8.55
N GLU D 220 -31.81 20.08 -7.41
CA GLU D 220 -31.23 21.42 -7.37
C GLU D 220 -29.91 21.42 -8.15
N ARG D 221 -29.00 20.57 -7.69
CA ARG D 221 -27.65 20.55 -8.21
C ARG D 221 -27.59 20.02 -9.64
N GLY D 222 -28.26 18.89 -9.89
CA GLY D 222 -28.43 18.40 -11.26
C GLY D 222 -27.59 17.18 -11.55
N ILE D 223 -27.72 16.65 -12.77
CA ILE D 223 -26.97 15.47 -13.21
C ILE D 223 -25.47 15.61 -12.91
N TYR D 224 -24.93 14.59 -12.23
CA TYR D 224 -23.51 14.46 -11.87
C TYR D 224 -23.00 15.59 -10.99
N ASN D 225 -23.92 16.35 -10.38
CA ASN D 225 -23.55 17.53 -9.58
C ASN D 225 -23.77 17.27 -8.09
N SER D 226 -24.22 16.06 -7.80
CA SER D 226 -24.53 15.62 -6.45
C SER D 226 -23.35 14.73 -5.93
N PRO D 227 -23.04 14.79 -4.62
CA PRO D 227 -21.86 14.08 -4.14
C PRO D 227 -21.93 12.58 -4.43
N TYR D 228 -20.81 12.03 -4.91
CA TYR D 228 -20.68 10.58 -5.10
C TYR D 228 -19.34 10.01 -4.61
N ILE D 229 -19.42 8.78 -4.12
CA ILE D 229 -18.27 8.03 -3.58
C ILE D 229 -18.17 6.63 -4.23
N ILE D 230 -17.14 6.43 -5.05
CA ILE D 230 -16.94 5.17 -5.78
C ILE D 230 -15.60 4.46 -5.50
N PRO D 231 -15.61 3.37 -4.70
CA PRO D 231 -14.36 2.63 -4.44
C PRO D 231 -13.80 1.96 -5.68
N GLY D 232 -12.55 2.29 -5.99
CA GLY D 232 -11.85 1.70 -7.10
C GLY D 232 -10.98 0.58 -6.59
N THR D 233 -9.97 0.23 -7.36
CA THR D 233 -9.12 -0.87 -6.98
C THR D 233 -8.09 -0.52 -5.87
N GLN D 234 -7.44 0.63 -5.95
CA GLN D 234 -6.35 1.00 -5.01
C GLN D 234 -6.79 2.15 -4.15
N THR D 235 -7.73 2.92 -4.65
CA THR D 235 -8.09 4.16 -4.04
C THR D 235 -9.60 4.42 -4.21
N VAL D 236 -10.20 5.32 -3.42
CA VAL D 236 -11.64 5.54 -3.52
C VAL D 236 -11.90 6.90 -4.16
N THR D 237 -12.84 6.93 -5.11
CA THR D 237 -13.13 8.14 -5.85
C THR D 237 -14.15 9.06 -5.16
N LEU D 238 -13.74 10.29 -4.86
CA LEU D 238 -14.68 11.30 -4.38
C LEU D 238 -15.01 12.25 -5.50
N GLY D 239 -16.29 12.40 -5.81
CA GLY D 239 -16.73 13.32 -6.86
C GLY D 239 -18.07 14.01 -6.64
N GLY D 240 -18.44 14.85 -7.61
CA GLY D 240 -19.73 15.54 -7.58
C GLY D 240 -19.67 16.92 -8.21
N ILE D 241 -19.04 17.01 -9.38
CA ILE D 241 -18.89 18.27 -10.10
C ILE D 241 -19.27 18.03 -11.54
N PHE D 242 -20.21 18.84 -12.03
CA PHE D 242 -20.61 18.79 -13.43
C PHE D 242 -20.93 20.19 -13.92
N GLN D 243 -20.21 20.67 -14.92
CA GLN D 243 -20.37 22.03 -15.41
C GLN D 243 -20.32 22.09 -16.94
N LEU D 244 -21.48 22.33 -17.57
CA LEU D 244 -21.57 22.42 -19.04
C LEU D 244 -20.71 23.54 -19.59
N GLY D 245 -19.93 23.23 -20.62
CA GLY D 245 -19.19 24.25 -21.36
C GLY D 245 -17.93 24.83 -20.76
N ASN D 246 -17.54 24.37 -19.56
CA ASN D 246 -16.32 24.85 -18.92
C ASN D 246 -15.13 24.00 -19.40
N TRP D 247 -14.24 24.63 -20.15
CA TRP D 247 -13.14 23.93 -20.79
C TRP D 247 -11.88 24.07 -19.98
N SER D 248 -11.98 24.27 -18.68
CA SER D 248 -10.77 24.52 -17.92
C SER D 248 -10.20 23.23 -17.32
N GLU D 249 -9.20 22.66 -17.99
CA GLU D 249 -8.60 21.41 -17.56
C GLU D 249 -7.57 21.67 -16.46
N LEU D 250 -8.08 22.12 -15.31
CA LEU D 250 -7.25 22.59 -14.22
C LEU D 250 -8.05 22.38 -12.97
N ASN D 251 -7.44 21.76 -11.97
CA ASN D 251 -8.15 21.57 -10.71
C ASN D 251 -8.47 22.89 -10.05
N ASN D 252 -9.63 22.96 -9.42
CA ASN D 252 -10.07 24.19 -8.79
C ASN D 252 -10.31 24.01 -7.29
N ILE D 253 -9.80 24.94 -6.51
CA ILE D 253 -9.95 24.87 -5.06
C ILE D 253 -11.41 24.92 -4.58
N GLN D 254 -12.27 25.71 -5.24
CA GLN D 254 -13.70 25.69 -4.88
C GLN D 254 -14.36 24.36 -5.12
N ASP D 255 -13.95 23.67 -6.19
CA ASP D 255 -14.53 22.38 -6.53
C ASP D 255 -14.07 21.33 -5.51
N HIS D 256 -12.79 21.44 -5.14
CA HIS D 256 -12.21 20.64 -4.09
C HIS D 256 -13.10 20.66 -2.85
N ASN D 257 -13.36 21.86 -2.32
CA ASN D 257 -14.21 22.04 -1.14
C ASN D 257 -15.58 21.40 -1.29
N THR D 258 -16.18 21.57 -2.46
CA THR D 258 -17.50 21.00 -2.72
C THR D 258 -17.49 19.47 -2.61
N ILE D 259 -16.57 18.83 -3.33
CA ILE D 259 -16.33 17.40 -3.20
C ILE D 259 -16.00 16.99 -1.76
N TRP D 260 -15.05 17.69 -1.11
CA TRP D 260 -14.64 17.30 0.22
C TRP D 260 -15.81 17.33 1.24
N GLU D 261 -16.38 18.52 1.48
CA GLU D 261 -17.55 18.70 2.36
C GLU D 261 -18.71 17.76 2.03
N GLY D 262 -19.12 17.76 0.77
CA GLY D 262 -20.24 16.95 0.30
C GLY D 262 -20.13 15.48 0.66
N CYS D 263 -19.03 14.86 0.22
CA CYS D 263 -18.77 13.44 0.48
C CYS D 263 -18.55 13.12 1.94
N CYS D 264 -17.92 14.03 2.67
CA CYS D 264 -17.76 13.83 4.10
C CYS D 264 -19.10 13.80 4.81
N ARG D 265 -20.01 14.68 4.39
CA ARG D 265 -21.33 14.75 5.00
C ARG D 265 -22.02 13.42 4.75
N LEU D 266 -21.78 12.86 3.57
CA LEU D 266 -22.40 11.61 3.16
C LEU D 266 -21.84 10.42 3.92
N GLU D 267 -20.62 10.54 4.42
CA GLU D 267 -19.99 9.48 5.18
C GLU D 267 -18.88 10.07 6.02
N PRO D 268 -19.17 10.31 7.30
CA PRO D 268 -18.16 10.97 8.12
C PRO D 268 -16.80 10.24 8.30
N THR D 269 -16.70 8.97 7.90
CA THR D 269 -15.43 8.23 8.06
C THR D 269 -14.40 8.78 7.09
N LEU D 270 -14.88 9.55 6.13
CA LEU D 270 -14.02 10.06 5.09
C LEU D 270 -13.13 11.15 5.64
N LYS D 271 -13.45 11.59 6.86
CA LYS D 271 -12.78 12.69 7.53
C LYS D 271 -11.26 12.51 7.59
N ASN D 272 -10.85 11.35 8.12
CA ASN D 272 -9.42 10.99 8.30
C ASN D 272 -8.74 10.36 7.10
N ALA D 273 -9.52 10.06 6.05
CA ALA D 273 -9.01 9.52 4.79
C ALA D 273 -7.92 10.38 4.19
N ARG D 274 -6.77 9.77 3.91
CA ARG D 274 -5.62 10.44 3.29
C ARG D 274 -5.91 10.75 1.80
N ILE D 275 -5.82 12.03 1.43
CA ILE D 275 -5.98 12.50 0.05
C ILE D 275 -4.76 12.12 -0.77
N ILE D 276 -4.99 11.41 -1.88
CA ILE D 276 -3.93 10.78 -2.65
C ILE D 276 -3.77 11.46 -3.99
N GLY D 277 -4.84 11.97 -4.57
CA GLY D 277 -4.71 12.71 -5.81
C GLY D 277 -5.98 13.39 -6.23
N GLU D 278 -5.89 14.24 -7.22
CA GLU D 278 -7.02 14.99 -7.73
C GLU D 278 -6.87 15.25 -9.23
N ARG D 279 -7.99 15.18 -9.95
CA ARG D 279 -7.97 15.26 -11.40
C ARG D 279 -9.23 15.92 -12.04
N THR D 280 -9.05 16.52 -13.21
CA THR D 280 -10.14 17.12 -13.94
C THR D 280 -10.29 16.38 -15.27
N GLY D 281 -11.52 16.35 -15.77
CA GLY D 281 -11.83 15.74 -17.06
C GLY D 281 -13.06 16.39 -17.69
N PHE D 282 -13.33 16.03 -18.94
CA PHE D 282 -14.51 16.55 -19.63
C PHE D 282 -15.37 15.42 -20.18
N ARG D 283 -16.56 15.25 -19.61
CA ARG D 283 -17.55 14.35 -20.15
C ARG D 283 -18.01 14.89 -21.50
N PRO D 284 -17.84 14.12 -22.60
CA PRO D 284 -18.33 14.55 -23.91
C PRO D 284 -19.87 14.56 -23.92
N VAL D 285 -20.44 15.67 -23.47
CA VAL D 285 -21.88 15.76 -23.32
C VAL D 285 -22.56 15.97 -24.67
N ARG D 286 -23.50 15.08 -24.96
CA ARG D 286 -24.38 15.22 -26.12
C ARG D 286 -25.81 14.83 -25.79
N PRO D 287 -26.80 15.52 -26.39
CA PRO D 287 -28.15 15.04 -26.16
C PRO D 287 -28.27 13.57 -26.53
N GLN D 288 -27.31 13.06 -27.29
CA GLN D 288 -27.34 11.68 -27.77
C GLN D 288 -26.08 11.30 -28.52
N ILE D 289 -25.62 10.06 -28.31
CA ILE D 289 -24.36 9.58 -28.89
C ILE D 289 -24.44 9.67 -30.41
N ARG D 290 -23.39 10.20 -31.01
CA ARG D 290 -23.30 10.24 -32.46
C ARG D 290 -22.61 9.01 -32.96
N LEU D 291 -23.42 8.03 -33.35
CA LEU D 291 -22.90 6.79 -33.88
C LEU D 291 -23.55 6.53 -35.23
N GLU D 292 -22.92 7.07 -36.26
CA GLU D 292 -23.48 6.99 -37.60
C GLU D 292 -22.38 7.09 -38.66
N ARG D 293 -22.71 6.70 -39.88
CA ARG D 293 -21.81 6.87 -41.01
C ARG D 293 -21.95 8.29 -41.56
N GLU D 294 -20.98 8.68 -42.39
CA GLU D 294 -21.06 9.93 -43.12
C GLU D 294 -20.07 9.83 -44.27
N GLN D 295 -20.57 9.88 -45.50
CA GLN D 295 -19.69 9.84 -46.69
C GLN D 295 -19.05 11.21 -46.83
N LEU D 296 -17.72 11.22 -46.75
CA LEU D 296 -16.96 12.46 -46.84
C LEU D 296 -16.75 12.80 -48.30
N ARG D 297 -17.41 13.89 -48.70
CA ARG D 297 -17.44 14.30 -50.11
C ARG D 297 -16.34 15.32 -50.40
N THR D 298 -15.11 14.80 -50.62
CA THR D 298 -13.89 15.62 -50.80
C THR D 298 -12.84 14.91 -51.68
N GLY D 299 -12.06 15.69 -52.42
CA GLY D 299 -11.08 15.16 -53.38
C GLY D 299 -11.67 14.20 -54.40
N PRO D 300 -10.81 13.42 -55.12
CA PRO D 300 -11.18 12.35 -56.06
C PRO D 300 -12.44 11.49 -55.70
N SER D 301 -12.31 10.64 -54.68
CA SER D 301 -13.42 9.79 -54.22
C SER D 301 -13.87 10.19 -52.82
N ASN D 302 -15.12 9.82 -52.50
CA ASN D 302 -15.67 10.07 -51.17
C ASN D 302 -15.19 9.06 -50.12
N THR D 303 -14.36 9.52 -49.18
CA THR D 303 -13.85 8.69 -48.09
C THR D 303 -14.91 8.46 -46.99
N GLU D 304 -14.90 7.24 -46.46
CA GLU D 304 -15.91 6.83 -45.49
C GLU D 304 -15.51 7.18 -44.06
N VAL D 305 -16.49 7.59 -43.27
CA VAL D 305 -16.26 8.06 -41.92
C VAL D 305 -17.32 7.48 -40.98
N ILE D 306 -16.84 6.83 -39.93
CA ILE D 306 -17.66 6.35 -38.82
C ILE D 306 -17.46 7.25 -37.59
N HIS D 307 -18.51 7.90 -37.11
CA HIS D 307 -18.44 8.71 -35.90
C HIS D 307 -18.94 7.91 -34.71
N ASN D 308 -18.19 7.98 -33.63
CA ASN D 308 -18.55 7.34 -32.39
C ASN D 308 -18.02 8.25 -31.29
N TYR D 309 -18.83 9.23 -30.89
CA TYR D 309 -18.43 10.19 -29.89
C TYR D 309 -19.64 10.72 -29.15
N GLY D 310 -19.39 11.52 -28.13
CA GLY D 310 -20.45 12.10 -27.35
C GLY D 310 -21.06 11.11 -26.40
N HIS D 311 -20.25 10.59 -25.48
CA HIS D 311 -20.77 9.59 -24.55
C HIS D 311 -21.02 10.11 -23.15
N GLY D 312 -20.91 11.42 -22.94
CA GLY D 312 -21.22 12.03 -21.65
C GLY D 312 -20.55 11.30 -20.52
N GLY D 313 -21.26 11.10 -19.42
CA GLY D 313 -20.70 10.41 -18.25
C GLY D 313 -20.86 8.90 -18.21
N TYR D 314 -21.11 8.28 -19.35
CA TYR D 314 -21.38 6.85 -19.33
C TYR D 314 -20.60 6.09 -20.38
N GLY D 315 -19.47 6.68 -20.78
CA GLY D 315 -18.57 6.11 -21.77
C GLY D 315 -18.10 4.69 -21.53
N LEU D 316 -17.59 4.40 -20.33
CA LEU D 316 -17.18 3.03 -19.94
C LEU D 316 -18.38 2.06 -19.88
N THR D 317 -19.50 2.56 -19.37
CA THR D 317 -20.77 1.82 -19.24
C THR D 317 -21.30 1.28 -20.59
N ILE D 318 -20.92 1.97 -21.68
CA ILE D 318 -21.54 1.74 -23.01
C ILE D 318 -20.56 1.38 -24.15
N HIS D 319 -19.27 1.58 -23.92
CA HIS D 319 -18.27 1.49 -24.97
C HIS D 319 -18.39 0.23 -25.83
N TRP D 320 -18.71 -0.90 -25.20
CA TRP D 320 -18.78 -2.15 -25.92
C TRP D 320 -19.97 -2.19 -26.93
N GLY D 321 -21.13 -1.74 -26.49
CA GLY D 321 -22.29 -1.69 -27.37
C GLY D 321 -21.99 -0.90 -28.62
N CYS D 322 -21.39 0.27 -28.42
CA CYS D 322 -21.03 1.16 -29.50
C CYS D 322 -19.89 0.58 -30.36
N ALA D 323 -18.99 -0.20 -29.74
CA ALA D 323 -17.87 -0.77 -30.49
C ALA D 323 -18.39 -1.82 -31.49
N LEU D 324 -19.27 -2.69 -30.99
CA LEU D 324 -19.95 -3.69 -31.79
C LEU D 324 -20.86 -3.09 -32.88
N GLU D 325 -21.54 -1.98 -32.56
CA GLU D 325 -22.35 -1.26 -33.53
C GLU D 325 -21.51 -0.60 -34.64
N ALA D 326 -20.43 0.07 -34.24
CA ALA D 326 -19.46 0.66 -35.18
C ALA D 326 -18.87 -0.36 -36.16
N ALA D 327 -18.55 -1.54 -35.65
CA ALA D 327 -18.00 -2.59 -36.48
C ALA D 327 -19.06 -3.10 -37.43
N LYS D 328 -20.28 -3.24 -36.94
CA LYS D 328 -21.40 -3.57 -37.79
C LYS D 328 -21.48 -2.58 -38.97
N LEU D 329 -21.27 -1.30 -38.69
CA LEU D 329 -21.30 -0.27 -39.75
C LEU D 329 -20.07 -0.33 -40.63
N PHE D 330 -18.94 -0.70 -40.05
CA PHE D 330 -17.74 -0.93 -40.85
C PHE D 330 -18.04 -1.97 -41.94
N GLY D 331 -18.75 -3.03 -41.56
CA GLY D 331 -19.16 -4.10 -42.46
C GLY D 331 -19.99 -3.66 -43.64
N ARG D 332 -20.98 -2.79 -43.40
CA ARG D 332 -21.84 -2.28 -44.48
C ARG D 332 -20.99 -1.61 -45.56
N ILE D 333 -20.03 -0.81 -45.10
CA ILE D 333 -19.09 -0.12 -45.98
C ILE D 333 -18.38 -1.13 -46.88
N LEU D 334 -17.92 -2.23 -46.29
CA LEU D 334 -17.29 -3.31 -47.03
C LEU D 334 -18.21 -4.00 -48.05
N GLU D 335 -19.49 -4.17 -47.70
CA GLU D 335 -20.40 -4.87 -48.59
C GLU D 335 -20.76 -3.98 -49.78
N GLU D 336 -20.50 -2.68 -49.64
CA GLU D 336 -20.75 -1.73 -50.72
C GLU D 336 -19.53 -1.56 -51.62
N LYS D 337 -18.35 -1.56 -51.01
CA LYS D 337 -17.09 -1.58 -51.75
C LYS D 337 -16.85 -2.95 -52.36
N LYS D 338 -17.62 -3.94 -51.89
CA LYS D 338 -17.57 -5.33 -52.36
C LYS D 338 -16.22 -6.05 -52.11
N LEU D 339 -15.62 -5.81 -50.94
CA LEU D 339 -14.49 -6.62 -50.44
C LEU D 339 -14.96 -7.56 -49.29
N SER D 340 -16.29 -7.70 -49.19
CA SER D 340 -16.95 -8.46 -48.13
C SER D 340 -17.41 -9.82 -48.63
PA FAD E . 7.55 22.02 -18.08
O1A FAD E . 7.33 20.53 -17.80
O2A FAD E . 8.08 22.35 -19.45
O5B FAD E . 6.26 22.97 -17.98
C5B FAD E . 5.54 22.92 -19.20
C4B FAD E . 4.28 23.71 -19.05
O4B FAD E . 4.45 24.73 -20.02
C3B FAD E . 3.25 22.74 -19.57
O3B FAD E . 2.09 22.82 -18.75
C2B FAD E . 2.94 23.20 -20.97
O2B FAD E . 1.56 22.94 -21.24
C1B FAD E . 3.28 24.69 -20.84
N9A FAD E . 3.47 25.36 -22.14
C8A FAD E . 4.48 25.18 -22.98
N7A FAD E . 4.26 25.97 -24.05
C5A FAD E . 3.09 26.62 -23.87
C6A FAD E . 2.36 27.55 -24.63
N6A FAD E . 2.82 27.98 -25.83
N1A FAD E . 1.21 28.05 -24.14
C2A FAD E . 0.74 27.65 -22.96
N3A FAD E . 1.43 26.77 -22.22
C4A FAD E . 2.61 26.25 -22.65
N1 FAD E . 15.25 16.18 -13.83
C2 FAD E . 15.89 16.06 -12.62
O2 FAD E . 16.36 17.07 -12.02
N3 FAD E . 16.01 14.88 -11.98
C4 FAD E . 15.55 13.74 -12.47
O4 FAD E . 15.69 12.67 -11.87
C4X FAD E . 14.86 13.78 -13.77
N5 FAD E . 14.33 12.66 -14.35
C5X FAD E . 13.71 12.74 -15.55
C6 FAD E . 13.20 11.57 -16.12
C7 FAD E . 12.55 11.62 -17.35
C7M FAD E . 11.99 10.39 -18.00
C8 FAD E . 12.40 12.84 -17.99
C8M FAD E . 11.69 12.89 -19.31
C9 FAD E . 12.90 14.02 -17.41
C9A FAD E . 13.57 13.98 -16.18
N10 FAD E . 14.08 15.14 -15.64
C10 FAD E . 14.72 15.09 -14.45
C1' FAD E . 13.96 16.40 -16.36
C2' FAD E . 13.12 17.45 -15.68
O2' FAD E . 11.86 16.79 -15.47
C3' FAD E . 12.91 18.64 -16.62
O3' FAD E . 14.14 19.20 -17.08
C4' FAD E . 12.04 19.69 -15.94
O4' FAD E . 10.74 19.15 -15.64
C5' FAD E . 11.82 20.90 -16.81
O5' FAD E . 10.80 21.73 -16.21
P FAD E . 9.90 22.32 -17.36
O1P FAD E . 10.56 23.45 -18.08
O2P FAD E . 9.49 21.04 -18.10
O3P FAD E . 8.47 22.72 -16.90
OXT IM3 F . 16.95 12.58 -16.80
C IM3 F . 17.03 11.57 -16.05
O IM3 F . 16.39 10.53 -16.30
CA IM3 F . 17.89 11.69 -14.88
N IM3 F . 18.26 12.85 -14.55
CB IM3 F . 18.41 10.53 -14.04
CG IM3 F . 19.77 10.06 -14.55
CD2 IM3 F . 20.93 10.73 -14.16
CE2 IM3 F . 22.16 10.29 -14.66
O14 IM3 F . 23.32 10.90 -14.31
CZ IM3 F . 22.22 9.12 -15.58
OH IM3 F . 23.42 8.68 -16.06
CE1 IM3 F . 21.04 8.50 -15.96
CD1 IM3 F . 19.83 8.98 -15.44
PA FAD G . 13.42 -17.12 19.48
O1A FAD G . 12.56 -16.26 18.62
O2A FAD G . 13.49 -16.51 20.84
O5B FAD G . 12.93 -18.62 19.74
C5B FAD G . 11.63 -18.75 20.19
C4B FAD G . 11.22 -20.19 20.17
O4B FAD G . 11.68 -20.89 21.35
C3B FAD G . 9.74 -20.03 20.32
O3B FAD G . 9.25 -20.88 19.30
C2B FAD G . 9.45 -20.51 21.71
O2B FAD G . 8.11 -20.94 21.81
C1B FAD G . 10.52 -21.59 21.82
N9A FAD G . 10.67 -22.21 23.16
C8A FAD G . 11.35 -21.70 24.21
N7A FAD G . 11.25 -22.55 25.26
C5A FAD G . 10.50 -23.61 24.84
C6A FAD G . 10.07 -24.76 25.48
N6A FAD G . 10.41 -25.01 26.76
N1A FAD G . 9.31 -25.65 24.78
C2A FAD G . 8.97 -25.43 23.51
N3A FAD G . 9.37 -24.29 22.89
C4A FAD G . 10.14 -23.39 23.53
N1 FAD G . 18.31 -8.50 16.30
C2 FAD G . 19.01 -8.05 15.20
O2 FAD G . 19.92 -8.79 14.73
N3 FAD G . 18.77 -6.84 14.60
C4 FAD G . 17.79 -6.03 15.05
O4 FAD G . 17.51 -4.93 14.54
C4X FAD G . 17.03 -6.46 16.23
N5 FAD G . 16.05 -5.67 16.73
C5X FAD G . 15.35 -6.06 17.80
C6 FAD G . 14.38 -5.21 18.29
C7 FAD G . 13.63 -5.57 19.40
C7M FAD G . 12.57 -4.62 19.87
C8 FAD G . 13.86 -6.80 20.02
C8M FAD G . 13.06 -7.21 21.23
C9 FAD G . 14.85 -7.64 19.54
C9A FAD G . 15.61 -7.29 18.43
N10 FAD G . 16.58 -8.12 17.94
C10 FAD G . 17.32 -7.76 16.87
C1' FAD G . 16.79 -9.38 18.68
C2' FAD G . 16.97 -10.62 17.83
O2' FAD G . 15.88 -10.60 16.93
C3' FAD G . 16.91 -11.87 18.72
O3' FAD G . 18.06 -11.86 19.55
C4' FAD G . 16.85 -13.21 17.94
O4' FAD G . 15.54 -13.43 17.38
C5' FAD G . 17.24 -14.38 18.82
O5' FAD G . 16.83 -15.67 18.32
P FAD G . 15.88 -16.43 19.34
O1P FAD G . 16.57 -16.94 20.57
O2P FAD G . 14.85 -15.31 19.50
O3P FAD G . 14.88 -17.51 18.80
OXT IM3 H . 17.88 -4.57 19.34
C IM3 H . 17.74 -3.57 18.60
O IM3 H . 16.80 -2.77 18.79
CA IM3 H . 18.70 -3.37 17.51
N IM3 H . 19.48 -4.32 17.25
CB IM3 H . 18.84 -2.08 16.71
CG IM3 H . 19.96 -1.28 17.34
CD2 IM3 H . 21.29 -1.62 17.06
CE2 IM3 H . 22.34 -0.92 17.66
O14 IM3 H . 23.65 -1.25 17.40
CZ IM3 H . 22.00 0.21 18.59
OH IM3 H . 23.00 0.92 19.17
CE1 IM3 H . 20.66 0.53 18.84
CD1 IM3 H . 19.65 -0.22 18.22
PA FAD I . -9.46 -14.62 23.60
O1A FAD I . -8.85 -14.60 22.22
O2A FAD I . -9.70 -16.00 24.18
O5B FAD I . -8.54 -13.92 24.72
C5B FAD I . -7.68 -14.88 25.40
C4B FAD I . -6.79 -14.17 26.36
O4B FAD I . -7.05 -14.83 27.58
C3B FAD I . -5.40 -14.53 25.94
O3B FAD I . -4.56 -13.40 26.17
C2B FAD I . -5.02 -15.66 26.86
O2B FAD I . -3.61 -15.74 27.11
C1B FAD I . -5.79 -15.22 28.09
N9A FAD I . -5.84 -16.31 29.07
C8A FAD I . -6.50 -17.47 28.95
N7A FAD I . -6.26 -18.19 30.06
C5A FAD I . -5.46 -17.47 30.87
C6A FAD I . -4.88 -17.69 32.12
N6A FAD I . -5.13 -18.85 32.80
N1A FAD I . -4.08 -16.73 32.64
C2A FAD I . -3.84 -15.58 32.01
N3A FAD I . -4.39 -15.35 30.80
C4A FAD I . -5.19 -16.27 30.22
N1 FAD I . -15.62 -14.54 15.05
C2 FAD I . -16.47 -13.66 14.44
O2 FAD I . -17.37 -13.13 15.12
N3 FAD I . -16.36 -13.33 13.12
C4 FAD I . -15.42 -13.87 12.31
O4 FAD I . -15.37 -13.55 11.08
C4X FAD I . -14.45 -14.87 12.92
N5 FAD I . -13.48 -15.49 12.21
C5X FAD I . -12.66 -16.36 12.83
C6 FAD I . -11.64 -16.98 12.08
C7 FAD I . -10.78 -17.89 12.69
C7M FAD I . -9.70 -18.56 11.89
C8 FAD I . -10.93 -18.17 14.03
C8M FAD I . -10.01 -19.14 14.72
C9 FAD I . -11.93 -17.56 14.77
C9A FAD I . -12.81 -16.64 14.20
N10 FAD I . -13.78 -16.04 14.96
C10 FAD I . -14.62 -15.17 14.37
C1' FAD I . -13.93 -16.41 16.39
C2' FAD I . -13.75 -15.27 17.40
O2' FAD I . -12.56 -14.54 17.08
C3' FAD I . -13.60 -15.80 18.82
O3' FAD I . -14.87 -16.33 19.18
C4' FAD I . -13.29 -14.69 19.81
O4' FAD I . -11.99 -14.13 19.64
C5' FAD I . -13.46 -15.23 21.22
O5' FAD I . -13.05 -14.25 22.19
P FAD I . -11.95 -14.86 23.13
O1P FAD I . -12.62 -15.52 24.30
O2P FAD I . -11.07 -15.63 22.13
O3P FAD I . -10.89 -13.81 23.68
OXT IM3 J . -15.42 -18.26 12.18
C IM3 J . -15.36 -18.08 10.93
O IM3 J . -14.43 -18.59 10.25
CA IM3 J . -16.41 -17.26 10.30
N IM3 J . -17.16 -16.57 11.03
CB IM3 J . -16.65 -17.19 8.80
CG IM3 J . -17.67 -18.21 8.35
CD2 IM3 J . -18.99 -18.12 8.77
CE2 IM3 J . -19.93 -19.07 8.34
O14 IM3 J . -21.23 -18.96 8.77
CZ IM3 J . -19.48 -20.18 7.43
OH IM3 J . -20.36 -21.14 7.00
CE1 IM3 J . -18.15 -20.24 7.03
CD1 IM3 J . -17.26 -19.26 7.50
PA FAD K . -11.53 9.92 -25.14
O1A FAD K . -10.84 9.87 -23.80
O2A FAD K . -12.35 11.16 -25.36
O5B FAD K . -10.55 9.92 -26.40
C5B FAD K . -9.81 11.12 -26.53
C4B FAD K . -8.69 10.83 -27.48
O4B FAD K . -9.04 11.39 -28.76
C3B FAD K . -7.53 11.62 -26.91
O3B FAD K . -6.39 10.80 -27.08
C2B FAD K . -7.41 12.84 -27.77
O2B FAD K . -6.03 13.22 -27.77
C1B FAD K . -7.95 12.28 -29.10
N9A FAD K . -8.32 13.35 -30.04
C8A FAD K . -9.41 14.13 -29.99
N7A FAD K . -9.36 14.97 -31.04
C5A FAD K . -8.24 14.71 -31.75
C6A FAD K . -7.66 15.23 -32.89
N6A FAD K . -8.26 16.24 -33.56
N1A FAD K . -6.48 14.73 -33.34
C2A FAD K . -5.87 13.71 -32.71
N3A FAD K . -6.42 13.18 -31.59
C4A FAD K . -7.59 13.67 -31.09
N1 FAD K . -18.03 7.08 -17.37
C2 FAD K . -18.53 5.88 -16.92
O2 FAD K . -18.99 5.09 -17.81
N3 FAD K . -18.54 5.55 -15.58
C4 FAD K . -18.03 6.43 -14.66
O4 FAD K . -18.00 6.18 -13.45
C4X FAD K . -17.49 7.72 -15.11
N5 FAD K . -16.98 8.61 -14.24
C5X FAD K . -16.48 9.78 -14.72
C6 FAD K . -15.96 10.73 -13.84
C7 FAD K . -15.47 11.96 -14.34
C7M FAD K . -14.91 12.98 -13.38
C8 FAD K . -15.51 12.21 -15.72
C8M FAD K . -14.97 13.50 -16.31
C9 FAD K . -16.03 11.27 -16.59
C9A FAD K . -16.53 10.05 -16.10
N10 FAD K . -17.03 9.17 -16.99
C10 FAD K . -17.52 8.01 -16.54
C1' FAD K . -17.04 9.54 -18.42
C2' FAD K . -16.29 8.62 -19.37
O2' FAD K . -14.98 8.49 -18.82
C3' FAD K . -16.17 9.24 -20.75
O3' FAD K . -17.47 9.53 -21.22
C4' FAD K . -15.46 8.31 -21.73
O4' FAD K . -14.05 8.34 -21.54
C5' FAD K . -15.65 8.75 -23.15
O5' FAD K . -14.71 8.04 -23.95
P FAD K . -13.87 9.04 -24.86
O1P FAD K . -14.64 9.52 -26.06
O2P FAD K . -13.46 9.99 -23.73
O3P FAD K . -12.45 8.58 -25.40
OXT IM3 L . -19.90 10.99 -14.64
C IM3 L . -19.82 10.53 -13.47
O IM3 L . -19.30 11.18 -12.55
CA IM3 L . -20.37 9.18 -13.17
N IM3 L . -20.63 8.38 -14.13
CB IM3 L . -20.66 8.70 -11.77
CG IM3 L . -22.05 9.15 -11.41
CD2 IM3 L . -23.18 8.41 -11.77
CE2 IM3 L . -24.45 8.87 -11.43
O14 IM3 L . -25.57 8.17 -11.77
CZ IM3 L . -24.58 10.16 -10.68
OH IM3 L . -25.80 10.61 -10.34
CE1 IM3 L . -23.44 10.87 -10.34
CD1 IM3 L . -22.19 10.35 -10.70
#